data_2EG1
# 
_entry.id   2EG1 
# 
_audit_conform.dict_name       mmcif_pdbx.dic 
_audit_conform.dict_version    5.380 
_audit_conform.dict_location   http://mmcif.pdb.org/dictionaries/ascii/mmcif_pdbx.dic 
# 
loop_
_database_2.database_id 
_database_2.database_code 
_database_2.pdbx_database_accession 
_database_2.pdbx_DOI 
PDB   2EG1         pdb_00002eg1 10.2210/pdb2eg1/pdb 
RCSB  RCSB026619   ?            ?                   
WWPDB D_1000026619 ?            ?                   
# 
loop_
_pdbx_database_related.db_name 
_pdbx_database_related.db_id 
_pdbx_database_related.details 
_pdbx_database_related.content_type 
PDB      2EG2           . unspecified 
TargetDB aae001000109.1 . unspecified 
# 
_pdbx_database_status.status_code                     REL 
_pdbx_database_status.entry_id                        2EG1 
_pdbx_database_status.recvd_initial_deposition_date   2007-02-27 
_pdbx_database_status.deposit_site                    PDBJ 
_pdbx_database_status.process_site                    PDBJ 
_pdbx_database_status.status_code_sf                  REL 
_pdbx_database_status.status_code_mr                  ? 
_pdbx_database_status.SG_entry                        Y 
_pdbx_database_status.pdb_format_compatible           Y 
_pdbx_database_status.status_code_cs                  ? 
_pdbx_database_status.status_code_nmr_data            ? 
_pdbx_database_status.methods_development_category    ? 
# 
loop_
_audit_author.name 
_audit_author.pdbx_ordinal 
'Sakai, H.'                                              1 
'Shinkai, A.'                                            2 
'Kitamura, Y.'                                           3 
'Kuramitsu, S.'                                          4 
'Yokoyama, S.'                                           5 
'RIKEN Structural Genomics/Proteomics Initiative (RSGI)' 6 
# 
_citation.id                        primary 
_citation.title                     'The crystal structure of PII protein' 
_citation.journal_abbrev            'To be Published' 
_citation.journal_volume            ? 
_citation.page_first                ? 
_citation.page_last                 ? 
_citation.year                      ? 
_citation.journal_id_ASTM           ? 
_citation.country                   ? 
_citation.journal_id_ISSN           ? 
_citation.journal_id_CSD            0353 
_citation.book_publisher            ? 
_citation.pdbx_database_id_PubMed   ? 
_citation.pdbx_database_id_DOI      ? 
# 
loop_
_citation_author.citation_id 
_citation_author.name 
_citation_author.ordinal 
_citation_author.identifier_ORCID 
primary 'Sakai, H.'     1 ? 
primary 'Shinkai, A.'   2 ? 
primary 'Kitamura, Y.'  3 ? 
primary 'Kuramitsu, S.' 4 ? 
primary 'Yokoyama, S.'  5 ? 
# 
_cell.entry_id           2EG1 
_cell.length_a           81.04 
_cell.length_b           81.04 
_cell.length_c           81.04 
_cell.angle_alpha        90 
_cell.angle_beta         90 
_cell.angle_gamma        90 
_cell.pdbx_unique_axis   ? 
_cell.Z_PDB              24 
_cell.length_a_esd       ? 
_cell.length_b_esd       ? 
_cell.length_c_esd       ? 
_cell.angle_alpha_esd    ? 
_cell.angle_beta_esd     ? 
_cell.angle_gamma_esd    ? 
# 
_symmetry.entry_id                         2EG1 
_symmetry.space_group_name_H-M             'I 2 3' 
_symmetry.pdbx_full_space_group_name_H-M   ? 
_symmetry.Int_Tables_number                197 
_symmetry.cell_setting                     ? 
_symmetry.space_group_name_Hall            ? 
# 
loop_
_entity.id 
_entity.type 
_entity.src_method 
_entity.pdbx_description 
_entity.formula_weight 
_entity.pdbx_number_of_molecules 
_entity.pdbx_ec 
_entity.pdbx_mutation 
_entity.pdbx_fragment 
_entity.details 
1 polymer     man 'Nitrogen regulatory protein P-II' 12515.567 1  ? ? ? ? 
2 non-polymer syn 'SULFATE ION'                      96.063    2  ? ? ? ? 
3 non-polymer syn 'CHLORIDE ION'                     35.453    1  ? ? ? ? 
4 water       nat water                              18.015    82 ? ? ? ? 
# 
_entity_poly.entity_id                      1 
_entity_poly.type                           'polypeptide(L)' 
_entity_poly.nstd_linkage                   no 
_entity_poly.nstd_monomer                   no 
_entity_poly.pdbx_seq_one_letter_code       
;MKKIEAIIKPFKLDEVKDALVEIGIGGMTVTEVKGFGQQKGHTEIYRGTEYVIDFLPKVKIEVVVRDEDVEKVVETIVKT
AQTGRVGDGKIFIIPVEDVIRIRTGERGEQAI
;
_entity_poly.pdbx_seq_one_letter_code_can   
;MKKIEAIIKPFKLDEVKDALVEIGIGGMTVTEVKGFGQQKGHTEIYRGTEYVIDFLPKVKIEVVVRDEDVEKVVETIVKT
AQTGRVGDGKIFIIPVEDVIRIRTGERGEQAI
;
_entity_poly.pdbx_strand_id                 A 
_entity_poly.pdbx_target_identifier         aae001000109.1 
# 
loop_
_entity_poly_seq.entity_id 
_entity_poly_seq.num 
_entity_poly_seq.mon_id 
_entity_poly_seq.hetero 
1 1   MET n 
1 2   LYS n 
1 3   LYS n 
1 4   ILE n 
1 5   GLU n 
1 6   ALA n 
1 7   ILE n 
1 8   ILE n 
1 9   LYS n 
1 10  PRO n 
1 11  PHE n 
1 12  LYS n 
1 13  LEU n 
1 14  ASP n 
1 15  GLU n 
1 16  VAL n 
1 17  LYS n 
1 18  ASP n 
1 19  ALA n 
1 20  LEU n 
1 21  VAL n 
1 22  GLU n 
1 23  ILE n 
1 24  GLY n 
1 25  ILE n 
1 26  GLY n 
1 27  GLY n 
1 28  MET n 
1 29  THR n 
1 30  VAL n 
1 31  THR n 
1 32  GLU n 
1 33  VAL n 
1 34  LYS n 
1 35  GLY n 
1 36  PHE n 
1 37  GLY n 
1 38  GLN n 
1 39  GLN n 
1 40  LYS n 
1 41  GLY n 
1 42  HIS n 
1 43  THR n 
1 44  GLU n 
1 45  ILE n 
1 46  TYR n 
1 47  ARG n 
1 48  GLY n 
1 49  THR n 
1 50  GLU n 
1 51  TYR n 
1 52  VAL n 
1 53  ILE n 
1 54  ASP n 
1 55  PHE n 
1 56  LEU n 
1 57  PRO n 
1 58  LYS n 
1 59  VAL n 
1 60  LYS n 
1 61  ILE n 
1 62  GLU n 
1 63  VAL n 
1 64  VAL n 
1 65  VAL n 
1 66  ARG n 
1 67  ASP n 
1 68  GLU n 
1 69  ASP n 
1 70  VAL n 
1 71  GLU n 
1 72  LYS n 
1 73  VAL n 
1 74  VAL n 
1 75  GLU n 
1 76  THR n 
1 77  ILE n 
1 78  VAL n 
1 79  LYS n 
1 80  THR n 
1 81  ALA n 
1 82  GLN n 
1 83  THR n 
1 84  GLY n 
1 85  ARG n 
1 86  VAL n 
1 87  GLY n 
1 88  ASP n 
1 89  GLY n 
1 90  LYS n 
1 91  ILE n 
1 92  PHE n 
1 93  ILE n 
1 94  ILE n 
1 95  PRO n 
1 96  VAL n 
1 97  GLU n 
1 98  ASP n 
1 99  VAL n 
1 100 ILE n 
1 101 ARG n 
1 102 ILE n 
1 103 ARG n 
1 104 THR n 
1 105 GLY n 
1 106 GLU n 
1 107 ARG n 
1 108 GLY n 
1 109 GLU n 
1 110 GLN n 
1 111 ALA n 
1 112 ILE n 
# 
_entity_src_gen.entity_id                          1 
_entity_src_gen.pdbx_src_id                        1 
_entity_src_gen.pdbx_alt_source_flag               sample 
_entity_src_gen.pdbx_seq_type                      ? 
_entity_src_gen.pdbx_beg_seq_num                   ? 
_entity_src_gen.pdbx_end_seq_num                   ? 
_entity_src_gen.gene_src_common_name               ? 
_entity_src_gen.gene_src_genus                     Aquifex 
_entity_src_gen.pdbx_gene_src_gene                 glnB 
_entity_src_gen.gene_src_species                   ? 
_entity_src_gen.gene_src_strain                    ? 
_entity_src_gen.gene_src_tissue                    ? 
_entity_src_gen.gene_src_tissue_fraction           ? 
_entity_src_gen.gene_src_details                   ? 
_entity_src_gen.pdbx_gene_src_fragment             ? 
_entity_src_gen.pdbx_gene_src_scientific_name      'Aquifex aeolicus' 
_entity_src_gen.pdbx_gene_src_ncbi_taxonomy_id     63363 
_entity_src_gen.pdbx_gene_src_variant              ? 
_entity_src_gen.pdbx_gene_src_cell_line            ? 
_entity_src_gen.pdbx_gene_src_atcc                 ? 
_entity_src_gen.pdbx_gene_src_organ                ? 
_entity_src_gen.pdbx_gene_src_organelle            ? 
_entity_src_gen.pdbx_gene_src_cell                 ? 
_entity_src_gen.pdbx_gene_src_cellular_location    ? 
_entity_src_gen.host_org_common_name               ? 
_entity_src_gen.pdbx_host_org_scientific_name      'Escherichia coli' 
_entity_src_gen.pdbx_host_org_ncbi_taxonomy_id     562 
_entity_src_gen.host_org_genus                     Escherichia 
_entity_src_gen.pdbx_host_org_gene                 ? 
_entity_src_gen.pdbx_host_org_organ                ? 
_entity_src_gen.host_org_species                   ? 
_entity_src_gen.pdbx_host_org_tissue               ? 
_entity_src_gen.pdbx_host_org_tissue_fraction      ? 
_entity_src_gen.pdbx_host_org_strain               'BL21-CodonPlus(DE3)-RIL' 
_entity_src_gen.pdbx_host_org_variant              ? 
_entity_src_gen.pdbx_host_org_cell_line            ? 
_entity_src_gen.pdbx_host_org_atcc                 ? 
_entity_src_gen.pdbx_host_org_culture_collection   ? 
_entity_src_gen.pdbx_host_org_cell                 ? 
_entity_src_gen.pdbx_host_org_organelle            ? 
_entity_src_gen.pdbx_host_org_cellular_location    ? 
_entity_src_gen.pdbx_host_org_vector_type          plasmid 
_entity_src_gen.pdbx_host_org_vector               ? 
_entity_src_gen.host_org_details                   ? 
_entity_src_gen.expression_system_id               ? 
_entity_src_gen.plasmid_name                       pET-21a 
_entity_src_gen.plasmid_details                    ? 
_entity_src_gen.pdbx_description                   ? 
# 
_struct_ref.id                         1 
_struct_ref.db_name                    UNP 
_struct_ref.db_code                    GLNB_AQUAE 
_struct_ref.pdbx_db_accession          O66513 
_struct_ref.entity_id                  1 
_struct_ref.pdbx_seq_one_letter_code   
;MKKIEAIIKPFKLDEVKDALVEIGIGGMTVTEVKGFGQQKGHTEIYRGTEYVIDFLPKVKIEVVVRDEDVEKVVETIVKT
AQTGRVGDGKIFIIPVEDVIRIRTGERGEQAI
;
_struct_ref.pdbx_align_begin           1 
_struct_ref.pdbx_db_isoform            ? 
# 
_struct_ref_seq.align_id                      1 
_struct_ref_seq.ref_id                        1 
_struct_ref_seq.pdbx_PDB_id_code              2EG1 
_struct_ref_seq.pdbx_strand_id                A 
_struct_ref_seq.seq_align_beg                 1 
_struct_ref_seq.pdbx_seq_align_beg_ins_code   ? 
_struct_ref_seq.seq_align_end                 112 
_struct_ref_seq.pdbx_seq_align_end_ins_code   ? 
_struct_ref_seq.pdbx_db_accession             O66513 
_struct_ref_seq.db_align_beg                  1 
_struct_ref_seq.pdbx_db_align_beg_ins_code    ? 
_struct_ref_seq.db_align_end                  112 
_struct_ref_seq.pdbx_db_align_end_ins_code    ? 
_struct_ref_seq.pdbx_auth_seq_align_beg       1 
_struct_ref_seq.pdbx_auth_seq_align_end       112 
# 
loop_
_chem_comp.id 
_chem_comp.type 
_chem_comp.mon_nstd_flag 
_chem_comp.name 
_chem_comp.pdbx_synonyms 
_chem_comp.formula 
_chem_comp.formula_weight 
ALA 'L-peptide linking' y ALANINE         ? 'C3 H7 N O2'     89.093  
ARG 'L-peptide linking' y ARGININE        ? 'C6 H15 N4 O2 1' 175.209 
ASP 'L-peptide linking' y 'ASPARTIC ACID' ? 'C4 H7 N O4'     133.103 
CL  non-polymer         . 'CHLORIDE ION'  ? 'Cl -1'          35.453  
GLN 'L-peptide linking' y GLUTAMINE       ? 'C5 H10 N2 O3'   146.144 
GLU 'L-peptide linking' y 'GLUTAMIC ACID' ? 'C5 H9 N O4'     147.129 
GLY 'peptide linking'   y GLYCINE         ? 'C2 H5 N O2'     75.067  
HIS 'L-peptide linking' y HISTIDINE       ? 'C6 H10 N3 O2 1' 156.162 
HOH non-polymer         . WATER           ? 'H2 O'           18.015  
ILE 'L-peptide linking' y ISOLEUCINE      ? 'C6 H13 N O2'    131.173 
LEU 'L-peptide linking' y LEUCINE         ? 'C6 H13 N O2'    131.173 
LYS 'L-peptide linking' y LYSINE          ? 'C6 H15 N2 O2 1' 147.195 
MET 'L-peptide linking' y METHIONINE      ? 'C5 H11 N O2 S'  149.211 
PHE 'L-peptide linking' y PHENYLALANINE   ? 'C9 H11 N O2'    165.189 
PRO 'L-peptide linking' y PROLINE         ? 'C5 H9 N O2'     115.130 
SO4 non-polymer         . 'SULFATE ION'   ? 'O4 S -2'        96.063  
THR 'L-peptide linking' y THREONINE       ? 'C4 H9 N O3'     119.119 
TYR 'L-peptide linking' y TYROSINE        ? 'C9 H11 N O3'    181.189 
VAL 'L-peptide linking' y VALINE          ? 'C5 H11 N O2'    117.146 
# 
_exptl.entry_id          2EG1 
_exptl.method            'X-RAY DIFFRACTION' 
_exptl.crystals_number   1 
# 
_exptl_crystal.id                    1 
_exptl_crystal.density_meas          ? 
_exptl_crystal.density_Matthews      1.77 
_exptl_crystal.density_percent_sol   30.56 
_exptl_crystal.description           ? 
_exptl_crystal.F_000                 ? 
_exptl_crystal.preparation           ? 
# 
_exptl_crystal_grow.crystal_id      1 
_exptl_crystal_grow.method          ? 
_exptl_crystal_grow.temp            291 
_exptl_crystal_grow.temp_details    ? 
_exptl_crystal_grow.pH              5.3 
_exptl_crystal_grow.pdbx_details    'Citrate, Ammonium sulfate , pH5.3, microbatch method , temperature 291K' 
_exptl_crystal_grow.pdbx_pH_range   . 
# 
_diffrn.id                     1 
_diffrn.ambient_temp           100 
_diffrn.ambient_temp_details   ? 
_diffrn.crystal_id             1 
# 
_diffrn_detector.diffrn_id              1 
_diffrn_detector.detector               CCD 
_diffrn_detector.type                   'RIGAKU JUPITER 210' 
_diffrn_detector.pdbx_collection_date   2006-09-29 
_diffrn_detector.details                MONOCHROMATOR 
# 
_diffrn_radiation.diffrn_id                        1 
_diffrn_radiation.wavelength_id                    1 
_diffrn_radiation.pdbx_monochromatic_or_laue_m_l   M 
_diffrn_radiation.monochromator                    ? 
_diffrn_radiation.pdbx_diffrn_protocol             'SINGLE WAVELENGTH' 
_diffrn_radiation.pdbx_scattering_type             x-ray 
# 
_diffrn_radiation_wavelength.id           1 
_diffrn_radiation_wavelength.wavelength   1.0 
_diffrn_radiation_wavelength.wt           1.0 
# 
_diffrn_source.diffrn_id                   1 
_diffrn_source.source                      SYNCHROTRON 
_diffrn_source.type                        'SPRING-8 BEAMLINE BL26B2' 
_diffrn_source.pdbx_synchrotron_site       SPring-8 
_diffrn_source.pdbx_synchrotron_beamline   BL26B2 
_diffrn_source.pdbx_wavelength             ? 
_diffrn_source.pdbx_wavelength_list        1.0 
# 
_reflns.entry_id                     2EG1 
_reflns.observed_criterion_sigma_I   -3 
_reflns.observed_criterion_sigma_F   0 
_reflns.d_resolution_low             50 
_reflns.d_resolution_high            1.8 
_reflns.number_obs                   8368 
_reflns.number_all                   ? 
_reflns.percent_possible_obs         99.9 
_reflns.pdbx_Rmerge_I_obs            0.039 
_reflns.pdbx_Rsym_value              0.039 
_reflns.pdbx_netI_over_sigmaI        81.25 
_reflns.B_iso_Wilson_estimate        15.0 
_reflns.pdbx_redundancy              21.2 
_reflns.R_free_details               ? 
_reflns.limit_h_max                  ? 
_reflns.limit_h_min                  ? 
_reflns.limit_k_max                  ? 
_reflns.limit_k_min                  ? 
_reflns.limit_l_max                  ? 
_reflns.limit_l_min                  ? 
_reflns.observed_criterion_F_max     ? 
_reflns.observed_criterion_F_min     ? 
_reflns.pdbx_chi_squared             ? 
_reflns.pdbx_scaling_rejects         ? 
_reflns.pdbx_ordinal                 1 
_reflns.pdbx_diffrn_id               1 
# 
_reflns_shell.d_res_high             1.8 
_reflns_shell.d_res_low              1.86 
_reflns_shell.percent_possible_all   100 
_reflns_shell.Rmerge_I_obs           0.232 
_reflns_shell.pdbx_Rsym_value        0.232 
_reflns_shell.meanI_over_sigI_obs    14.91 
_reflns_shell.pdbx_redundancy        21.8 
_reflns_shell.percent_possible_obs   ? 
_reflns_shell.number_unique_all      812 
_reflns_shell.number_measured_all    ? 
_reflns_shell.number_measured_obs    ? 
_reflns_shell.number_unique_obs      ? 
_reflns_shell.pdbx_chi_squared       ? 
_reflns_shell.pdbx_ordinal           1 
_reflns_shell.pdbx_diffrn_id         1 
# 
_refine.entry_id                                 2EG1 
_refine.ls_number_reflns_obs                     8258 
_refine.ls_number_reflns_all                     ? 
_refine.pdbx_ls_sigma_I                          ? 
_refine.pdbx_ls_sigma_F                          0.0 
_refine.pdbx_data_cutoff_high_absF               817066.30 
_refine.pdbx_data_cutoff_low_absF                0.000000 
_refine.pdbx_data_cutoff_high_rms_absF           ? 
_refine.ls_d_res_low                             40.52 
_refine.ls_d_res_high                            1.80 
_refine.ls_percent_reflns_obs                    98.6 
_refine.ls_R_factor_obs                          0.185 
_refine.ls_R_factor_all                          ? 
_refine.ls_R_factor_R_work                       0.185 
_refine.ls_R_factor_R_free                       0.223 
_refine.ls_R_factor_R_free_error                 0.011 
_refine.ls_R_factor_R_free_error_details         ? 
_refine.ls_percent_reflns_R_free                 5.5 
_refine.ls_number_reflns_R_free                  451 
_refine.ls_number_parameters                     ? 
_refine.ls_number_restraints                     ? 
_refine.occupancy_min                            ? 
_refine.occupancy_max                            ? 
_refine.correlation_coeff_Fo_to_Fc               ? 
_refine.correlation_coeff_Fo_to_Fc_free          ? 
_refine.B_iso_mean                               25.5 
_refine.aniso_B[1][1]                            0.00 
_refine.aniso_B[2][2]                            0.00 
_refine.aniso_B[3][3]                            0.00 
_refine.aniso_B[1][2]                            0.00 
_refine.aniso_B[1][3]                            0.00 
_refine.aniso_B[2][3]                            0.00 
_refine.solvent_model_details                    'FLAT MODEL' 
_refine.solvent_model_param_ksol                 0.366011 
_refine.solvent_model_param_bsol                 70.4117 
_refine.pdbx_solvent_vdw_probe_radii             ? 
_refine.pdbx_solvent_ion_probe_radii             ? 
_refine.pdbx_solvent_shrinkage_radii             ? 
_refine.pdbx_ls_cross_valid_method               THROUGHOUT 
_refine.details                                  ? 
_refine.pdbx_starting_model                      'PDB ENTRY 2GW8' 
_refine.pdbx_method_to_determine_struct          'MOLECULAR REPLACEMENT' 
_refine.pdbx_isotropic_thermal_model             RESTRAINED 
_refine.pdbx_stereochemistry_target_values       'Engh & Huber' 
_refine.pdbx_stereochem_target_val_spec_case     ? 
_refine.pdbx_R_Free_selection_details            RANDOM 
_refine.pdbx_overall_ESU_R                       ? 
_refine.pdbx_overall_ESU_R_Free                  ? 
_refine.overall_SU_ML                            ? 
_refine.overall_SU_B                             ? 
_refine.ls_redundancy_reflns_obs                 ? 
_refine.B_iso_min                                ? 
_refine.B_iso_max                                ? 
_refine.overall_SU_R_Cruickshank_DPI             ? 
_refine.overall_SU_R_free                        ? 
_refine.ls_wR_factor_R_free                      ? 
_refine.ls_wR_factor_R_work                      ? 
_refine.overall_FOM_free_R_set                   ? 
_refine.overall_FOM_work_R_set                   ? 
_refine.pdbx_overall_phase_error                 ? 
_refine.pdbx_refine_id                           'X-RAY DIFFRACTION' 
_refine.pdbx_diffrn_id                           1 
_refine.pdbx_TLS_residual_ADP_flag               ? 
_refine.pdbx_overall_SU_R_free_Cruickshank_DPI   ? 
_refine.pdbx_overall_SU_R_Blow_DPI               ? 
_refine.pdbx_overall_SU_R_free_Blow_DPI          ? 
# 
_refine_analyze.entry_id                        2EG1 
_refine_analyze.Luzzati_coordinate_error_obs    0.17 
_refine_analyze.Luzzati_sigma_a_obs             0.05 
_refine_analyze.Luzzati_d_res_low_obs           5.00 
_refine_analyze.Luzzati_coordinate_error_free   0.21 
_refine_analyze.Luzzati_sigma_a_free            0.11 
_refine_analyze.Luzzati_d_res_low_free          ? 
_refine_analyze.number_disordered_residues      ? 
_refine_analyze.occupancy_sum_hydrogen          ? 
_refine_analyze.occupancy_sum_non_hydrogen      ? 
_refine_analyze.pdbx_Luzzati_d_res_high_obs     ? 
_refine_analyze.pdbx_refine_id                  'X-RAY DIFFRACTION' 
# 
_refine_hist.pdbx_refine_id                   'X-RAY DIFFRACTION' 
_refine_hist.cycle_id                         LAST 
_refine_hist.pdbx_number_atoms_protein        740 
_refine_hist.pdbx_number_atoms_nucleic_acid   0 
_refine_hist.pdbx_number_atoms_ligand         11 
_refine_hist.number_atoms_solvent             82 
_refine_hist.number_atoms_total               833 
_refine_hist.d_res_high                       1.80 
_refine_hist.d_res_low                        40.52 
# 
loop_
_refine_ls_restr.type 
_refine_ls_restr.dev_ideal 
_refine_ls_restr.dev_ideal_target 
_refine_ls_restr.weight 
_refine_ls_restr.number 
_refine_ls_restr.pdbx_refine_id 
_refine_ls_restr.pdbx_restraint_function 
c_bond_d                0.009 ?    ? ? 'X-RAY DIFFRACTION' ? 
c_bond_d_na             ?     ?    ? ? 'X-RAY DIFFRACTION' ? 
c_bond_d_prot           ?     ?    ? ? 'X-RAY DIFFRACTION' ? 
c_angle_d               ?     ?    ? ? 'X-RAY DIFFRACTION' ? 
c_angle_d_na            ?     ?    ? ? 'X-RAY DIFFRACTION' ? 
c_angle_d_prot          ?     ?    ? ? 'X-RAY DIFFRACTION' ? 
c_angle_deg             1.5   ?    ? ? 'X-RAY DIFFRACTION' ? 
c_angle_deg_na          ?     ?    ? ? 'X-RAY DIFFRACTION' ? 
c_angle_deg_prot        ?     ?    ? ? 'X-RAY DIFFRACTION' ? 
c_dihedral_angle_d      24.6  ?    ? ? 'X-RAY DIFFRACTION' ? 
c_dihedral_angle_d_na   ?     ?    ? ? 'X-RAY DIFFRACTION' ? 
c_dihedral_angle_d_prot ?     ?    ? ? 'X-RAY DIFFRACTION' ? 
c_improper_angle_d      0.80  ?    ? ? 'X-RAY DIFFRACTION' ? 
c_improper_angle_d_na   ?     ?    ? ? 'X-RAY DIFFRACTION' ? 
c_improper_angle_d_prot ?     ?    ? ? 'X-RAY DIFFRACTION' ? 
c_mcbond_it             1.98  1.50 ? ? 'X-RAY DIFFRACTION' ? 
c_mcangle_it            2.89  2.00 ? ? 'X-RAY DIFFRACTION' ? 
c_scbond_it             3.50  2.00 ? ? 'X-RAY DIFFRACTION' ? 
c_scangle_it            4.99  2.50 ? ? 'X-RAY DIFFRACTION' ? 
# 
_refine_ls_shell.pdbx_total_number_of_bins_used   6 
_refine_ls_shell.d_res_high                       1.80 
_refine_ls_shell.d_res_low                        1.91 
_refine_ls_shell.number_reflns_R_work             1261 
_refine_ls_shell.R_factor_R_work                  0.196 
_refine_ls_shell.percent_reflns_obs               96.0 
_refine_ls_shell.R_factor_R_free                  0.282 
_refine_ls_shell.R_factor_R_free_error            0.038 
_refine_ls_shell.percent_reflns_R_free            4.3 
_refine_ls_shell.number_reflns_R_free             56 
_refine_ls_shell.number_reflns_all                ? 
_refine_ls_shell.R_factor_all                     ? 
_refine_ls_shell.number_reflns_obs                ? 
_refine_ls_shell.redundancy_reflns_obs            ? 
_refine_ls_shell.pdbx_refine_id                   'X-RAY DIFFRACTION' 
# 
loop_
_pdbx_xplor_file.serial_no 
_pdbx_xplor_file.param_file 
_pdbx_xplor_file.topol_file 
_pdbx_xplor_file.pdbx_refine_id 
1 protein_rep.param protein.top 'X-RAY DIFFRACTION' 
2 ion.param         ion.top     'X-RAY DIFFRACTION' 
3 water_rep.param   water.top   'X-RAY DIFFRACTION' 
4 SO4.PAR           SO4.TOP     'X-RAY DIFFRACTION' 
# 
_struct.entry_id                  2EG1 
_struct.title                     'The crystal structure of PII protein' 
_struct.pdbx_model_details        ? 
_struct.pdbx_CASP_flag            ? 
_struct.pdbx_model_type_details   ? 
# 
_struct_keywords.entry_id        2EG1 
_struct_keywords.pdbx_keywords   'SIGNALING PROTEIN' 
_struct_keywords.text            
;Nitrogen regulatory protein, Structural Genomics, NPPSFA, National Project on Protein Structural and Functional Analyses, RIKEN Structural Genomics/Proteomics Initiative, RSGI, SIGNALING PROTEIN
;
# 
loop_
_struct_asym.id 
_struct_asym.pdbx_blank_PDB_chainid_flag 
_struct_asym.pdbx_modified 
_struct_asym.entity_id 
_struct_asym.details 
A N N 1 ? 
B N N 2 ? 
C N N 2 ? 
D N N 3 ? 
E N N 4 ? 
# 
_struct_biol.id        1 
_struct_biol.details   ? 
# 
loop_
_struct_conf.conf_type_id 
_struct_conf.id 
_struct_conf.pdbx_PDB_helix_id 
_struct_conf.beg_label_comp_id 
_struct_conf.beg_label_asym_id 
_struct_conf.beg_label_seq_id 
_struct_conf.pdbx_beg_PDB_ins_code 
_struct_conf.end_label_comp_id 
_struct_conf.end_label_asym_id 
_struct_conf.end_label_seq_id 
_struct_conf.pdbx_end_PDB_ins_code 
_struct_conf.beg_auth_comp_id 
_struct_conf.beg_auth_asym_id 
_struct_conf.beg_auth_seq_id 
_struct_conf.end_auth_comp_id 
_struct_conf.end_auth_asym_id 
_struct_conf.end_auth_seq_id 
_struct_conf.pdbx_PDB_helix_class 
_struct_conf.details 
_struct_conf.pdbx_PDB_helix_length 
HELX_P HELX_P1 1 LYS A 9   ? PHE A 11  ? LYS A 9   PHE A 11  5 ? 3  
HELX_P HELX_P2 2 LYS A 12  ? ILE A 23  ? LYS A 12  ILE A 23  1 ? 12 
HELX_P HELX_P3 3 ARG A 66  ? GLU A 68  ? ARG A 66  GLU A 68  5 ? 3  
HELX_P HELX_P4 4 ASP A 69  ? GLN A 82  ? ASP A 69  GLN A 82  1 ? 14 
HELX_P HELX_P5 5 ARG A 107 ? ALA A 111 ? ARG A 107 ALA A 111 5 ? 5  
# 
_struct_conf_type.id          HELX_P 
_struct_conf_type.criteria    ? 
_struct_conf_type.reference   ? 
# 
_struct_sheet.id               A 
_struct_sheet.type             ? 
_struct_sheet.number_strands   4 
_struct_sheet.details          ? 
# 
loop_
_struct_sheet_order.sheet_id 
_struct_sheet_order.range_id_1 
_struct_sheet_order.range_id_2 
_struct_sheet_order.offset 
_struct_sheet_order.sense 
A 1 2 ? anti-parallel 
A 2 3 ? anti-parallel 
A 3 4 ? anti-parallel 
# 
loop_
_struct_sheet_range.sheet_id 
_struct_sheet_range.id 
_struct_sheet_range.beg_label_comp_id 
_struct_sheet_range.beg_label_asym_id 
_struct_sheet_range.beg_label_seq_id 
_struct_sheet_range.pdbx_beg_PDB_ins_code 
_struct_sheet_range.end_label_comp_id 
_struct_sheet_range.end_label_asym_id 
_struct_sheet_range.end_label_seq_id 
_struct_sheet_range.pdbx_end_PDB_ins_code 
_struct_sheet_range.beg_auth_comp_id 
_struct_sheet_range.beg_auth_asym_id 
_struct_sheet_range.beg_auth_seq_id 
_struct_sheet_range.end_auth_comp_id 
_struct_sheet_range.end_auth_asym_id 
_struct_sheet_range.end_auth_seq_id 
A 1 THR A 29 ? GLY A 35 ? THR A 29 GLY A 35 
A 2 LEU A 56 ? VAL A 65 ? LEU A 56 VAL A 65 
A 3 LYS A 2  ? ILE A 8  ? LYS A 2  ILE A 8  
A 4 LYS A 90 ? PRO A 95 ? LYS A 90 PRO A 95 
# 
loop_
_pdbx_struct_sheet_hbond.sheet_id 
_pdbx_struct_sheet_hbond.range_id_1 
_pdbx_struct_sheet_hbond.range_id_2 
_pdbx_struct_sheet_hbond.range_1_label_atom_id 
_pdbx_struct_sheet_hbond.range_1_label_comp_id 
_pdbx_struct_sheet_hbond.range_1_label_asym_id 
_pdbx_struct_sheet_hbond.range_1_label_seq_id 
_pdbx_struct_sheet_hbond.range_1_PDB_ins_code 
_pdbx_struct_sheet_hbond.range_1_auth_atom_id 
_pdbx_struct_sheet_hbond.range_1_auth_comp_id 
_pdbx_struct_sheet_hbond.range_1_auth_asym_id 
_pdbx_struct_sheet_hbond.range_1_auth_seq_id 
_pdbx_struct_sheet_hbond.range_2_label_atom_id 
_pdbx_struct_sheet_hbond.range_2_label_comp_id 
_pdbx_struct_sheet_hbond.range_2_label_asym_id 
_pdbx_struct_sheet_hbond.range_2_label_seq_id 
_pdbx_struct_sheet_hbond.range_2_PDB_ins_code 
_pdbx_struct_sheet_hbond.range_2_auth_atom_id 
_pdbx_struct_sheet_hbond.range_2_auth_comp_id 
_pdbx_struct_sheet_hbond.range_2_auth_asym_id 
_pdbx_struct_sheet_hbond.range_2_auth_seq_id 
A 1 2 N THR A 31 ? N THR A 31 O LYS A 60 ? O LYS A 60 
A 2 3 O VAL A 59 ? O VAL A 59 N ILE A 8  ? N ILE A 8  
A 3 4 N LYS A 3  ? N LYS A 3  O ILE A 94 ? O ILE A 94 
# 
loop_
_struct_site.id 
_struct_site.pdbx_evidence_code 
_struct_site.pdbx_auth_asym_id 
_struct_site.pdbx_auth_comp_id 
_struct_site.pdbx_auth_seq_id 
_struct_site.pdbx_auth_ins_code 
_struct_site.pdbx_num_residues 
_struct_site.details 
AC1 Software A SO4 501 ? 3 'BINDING SITE FOR RESIDUE SO4 A 501' 
AC2 Software A SO4 502 ? 7 'BINDING SITE FOR RESIDUE SO4 A 502' 
AC3 Software A CL  601 ? 1 'BINDING SITE FOR RESIDUE CL A 601'  
# 
loop_
_struct_site_gen.id 
_struct_site_gen.site_id 
_struct_site_gen.pdbx_num_res 
_struct_site_gen.label_comp_id 
_struct_site_gen.label_asym_id 
_struct_site_gen.label_seq_id 
_struct_site_gen.pdbx_auth_ins_code 
_struct_site_gen.auth_comp_id 
_struct_site_gen.auth_asym_id 
_struct_site_gen.auth_seq_id 
_struct_site_gen.label_atom_id 
_struct_site_gen.label_alt_id 
_struct_site_gen.symmetry 
_struct_site_gen.details 
1  AC1 3 LYS A 3   ? LYS A 3   . ? 9_555 ? 
2  AC1 3 GLU A 5   ? GLU A 5   . ? 5_555 ? 
3  AC1 3 LYS A 60  ? LYS A 60  . ? 9_555 ? 
4  AC2 7 GLY A 87  ? GLY A 87  . ? 5_555 ? 
5  AC2 7 ASP A 88  ? ASP A 88  . ? 5_555 ? 
6  AC2 7 LYS A 90  ? LYS A 90  . ? 5_555 ? 
7  AC2 7 ARG A 101 ? ARG A 101 . ? 1_555 ? 
8  AC2 7 ARG A 103 ? ARG A 103 . ? 1_555 ? 
9  AC2 7 HOH E .   ? HOH A 603 . ? 5_555 ? 
10 AC2 7 HOH E .   ? HOH A 627 . ? 1_555 ? 
11 AC3 1 LYS A 3   ? LYS A 3   . ? 9_555 ? 
# 
_atom_sites.entry_id                    2EG1 
_atom_sites.fract_transf_matrix[1][1]   0.00340391 
_atom_sites.fract_transf_matrix[1][2]   0.00920950 
_atom_sites.fract_transf_matrix[1][3]   0.00747489 
_atom_sites.fract_transf_matrix[2][1]   -0.01123920 
_atom_sites.fract_transf_matrix[2][2]   0.00498962 
_atom_sites.fract_transf_matrix[2][3]   -0.00102941 
_atom_sites.fract_transf_matrix[3][1]   -0.00379070 
_atom_sites.fract_transf_matrix[3][2]   -0.00652413 
_atom_sites.fract_transf_matrix[3][3]   0.00976432 
_atom_sites.fract_transf_vector[1]      0.073549 
_atom_sites.fract_transf_vector[2]      0.270784 
_atom_sites.fract_transf_vector[3]      0.183661 
# 
loop_
_atom_type.symbol 
C  
CL 
N  
O  
S  
# 
loop_
_atom_site.group_PDB 
_atom_site.id 
_atom_site.type_symbol 
_atom_site.label_atom_id 
_atom_site.label_alt_id 
_atom_site.label_comp_id 
_atom_site.label_asym_id 
_atom_site.label_entity_id 
_atom_site.label_seq_id 
_atom_site.pdbx_PDB_ins_code 
_atom_site.Cartn_x 
_atom_site.Cartn_y 
_atom_site.Cartn_z 
_atom_site.occupancy 
_atom_site.B_iso_or_equiv 
_atom_site.pdbx_formal_charge 
_atom_site.auth_seq_id 
_atom_site.auth_comp_id 
_atom_site.auth_asym_id 
_atom_site.auth_atom_id 
_atom_site.pdbx_PDB_model_num 
ATOM   1   N  N   . MET A 1 1   ? 9.858   -9.410  -5.704  1.00 18.19 ? 1   MET A N   1 
ATOM   2   C  CA  . MET A 1 1   ? 8.833   -8.752  -4.823  1.00 20.89 ? 1   MET A CA  1 
ATOM   3   C  C   . MET A 1 1   ? 9.087   -7.244  -4.760  1.00 18.90 ? 1   MET A C   1 
ATOM   4   O  O   . MET A 1 1   ? 10.225  -6.795  -4.924  1.00 18.18 ? 1   MET A O   1 
ATOM   5   C  CB  . MET A 1 1   ? 8.925   -9.345  -3.412  1.00 25.44 ? 1   MET A CB  1 
ATOM   6   C  CG  . MET A 1 1   ? 8.538   -10.825 -3.365  1.00 35.95 ? 1   MET A CG  1 
ATOM   7   S  SD  . MET A 1 1   ? 9.012   -11.629 -1.829  1.00 45.83 ? 1   MET A SD  1 
ATOM   8   C  CE  . MET A 1 1   ? 10.789  -11.887 -2.083  1.00 44.93 ? 1   MET A CE  1 
ATOM   9   N  N   . LYS A 1 2   ? 8.032   -6.467  -4.530  1.00 16.33 ? 2   LYS A N   1 
ATOM   10  C  CA  . LYS A 1 2   ? 8.182   -5.012  -4.438  1.00 15.81 ? 2   LYS A CA  1 
ATOM   11  C  C   . LYS A 1 2   ? 7.390   -4.463  -3.257  1.00 16.86 ? 2   LYS A C   1 
ATOM   12  O  O   . LYS A 1 2   ? 6.314   -4.961  -2.926  1.00 15.88 ? 2   LYS A O   1 
ATOM   13  C  CB  . LYS A 1 2   ? 7.649   -4.292  -5.691  1.00 15.71 ? 2   LYS A CB  1 
ATOM   14  C  CG  . LYS A 1 2   ? 8.215   -4.766  -7.034  1.00 20.14 ? 2   LYS A CG  1 
ATOM   15  C  CD  . LYS A 1 2   ? 9.691   -4.443  -7.205  1.00 21.74 ? 2   LYS A CD  1 
ATOM   16  C  CE  . LYS A 1 2   ? 10.241  -5.167  -8.462  1.00 22.83 ? 2   LYS A CE  1 
ATOM   17  N  NZ  . LYS A 1 2   ? 11.708  -4.986  -8.621  1.00 24.10 ? 2   LYS A NZ  1 
ATOM   18  N  N   . LYS A 1 3   ? 7.923   -3.409  -2.650  1.00 15.91 ? 3   LYS A N   1 
ATOM   19  C  CA  . LYS A 1 3   ? 7.211   -2.731  -1.576  1.00 15.00 ? 3   LYS A CA  1 
ATOM   20  C  C   . LYS A 1 3   ? 6.430   -1.629  -2.278  1.00 15.06 ? 3   LYS A C   1 
ATOM   21  O  O   . LYS A 1 3   ? 6.947   -0.968  -3.193  1.00 14.52 ? 3   LYS A O   1 
ATOM   22  C  CB  . LYS A 1 3   ? 8.202   -2.108  -0.572  1.00 14.84 ? 3   LYS A CB  1 
ATOM   23  C  CG  . LYS A 1 3   ? 7.592   -1.009  0.339   1.00 15.73 ? 3   LYS A CG  1 
ATOM   24  C  CD  . LYS A 1 3   ? 8.626   -0.521  1.375   1.00 13.39 ? 3   LYS A CD  1 
ATOM   25  C  CE  . LYS A 1 3   ? 8.098   0.679   2.163   1.00 15.41 ? 3   LYS A CE  1 
ATOM   26  N  NZ  . LYS A 1 3   ? 9.010   1.118   3.295   1.00 13.57 ? 3   LYS A NZ  1 
ATOM   27  N  N   . ILE A 1 4   ? 5.171   -1.467  -1.899  1.00 13.99 ? 4   ILE A N   1 
ATOM   28  C  CA  . ILE A 1 4   ? 4.350   -0.411  -2.462  1.00 13.60 ? 4   ILE A CA  1 
ATOM   29  C  C   . ILE A 1 4   ? 4.010   0.486   -1.271  1.00 14.99 ? 4   ILE A C   1 
ATOM   30  O  O   . ILE A 1 4   ? 3.389   0.024   -0.312  1.00 14.79 ? 4   ILE A O   1 
ATOM   31  C  CB  . ILE A 1 4   ? 3.079   -0.986  -3.097  1.00 14.75 ? 4   ILE A CB  1 
ATOM   32  C  CG1 . ILE A 1 4   ? 3.477   -1.911  -4.262  1.00 14.71 ? 4   ILE A CG1 1 
ATOM   33  C  CG2 . ILE A 1 4   ? 2.192   0.165   -3.612  1.00 14.60 ? 4   ILE A CG2 1 
ATOM   34  C  CD1 . ILE A 1 4   ? 2.304   -2.633  -4.929  1.00 17.25 ? 4   ILE A CD1 1 
ATOM   35  N  N   . GLU A 1 5   ? 4.440   1.744   -1.340  1.00 11.24 ? 5   GLU A N   1 
ATOM   36  C  CA  . GLU A 1 5   ? 4.216   2.717   -0.252  1.00 13.74 ? 5   GLU A CA  1 
ATOM   37  C  C   . GLU A 1 5   ? 3.292   3.780   -0.813  1.00 13.41 ? 5   GLU A C   1 
ATOM   38  O  O   . GLU A 1 5   ? 3.678   4.533   -1.718  1.00 14.63 ? 5   GLU A O   1 
ATOM   39  C  CB  . GLU A 1 5   ? 5.553   3.352   0.174   1.00 15.59 ? 5   GLU A CB  1 
ATOM   40  C  CG  . GLU A 1 5   ? 5.417   4.451   1.255   1.00 14.58 ? 5   GLU A CG  1 
ATOM   41  C  CD  . GLU A 1 5   ? 6.749   5.091   1.659   1.00 17.67 ? 5   GLU A CD  1 
ATOM   42  O  OE1 . GLU A 1 5   ? 7.820   4.609   1.239   1.00 14.66 ? 5   GLU A OE1 1 
ATOM   43  O  OE2 . GLU A 1 5   ? 6.722   6.093   2.412   1.00 17.08 ? 5   GLU A OE2 1 
ATOM   44  N  N   . ALA A 1 6   ? 2.073   3.846   -0.283  1.00 13.05 ? 6   ALA A N   1 
ATOM   45  C  CA  . ALA A 1 6   ? 1.092   4.806   -0.770  1.00 14.42 ? 6   ALA A CA  1 
ATOM   46  C  C   . ALA A 1 6   ? 0.750   5.782   0.348   1.00 16.50 ? 6   ALA A C   1 
ATOM   47  O  O   . ALA A 1 6   ? 0.557   5.363   1.485   1.00 14.65 ? 6   ALA A O   1 
ATOM   48  C  CB  . ALA A 1 6   ? -0.179  4.067   -1.232  1.00 16.95 ? 6   ALA A CB  1 
ATOM   49  N  N   . ILE A 1 7   ? 0.713   7.069   0.021   1.00 14.43 ? 7   ILE A N   1 
ATOM   50  C  CA  . ILE A 1 7   ? 0.366   8.102   1.008   1.00 13.71 ? 7   ILE A CA  1 
ATOM   51  C  C   . ILE A 1 7   ? -0.978  8.649   0.522   1.00 15.79 ? 7   ILE A C   1 
ATOM   52  O  O   . ILE A 1 7   ? -1.053  9.222   -0.569  1.00 16.41 ? 7   ILE A O   1 
ATOM   53  C  CB  . ILE A 1 7   ? 1.415   9.234   1.017   1.00 14.78 ? 7   ILE A CB  1 
ATOM   54  C  CG1 . ILE A 1 7   ? 2.832   8.651   1.158   1.00 18.68 ? 7   ILE A CG1 1 
ATOM   55  C  CG2 . ILE A 1 7   ? 1.102   10.229  2.157   1.00 16.47 ? 7   ILE A CG2 1 
ATOM   56  C  CD1 . ILE A 1 7   ? 3.031   7.776   2.389   1.00 18.95 ? 7   ILE A CD1 1 
ATOM   57  N  N   . ILE A 1 8   ? -2.031  8.491   1.326   1.00 15.73 ? 8   ILE A N   1 
ATOM   58  C  CA  . ILE A 1 8   ? -3.367  8.910   0.900   1.00 16.30 ? 8   ILE A CA  1 
ATOM   59  C  C   . ILE A 1 8   ? -4.074  9.805   1.912   1.00 15.30 ? 8   ILE A C   1 
ATOM   60  O  O   . ILE A 1 8   ? -3.622  9.956   3.040   1.00 14.53 ? 8   ILE A O   1 
ATOM   61  C  CB  . ILE A 1 8   ? -4.259  7.671   0.689   1.00 16.78 ? 8   ILE A CB  1 
ATOM   62  C  CG1 . ILE A 1 8   ? -4.460  6.947   2.034   1.00 13.86 ? 8   ILE A CG1 1 
ATOM   63  C  CG2 . ILE A 1 8   ? -3.601  6.731   -0.326  1.00 17.16 ? 8   ILE A CG2 1 
ATOM   64  C  CD1 . ILE A 1 8   ? -5.423  5.731   1.971   1.00 17.36 ? 8   ILE A CD1 1 
ATOM   65  N  N   . LYS A 1 9   ? -5.195  10.386  1.492   1.00 16.51 ? 9   LYS A N   1 
ATOM   66  C  CA  . LYS A 1 9   ? -5.986  11.215  2.392   1.00 17.08 ? 9   LYS A CA  1 
ATOM   67  C  C   . LYS A 1 9   ? -6.629  10.284  3.424   1.00 13.64 ? 9   LYS A C   1 
ATOM   68  O  O   . LYS A 1 9   ? -7.089  9.200   3.113   1.00 16.29 ? 9   LYS A O   1 
ATOM   69  C  CB  . LYS A 1 9   ? -7.036  12.001  1.595   1.00 19.00 ? 9   LYS A CB  1 
ATOM   70  C  CG  . LYS A 1 9   ? -6.399  13.103  0.746   1.00 21.70 ? 9   LYS A CG  1 
ATOM   71  C  CD  . LYS A 1 9   ? -7.386  13.808  -0.197  1.00 24.50 ? 9   LYS A CD  1 
ATOM   72  C  CE  . LYS A 1 9   ? -6.740  15.092  -0.747  1.00 26.53 ? 9   LYS A CE  1 
ATOM   73  N  NZ  . LYS A 1 9   ? -7.401  15.591  -1.998  1.00 29.89 ? 9   LYS A NZ  1 
ATOM   74  N  N   . PRO A 1 10  ? -6.658  10.708  4.692   1.00 17.05 ? 10  PRO A N   1 
ATOM   75  C  CA  . PRO A 1 10  ? -7.219  9.920   5.795   1.00 18.32 ? 10  PRO A CA  1 
ATOM   76  C  C   . PRO A 1 10  ? -8.596  9.312   5.576   1.00 19.41 ? 10  PRO A C   1 
ATOM   77  O  O   . PRO A 1 10  ? -8.808  8.137   5.866   1.00 18.09 ? 10  PRO A O   1 
ATOM   78  C  CB  . PRO A 1 10  ? -7.217  10.907  6.965   1.00 19.41 ? 10  PRO A CB  1 
ATOM   79  C  CG  . PRO A 1 10  ? -6.061  11.795  6.641   1.00 20.66 ? 10  PRO A CG  1 
ATOM   80  C  CD  . PRO A 1 10  ? -6.213  12.030  5.161   1.00 18.40 ? 10  PRO A CD  1 
ATOM   81  N  N   . PHE A 1 11  ? -9.523  10.098  5.047   1.00 20.75 ? 11  PHE A N   1 
ATOM   82  C  CA  . PHE A 1 11  ? -10.877 9.583   4.872   1.00 23.59 ? 11  PHE A CA  1 
ATOM   83  C  C   . PHE A 1 11  ? -10.995 8.481   3.819   1.00 24.31 ? 11  PHE A C   1 
ATOM   84  O  O   . PHE A 1 11  ? -12.028 7.817   3.733   1.00 25.19 ? 11  PHE A O   1 
ATOM   85  C  CB  . PHE A 1 11  ? -11.860 10.719  4.558   1.00 25.90 ? 11  PHE A CB  1 
ATOM   86  C  CG  . PHE A 1 11  ? -11.685 11.337  3.190   1.00 27.81 ? 11  PHE A CG  1 
ATOM   87  C  CD1 . PHE A 1 11  ? -10.849 12.429  3.003   1.00 29.30 ? 11  PHE A CD1 1 
ATOM   88  C  CD2 . PHE A 1 11  ? -12.398 10.851  2.101   1.00 30.59 ? 11  PHE A CD2 1 
ATOM   89  C  CE1 . PHE A 1 11  ? -10.732 13.029  1.751   1.00 29.66 ? 11  PHE A CE1 1 
ATOM   90  C  CE2 . PHE A 1 11  ? -12.281 11.447  0.846   1.00 29.46 ? 11  PHE A CE2 1 
ATOM   91  C  CZ  . PHE A 1 11  ? -11.445 12.536  0.678   1.00 27.54 ? 11  PHE A CZ  1 
ATOM   92  N  N   . LYS A 1 12  ? -9.944  8.286   3.024   1.00 21.60 ? 12  LYS A N   1 
ATOM   93  C  CA  . LYS A 1 12  ? -9.946  7.237   2.005   1.00 21.10 ? 12  LYS A CA  1 
ATOM   94  C  C   . LYS A 1 12  ? -9.432  5.882   2.532   1.00 21.40 ? 12  LYS A C   1 
ATOM   95  O  O   . LYS A 1 12  ? -9.498  4.878   1.821   1.00 19.28 ? 12  LYS A O   1 
ATOM   96  C  CB  . LYS A 1 12  ? -9.081  7.652   0.806   1.00 22.78 ? 12  LYS A CB  1 
ATOM   97  C  CG  . LYS A 1 12  ? -9.714  8.689   -0.123  1.00 19.83 ? 12  LYS A CG  1 
ATOM   98  C  CD  . LYS A 1 12  ? -10.952 8.089   -0.775  1.00 26.50 ? 12  LYS A CD  1 
ATOM   99  C  CE  . LYS A 1 12  ? -11.372 8.858   -2.020  1.00 27.74 ? 12  LYS A CE  1 
ATOM   100 N  NZ  . LYS A 1 12  ? -12.443 8.108   -2.756  1.00 28.69 ? 12  LYS A NZ  1 
ATOM   101 N  N   . LEU A 1 13  ? -8.945  5.836   3.769   1.00 18.26 ? 13  LEU A N   1 
ATOM   102 C  CA  . LEU A 1 13  ? -8.394  4.593   4.313   1.00 17.02 ? 13  LEU A CA  1 
ATOM   103 C  C   . LEU A 1 13  ? -9.316  3.369   4.277   1.00 19.75 ? 13  LEU A C   1 
ATOM   104 O  O   . LEU A 1 13  ? -8.916  2.300   3.814   1.00 19.20 ? 13  LEU A O   1 
ATOM   105 C  CB  . LEU A 1 13  ? -7.893  4.810   5.743   1.00 20.56 ? 13  LEU A CB  1 
ATOM   106 C  CG  . LEU A 1 13  ? -7.393  3.551   6.464   1.00 21.65 ? 13  LEU A CG  1 
ATOM   107 C  CD1 . LEU A 1 13  ? -6.264  2.905   5.661   1.00 21.66 ? 13  LEU A CD1 1 
ATOM   108 C  CD2 . LEU A 1 13  ? -6.919  3.920   7.887   1.00 23.62 ? 13  LEU A CD2 1 
ATOM   109 N  N   . ASP A 1 14  ? -10.546 3.510   4.760   1.00 22.57 ? 14  ASP A N   1 
ATOM   110 C  CA  . ASP A 1 14  ? -11.462 2.369   4.744   1.00 24.17 ? 14  ASP A CA  1 
ATOM   111 C  C   . ASP A 1 14  ? -11.688 1.858   3.321   1.00 21.63 ? 14  ASP A C   1 
ATOM   112 O  O   . ASP A 1 14  ? -11.621 0.658   3.076   1.00 22.86 ? 14  ASP A O   1 
ATOM   113 C  CB  . ASP A 1 14  ? -12.812 2.733   5.354   1.00 28.31 ? 14  ASP A CB  1 
ATOM   114 C  CG  . ASP A 1 14  ? -12.734 2.981   6.838   1.00 35.51 ? 14  ASP A CG  1 
ATOM   115 O  OD1 . ASP A 1 14  ? -11.848 2.405   7.504   1.00 35.93 ? 14  ASP A OD1 1 
ATOM   116 O  OD2 . ASP A 1 14  ? -13.586 3.743   7.341   1.00 40.82 ? 14  ASP A OD2 1 
ATOM   117 N  N   . GLU A 1 15  ? -11.961 2.771   2.397   1.00 20.97 ? 15  GLU A N   1 
ATOM   118 C  CA  . GLU A 1 15  ? -12.201 2.399   0.996   1.00 24.43 ? 15  GLU A CA  1 
ATOM   119 C  C   . GLU A 1 15  ? -11.005 1.699   0.367   1.00 23.24 ? 15  GLU A C   1 
ATOM   120 O  O   . GLU A 1 15  ? -11.158 0.676   -0.305  1.00 19.72 ? 15  GLU A O   1 
ATOM   121 C  CB  . GLU A 1 15  ? -12.521 3.624   0.150   1.00 27.40 ? 15  GLU A CB  1 
ATOM   122 C  CG  . GLU A 1 15  ? -13.871 4.243   0.379   1.00 37.43 ? 15  GLU A CG  1 
ATOM   123 C  CD  . GLU A 1 15  ? -14.014 5.537   -0.395  1.00 39.75 ? 15  GLU A CD  1 
ATOM   124 O  OE1 . GLU A 1 15  ? -13.741 5.530   -1.620  1.00 41.02 ? 15  GLU A OE1 1 
ATOM   125 O  OE2 . GLU A 1 15  ? -14.387 6.558   0.223   1.00 43.44 ? 15  GLU A OE2 1 
ATOM   126 N  N   . VAL A 1 16  ? -9.813  2.257   0.576   1.00 19.47 ? 16  VAL A N   1 
ATOM   127 C  CA  . VAL A 1 16  ? -8.613  1.655   0.001   1.00 20.05 ? 16  VAL A CA  1 
ATOM   128 C  C   . VAL A 1 16  ? -8.294  0.308   0.635   1.00 19.36 ? 16  VAL A C   1 
ATOM   129 O  O   . VAL A 1 16  ? -7.911  -0.625  -0.063  1.00 18.95 ? 16  VAL A O   1 
ATOM   130 C  CB  . VAL A 1 16  ? -7.387  2.597   0.126   1.00 18.31 ? 16  VAL A CB  1 
ATOM   131 C  CG1 . VAL A 1 16  ? -6.129  1.876   -0.338  1.00 20.61 ? 16  VAL A CG1 1 
ATOM   132 C  CG2 . VAL A 1 16  ? -7.615  3.844   -0.716  1.00 21.79 ? 16  VAL A CG2 1 
ATOM   133 N  N   . LYS A 1 17  ? -8.441  0.207   1.957   1.00 16.95 ? 17  LYS A N   1 
ATOM   134 C  CA  . LYS A 1 17  ? -8.193  -1.036  2.673   1.00 19.36 ? 17  LYS A CA  1 
ATOM   135 C  C   . LYS A 1 17  ? -9.128  -2.129  2.131   1.00 18.86 ? 17  LYS A C   1 
ATOM   136 O  O   . LYS A 1 17  ? -8.692  -3.239  1.842   1.00 18.34 ? 17  LYS A O   1 
ATOM   137 C  CB  . LYS A 1 17  ? -8.465  -0.861  4.173   1.00 19.82 ? 17  LYS A CB  1 
ATOM   138 C  CG  . LYS A 1 17  ? -8.230  -2.119  4.982   1.00 28.92 ? 17  LYS A CG  1 
ATOM   139 C  CD  . LYS A 1 17  ? -9.448  -2.476  5.833   1.00 37.63 ? 17  LYS A CD  1 
ATOM   140 C  CE  . LYS A 1 17  ? -9.759  -1.415  6.881   1.00 41.81 ? 17  LYS A CE  1 
ATOM   141 N  NZ  . LYS A 1 17  ? -10.979 -1.762  7.700   1.00 43.35 ? 17  LYS A NZ  1 
ATOM   142 N  N   . ASP A 1 18  ? -10.410 -1.800  1.993   1.00 20.24 ? 18  ASP A N   1 
ATOM   143 C  CA  . ASP A 1 18  ? -11.386 -2.777  1.485   1.00 23.28 ? 18  ASP A CA  1 
ATOM   144 C  C   . ASP A 1 18  ? -11.076 -3.219  0.052   1.00 22.13 ? 18  ASP A C   1 
ATOM   145 O  O   . ASP A 1 18  ? -11.184 -4.400  -0.290  1.00 23.58 ? 18  ASP A O   1 
ATOM   146 C  CB  . ASP A 1 18  ? -12.793 -2.194  1.539   1.00 23.99 ? 18  ASP A CB  1 
ATOM   147 C  CG  . ASP A 1 18  ? -13.317 -2.069  2.959   1.00 30.54 ? 18  ASP A CG  1 
ATOM   148 O  OD1 . ASP A 1 18  ? -12.796 -2.777  3.851   1.00 31.18 ? 18  ASP A OD1 1 
ATOM   149 O  OD2 . ASP A 1 18  ? -14.258 -1.274  3.175   1.00 29.85 ? 18  ASP A OD2 1 
ATOM   150 N  N   . ALA A 1 19  ? -10.697 -2.268  -0.783  1.00 21.41 ? 19  ALA A N   1 
ATOM   151 C  CA  . ALA A 1 19  ? -10.366 -2.563  -2.179  1.00 22.67 ? 19  ALA A CA  1 
ATOM   152 C  C   . ALA A 1 19  ? -9.157  -3.506  -2.279  1.00 23.41 ? 19  ALA A C   1 
ATOM   153 O  O   . ALA A 1 19  ? -9.133  -4.436  -3.106  1.00 21.28 ? 19  ALA A O   1 
ATOM   154 C  CB  . ALA A 1 19  ? -10.072 -1.256  -2.918  1.00 23.32 ? 19  ALA A CB  1 
ATOM   155 N  N   . LEU A 1 20  ? -8.148  -3.269  -1.438  1.00 20.33 ? 20  LEU A N   1 
ATOM   156 C  CA  . LEU A 1 20  ? -6.954  -4.089  -1.454  1.00 20.49 ? 20  LEU A CA  1 
ATOM   157 C  C   . LEU A 1 20  ? -7.290  -5.499  -0.987  1.00 22.68 ? 20  LEU A C   1 
ATOM   158 O  O   . LEU A 1 20  ? -6.810  -6.483  -1.564  1.00 24.07 ? 20  LEU A O   1 
ATOM   159 C  CB  . LEU A 1 20  ? -5.847  -3.458  -0.582  1.00 20.14 ? 20  LEU A CB  1 
ATOM   160 C  CG  . LEU A 1 20  ? -5.238  -2.162  -1.152  1.00 20.81 ? 20  LEU A CG  1 
ATOM   161 C  CD1 . LEU A 1 20  ? -4.240  -1.547  -0.161  1.00 22.98 ? 20  LEU A CD1 1 
ATOM   162 C  CD2 . LEU A 1 20  ? -4.516  -2.470  -2.475  1.00 23.59 ? 20  LEU A CD2 1 
ATOM   163 N  N   . VAL A 1 21  ? -8.128  -5.606  0.038   1.00 22.43 ? 21  VAL A N   1 
ATOM   164 C  CA  . VAL A 1 21  ? -8.524  -6.916  0.529   1.00 24.40 ? 21  VAL A CA  1 
ATOM   165 C  C   . VAL A 1 21  ? -9.272  -7.616  -0.610  1.00 24.20 ? 21  VAL A C   1 
ATOM   166 O  O   . VAL A 1 21  ? -9.090  -8.816  -0.831  1.00 26.85 ? 21  VAL A O   1 
ATOM   167 C  CB  . VAL A 1 21  ? -9.460  -6.804  1.770   1.00 27.23 ? 21  VAL A CB  1 
ATOM   168 C  CG1 . VAL A 1 21  ? -10.064 -8.167  2.093   1.00 27.47 ? 21  VAL A CG1 1 
ATOM   169 C  CG2 . VAL A 1 21  ? -8.662  -6.296  2.981   1.00 24.13 ? 21  VAL A CG2 1 
ATOM   170 N  N   . GLU A 1 22  ? -10.102 -6.857  -1.323  1.00 23.96 ? 22  GLU A N   1 
ATOM   171 C  CA  . GLU A 1 22  ? -10.884 -7.392  -2.448  1.00 27.40 ? 22  GLU A CA  1 
ATOM   172 C  C   . GLU A 1 22  ? -10.008 -8.012  -3.528  1.00 26.39 ? 22  GLU A C   1 
ATOM   173 O  O   . GLU A 1 22  ? -10.362 -9.056  -4.097  1.00 23.59 ? 22  GLU A O   1 
ATOM   174 C  CB  . GLU A 1 22  ? -11.707 -6.306  -3.123  1.00 31.53 ? 22  GLU A CB  1 
ATOM   175 C  CG  . GLU A 1 22  ? -12.959 -5.870  -2.426  1.00 39.41 ? 22  GLU A CG  1 
ATOM   176 C  CD  . GLU A 1 22  ? -13.848 -5.092  -3.364  1.00 45.02 ? 22  GLU A CD  1 
ATOM   177 O  OE1 . GLU A 1 22  ? -13.333 -4.179  -4.046  1.00 46.10 ? 22  GLU A OE1 1 
ATOM   178 O  OE2 . GLU A 1 22  ? -15.062 -5.392  -3.423  1.00 51.26 ? 22  GLU A OE2 1 
ATOM   179 N  N   . ILE A 1 23  ? -8.891  -7.355  -3.849  1.00 23.04 ? 23  ILE A N   1 
ATOM   180 C  CA  . ILE A 1 23  ? -8.000  -7.892  -4.868  1.00 21.89 ? 23  ILE A CA  1 
ATOM   181 C  C   . ILE A 1 23  ? -7.000  -8.913  -4.329  1.00 22.95 ? 23  ILE A C   1 
ATOM   182 O  O   . ILE A 1 23  ? -6.064  -9.319  -5.018  1.00 25.01 ? 23  ILE A O   1 
ATOM   183 C  CB  . ILE A 1 23  ? -7.270  -6.775  -5.660  1.00 22.80 ? 23  ILE A CB  1 
ATOM   184 C  CG1 . ILE A 1 23  ? -6.396  -5.921  -4.736  1.00 20.62 ? 23  ILE A CG1 1 
ATOM   185 C  CG2 . ILE A 1 23  ? -8.295  -5.929  -6.391  1.00 21.96 ? 23  ILE A CG2 1 
ATOM   186 C  CD1 . ILE A 1 23  ? -5.483  -4.988  -5.519  1.00 24.97 ? 23  ILE A CD1 1 
ATOM   187 N  N   . GLY A 1 24  ? -7.207  -9.337  -3.092  1.00 23.98 ? 24  GLY A N   1 
ATOM   188 C  CA  . GLY A 1 24  ? -6.359  -10.377 -2.530  1.00 26.16 ? 24  GLY A CA  1 
ATOM   189 C  C   . GLY A 1 24  ? -5.154  -10.055 -1.676  1.00 26.79 ? 24  GLY A C   1 
ATOM   190 O  O   . GLY A 1 24  ? -4.376  -10.958 -1.372  1.00 23.87 ? 24  GLY A O   1 
ATOM   191 N  N   . ILE A 1 25  ? -4.987  -8.795  -1.288  1.00 25.97 ? 25  ILE A N   1 
ATOM   192 C  CA  . ILE A 1 25  ? -3.851  -8.412  -0.441  1.00 29.26 ? 25  ILE A CA  1 
ATOM   193 C  C   . ILE A 1 25  ? -4.007  -9.056  0.934   1.00 30.99 ? 25  ILE A C   1 
ATOM   194 O  O   . ILE A 1 25  ? -5.015  -8.845  1.606   1.00 33.35 ? 25  ILE A O   1 
ATOM   195 C  CB  . ILE A 1 25  ? -3.785  -6.882  -0.279  1.00 31.03 ? 25  ILE A CB  1 
ATOM   196 C  CG1 . ILE A 1 25  ? -3.241  -6.262  -1.563  1.00 32.51 ? 25  ILE A CG1 1 
ATOM   197 C  CG2 . ILE A 1 25  ? -2.909  -6.509  0.917   1.00 32.53 ? 25  ILE A CG2 1 
ATOM   198 C  CD1 . ILE A 1 25  ? -1.780  -6.584  -1.842  1.00 32.94 ? 25  ILE A CD1 1 
ATOM   199 N  N   . GLY A 1 26  ? -3.000  -9.824  1.346   1.00 31.51 ? 26  GLY A N   1 
ATOM   200 C  CA  . GLY A 1 26  ? -3.056  -10.525 2.620   1.00 33.28 ? 26  GLY A CA  1 
ATOM   201 C  C   . GLY A 1 26  ? -2.727  -9.737  3.878   1.00 35.94 ? 26  GLY A C   1 
ATOM   202 O  O   . GLY A 1 26  ? -3.238  -10.055 4.961   1.00 37.60 ? 26  GLY A O   1 
ATOM   203 N  N   . GLY A 1 27  ? -1.876  -8.720  3.758   1.00 32.58 ? 27  GLY A N   1 
ATOM   204 C  CA  . GLY A 1 27  ? -1.528  -7.938  4.930   1.00 30.34 ? 27  GLY A CA  1 
ATOM   205 C  C   . GLY A 1 27  ? -1.085  -6.545  4.538   1.00 29.20 ? 27  GLY A C   1 
ATOM   206 O  O   . GLY A 1 27  ? -0.638  -6.324  3.405   1.00 25.31 ? 27  GLY A O   1 
ATOM   207 N  N   . MET A 1 28  ? -1.242  -5.595  5.453   1.00 22.25 ? 28  MET A N   1 
ATOM   208 C  CA  . MET A 1 28  ? -0.810  -4.234  5.176   1.00 20.11 ? 28  MET A CA  1 
ATOM   209 C  C   . MET A 1 28  ? -0.433  -3.527  6.467   1.00 18.01 ? 28  MET A C   1 
ATOM   210 O  O   . MET A 1 28  ? -0.944  -3.857  7.539   1.00 19.52 ? 28  MET A O   1 
ATOM   211 C  CB  . MET A 1 28  ? -1.892  -3.444  4.444   1.00 26.05 ? 28  MET A CB  1 
ATOM   212 C  CG  . MET A 1 28  ? -3.179  -3.247  5.195   1.00 29.82 ? 28  MET A CG  1 
ATOM   213 S  SD  . MET A 1 28  ? -4.366  -2.336  4.179   1.00 32.19 ? 28  MET A SD  1 
ATOM   214 C  CE  . MET A 1 28  ? -4.786  -3.597  2.997   1.00 30.04 ? 28  MET A CE  1 
ATOM   215 N  N   . THR A 1 29  ? 0.457   -2.549  6.349   1.00 16.81 ? 29  THR A N   1 
ATOM   216 C  CA  . THR A 1 29  ? 0.934   -1.774  7.498   1.00 13.65 ? 29  THR A CA  1 
ATOM   217 C  C   . THR A 1 29  ? 0.519   -0.329  7.248   1.00 16.04 ? 29  THR A C   1 
ATOM   218 O  O   . THR A 1 29  ? 0.823   0.247   6.190   1.00 15.64 ? 29  THR A O   1 
ATOM   219 C  CB  . THR A 1 29  ? 2.460   -1.881  7.603   1.00 16.95 ? 29  THR A CB  1 
ATOM   220 O  OG1 . THR A 1 29  ? 2.816   -3.263  7.738   1.00 18.28 ? 29  THR A OG1 1 
ATOM   221 C  CG2 . THR A 1 29  ? 2.986   -1.125  8.815   1.00 17.84 ? 29  THR A CG2 1 
ATOM   222 N  N   . VAL A 1 30  ? -0.146  0.257   8.240   1.00 14.30 ? 30  VAL A N   1 
ATOM   223 C  CA  . VAL A 1 30  ? -0.685  1.604   8.132   1.00 12.31 ? 30  VAL A CA  1 
ATOM   224 C  C   . VAL A 1 30  ? -0.066  2.514   9.175   1.00 12.26 ? 30  VAL A C   1 
ATOM   225 O  O   . VAL A 1 30  ? 0.062   2.124   10.331  1.00 15.30 ? 30  VAL A O   1 
ATOM   226 C  CB  . VAL A 1 30  ? -2.220  1.532   8.351   1.00 17.93 ? 30  VAL A CB  1 
ATOM   227 C  CG1 . VAL A 1 30  ? -2.831  2.917   8.361   1.00 20.12 ? 30  VAL A CG1 1 
ATOM   228 C  CG2 . VAL A 1 30  ? -2.838  0.652   7.255   1.00 21.98 ? 30  VAL A CG2 1 
ATOM   229 N  N   . THR A 1 31  ? 0.316   3.721   8.767   1.00 12.73 ? 31  THR A N   1 
ATOM   230 C  CA  . THR A 1 31  ? 0.930   4.676   9.677   1.00 13.53 ? 31  THR A CA  1 
ATOM   231 C  C   . THR A 1 31  ? 0.271   6.046   9.513   1.00 13.39 ? 31  THR A C   1 
ATOM   232 O  O   . THR A 1 31  ? -0.066  6.458   8.397   1.00 14.01 ? 31  THR A O   1 
ATOM   233 C  CB  . THR A 1 31  ? 2.460   4.872   9.377   1.00 14.21 ? 31  THR A CB  1 
ATOM   234 O  OG1 . THR A 1 31  ? 3.104   3.599   9.248   1.00 15.20 ? 31  THR A OG1 1 
ATOM   235 C  CG2 . THR A 1 31  ? 3.141   5.646   10.512  1.00 14.13 ? 31  THR A CG2 1 
ATOM   236 N  N   . GLU A 1 32  ? 0.056   6.733   10.628  1.00 11.82 ? 32  GLU A N   1 
ATOM   237 C  CA  . GLU A 1 32  ? -0.492  8.091   10.578  1.00 14.96 ? 32  GLU A CA  1 
ATOM   238 C  C   . GLU A 1 32  ? 0.712   8.982   10.304  1.00 14.39 ? 32  GLU A C   1 
ATOM   239 O  O   . GLU A 1 32  ? 1.726   8.900   11.007  1.00 14.08 ? 32  GLU A O   1 
ATOM   240 C  CB  . GLU A 1 32  ? -1.139  8.463   11.929  1.00 18.84 ? 32  GLU A CB  1 
ATOM   241 C  CG  . GLU A 1 32  ? -2.444  7.714   12.137  1.00 22.88 ? 32  GLU A CG  1 
ATOM   242 C  CD  . GLU A 1 32  ? -3.040  7.905   13.529  1.00 30.66 ? 32  GLU A CD  1 
ATOM   243 O  OE1 . GLU A 1 32  ? -2.560  8.777   14.284  1.00 34.53 ? 32  GLU A OE1 1 
ATOM   244 O  OE2 . GLU A 1 32  ? -4.000  7.177   13.852  1.00 34.60 ? 32  GLU A OE2 1 
ATOM   245 N  N   . VAL A 1 33  ? 0.613   9.819   9.279   1.00 12.90 ? 33  VAL A N   1 
ATOM   246 C  CA  . VAL A 1 33  ? 1.731   10.689  8.899   1.00 13.48 ? 33  VAL A CA  1 
ATOM   247 C  C   . VAL A 1 33  ? 1.169   12.070  8.555   1.00 15.74 ? 33  VAL A C   1 
ATOM   248 O  O   . VAL A 1 33  ? -0.033  12.316  8.730   1.00 13.93 ? 33  VAL A O   1 
ATOM   249 C  CB  . VAL A 1 33  ? 2.510   10.092  7.654   1.00 13.48 ? 33  VAL A CB  1 
ATOM   250 C  CG1 . VAL A 1 33  ? 2.973   8.650   7.949   1.00 13.79 ? 33  VAL A CG1 1 
ATOM   251 C  CG2 . VAL A 1 33  ? 1.610   10.092  6.405   1.00 17.67 ? 33  VAL A CG2 1 
ATOM   252 N  N   . LYS A 1 34  ? 2.028   12.982  8.107   1.00 15.98 ? 34  LYS A N   1 
ATOM   253 C  CA  . LYS A 1 34  ? 1.578   14.312  7.710   1.00 18.55 ? 34  LYS A CA  1 
ATOM   254 C  C   . LYS A 1 34  ? 2.306   14.641  6.419   1.00 20.09 ? 34  LYS A C   1 
ATOM   255 O  O   . LYS A 1 34  ? 3.390   14.111  6.147   1.00 19.11 ? 34  LYS A O   1 
ATOM   256 C  CB  . LYS A 1 34  ? 1.939   15.368  8.764   1.00 20.93 ? 34  LYS A CB  1 
ATOM   257 C  CG  . LYS A 1 34  ? 1.415   15.098  10.154  1.00 32.22 ? 34  LYS A CG  1 
ATOM   258 C  CD  . LYS A 1 34  ? 1.897   16.177  11.133  1.00 35.47 ? 34  LYS A CD  1 
ATOM   259 C  CE  . LYS A 1 34  ? 3.418   16.326  11.098  1.00 42.72 ? 34  LYS A CE  1 
ATOM   260 N  NZ  . LYS A 1 34  ? 3.962   17.302  12.098  1.00 46.28 ? 34  LYS A NZ  1 
ATOM   261 N  N   . GLY A 1 35  ? 1.726   15.508  5.605   1.00 18.59 ? 35  GLY A N   1 
ATOM   262 C  CA  . GLY A 1 35  ? 2.424   15.854  4.379   1.00 23.88 ? 35  GLY A CA  1 
ATOM   263 C  C   . GLY A 1 35  ? 1.860   17.061  3.671   1.00 31.30 ? 35  GLY A C   1 
ATOM   264 O  O   . GLY A 1 35  ? 1.039   17.783  4.231   1.00 28.49 ? 35  GLY A O   1 
ATOM   265 N  N   . PHE A 1 36  ? 2.339   17.279  2.447   1.00 34.95 ? 36  PHE A N   1 
ATOM   266 C  CA  . PHE A 1 36  ? 1.899   18.368  1.584   1.00 40.67 ? 36  PHE A CA  1 
ATOM   267 C  C   . PHE A 1 36  ? 2.458   18.130  0.182   1.00 43.60 ? 36  PHE A C   1 
ATOM   268 O  O   . PHE A 1 36  ? 2.117   18.835  -0.771  1.00 47.69 ? 36  PHE A O   1 
ATOM   269 C  CB  . PHE A 1 36  ? 2.364   19.728  2.123   1.00 42.58 ? 36  PHE A CB  1 
ATOM   270 C  CG  . PHE A 1 36  ? 3.847   19.967  2.018   1.00 42.89 ? 36  PHE A CG  1 
ATOM   271 C  CD1 . PHE A 1 36  ? 4.444   20.232  0.784   1.00 43.88 ? 36  PHE A CD1 1 
ATOM   272 C  CD2 . PHE A 1 36  ? 4.641   19.967  3.157   1.00 44.03 ? 36  PHE A CD2 1 
ATOM   273 C  CE1 . PHE A 1 36  ? 5.811   20.494  0.688   1.00 43.98 ? 36  PHE A CE1 1 
ATOM   274 C  CE2 . PHE A 1 36  ? 6.013   20.230  3.074   1.00 46.35 ? 36  PHE A CE2 1 
ATOM   275 C  CZ  . PHE A 1 36  ? 6.598   20.495  1.837   1.00 45.45 ? 36  PHE A CZ  1 
ATOM   276 N  N   . ASP A 1 54  ? 2.280   24.156  5.422   1.00 43.27 ? 54  ASP A N   1 
ATOM   277 C  CA  . ASP A 1 54  ? 1.305   23.465  6.265   1.00 43.65 ? 54  ASP A CA  1 
ATOM   278 C  C   . ASP A 1 54  ? 1.325   21.945  6.088   1.00 40.52 ? 54  ASP A C   1 
ATOM   279 O  O   . ASP A 1 54  ? 1.265   21.439  4.965   1.00 41.45 ? 54  ASP A O   1 
ATOM   280 C  CB  . ASP A 1 54  ? -0.118  23.967  5.975   1.00 46.99 ? 54  ASP A CB  1 
ATOM   281 C  CG  . ASP A 1 54  ? -0.455  25.259  6.711   1.00 51.53 ? 54  ASP A CG  1 
ATOM   282 O  OD1 . ASP A 1 54  ? -0.195  25.339  7.931   1.00 53.69 ? 54  ASP A OD1 1 
ATOM   283 O  OD2 . ASP A 1 54  ? -1.000  26.190  6.071   1.00 53.23 ? 54  ASP A OD2 1 
ATOM   284 N  N   . PHE A 1 55  ? 1.404   21.226  7.204   1.00 37.06 ? 55  PHE A N   1 
ATOM   285 C  CA  . PHE A 1 55  ? 1.391   19.769  7.184   1.00 33.51 ? 55  PHE A CA  1 
ATOM   286 C  C   . PHE A 1 55  ? -0.030  19.278  7.451   1.00 30.34 ? 55  PHE A C   1 
ATOM   287 O  O   . PHE A 1 55  ? -0.613  19.576  8.488   1.00 33.33 ? 55  PHE A O   1 
ATOM   288 C  CB  . PHE A 1 55  ? 2.325   19.193  8.254   1.00 34.89 ? 55  PHE A CB  1 
ATOM   289 C  CG  . PHE A 1 55  ? 3.777   19.260  7.892   1.00 33.04 ? 55  PHE A CG  1 
ATOM   290 C  CD1 . PHE A 1 55  ? 4.695   19.867  8.751   1.00 33.55 ? 55  PHE A CD1 1 
ATOM   291 C  CD2 . PHE A 1 55  ? 4.231   18.716  6.696   1.00 30.79 ? 55  PHE A CD2 1 
ATOM   292 C  CE1 . PHE A 1 55  ? 6.040   19.934  8.418   1.00 31.49 ? 55  PHE A CE1 1 
ATOM   293 C  CE2 . PHE A 1 55  ? 5.579   18.779  6.353   1.00 33.22 ? 55  PHE A CE2 1 
ATOM   294 C  CZ  . PHE A 1 55  ? 6.484   19.389  7.217   1.00 31.61 ? 55  PHE A CZ  1 
ATOM   295 N  N   . LEU A 1 56  ? -0.580  18.531  6.509   1.00 24.61 ? 56  LEU A N   1 
ATOM   296 C  CA  . LEU A 1 56  ? -1.925  17.989  6.654   1.00 21.35 ? 56  LEU A CA  1 
ATOM   297 C  C   . LEU A 1 56  ? -1.815  16.496  6.995   1.00 19.41 ? 56  LEU A C   1 
ATOM   298 O  O   . LEU A 1 56  ? -0.856  15.822  6.590   1.00 18.36 ? 56  LEU A O   1 
ATOM   299 C  CB  . LEU A 1 56  ? -2.690  18.179  5.345   1.00 23.72 ? 56  LEU A CB  1 
ATOM   300 C  CG  . LEU A 1 56  ? -2.905  19.652  4.948   1.00 27.26 ? 56  LEU A CG  1 
ATOM   301 C  CD1 . LEU A 1 56  ? -3.533  19.747  3.564   1.00 29.22 ? 56  LEU A CD1 1 
ATOM   302 C  CD2 . LEU A 1 56  ? -3.812  20.322  5.976   1.00 30.22 ? 56  LEU A CD2 1 
ATOM   303 N  N   . PRO A 1 57  ? -2.769  15.967  7.764   1.00 17.15 ? 57  PRO A N   1 
ATOM   304 C  CA  . PRO A 1 57  ? -2.727  14.544  8.118   1.00 14.24 ? 57  PRO A CA  1 
ATOM   305 C  C   . PRO A 1 57  ? -2.953  13.682  6.876   1.00 14.89 ? 57  PRO A C   1 
ATOM   306 O  O   . PRO A 1 57  ? -3.794  13.992  6.037   1.00 15.40 ? 57  PRO A O   1 
ATOM   307 C  CB  . PRO A 1 57  ? -3.867  14.403  9.129   1.00 18.46 ? 57  PRO A CB  1 
ATOM   308 C  CG  . PRO A 1 57  ? -4.858  15.457  8.640   1.00 19.86 ? 57  PRO A CG  1 
ATOM   309 C  CD  . PRO A 1 57  ? -3.932  16.630  8.383   1.00 19.00 ? 57  PRO A CD  1 
ATOM   310 N  N   . LYS A 1 58  ? -2.163  12.618  6.758   1.00 16.22 ? 58  LYS A N   1 
ATOM   311 C  CA  . LYS A 1 58  ? -2.281  11.676  5.658   1.00 15.53 ? 58  LYS A CA  1 
ATOM   312 C  C   . LYS A 1 58  ? -2.133  10.292  6.285   1.00 16.68 ? 58  LYS A C   1 
ATOM   313 O  O   . LYS A 1 58  ? -1.864  10.162  7.482   1.00 13.87 ? 58  LYS A O   1 
ATOM   314 C  CB  . LYS A 1 58  ? -1.146  11.875  4.661   1.00 19.22 ? 58  LYS A CB  1 
ATOM   315 C  CG  . LYS A 1 58  ? -0.988  13.296  4.157   1.00 23.74 ? 58  LYS A CG  1 
ATOM   316 C  CD  . LYS A 1 58  ? -2.041  13.655  3.147   1.00 23.84 ? 58  LYS A CD  1 
ATOM   317 C  CE  . LYS A 1 58  ? -1.663  14.982  2.498   1.00 31.17 ? 58  LYS A CE  1 
ATOM   318 N  NZ  . LYS A 1 58  ? -2.561  15.376  1.398   1.00 29.72 ? 58  LYS A NZ  1 
ATOM   319 N  N   . VAL A 1 59  ? -2.321  9.254   5.482   1.00 13.92 ? 59  VAL A N   1 
ATOM   320 C  CA  . VAL A 1 59  ? -2.144  7.913   5.999   1.00 13.46 ? 59  VAL A CA  1 
ATOM   321 C  C   . VAL A 1 59  ? -1.260  7.179   5.015   1.00 15.20 ? 59  VAL A C   1 
ATOM   322 O  O   . VAL A 1 59  ? -1.470  7.256   3.790   1.00 13.76 ? 59  VAL A O   1 
ATOM   323 C  CB  . VAL A 1 59  ? -3.478  7.128   6.129   1.00 18.29 ? 59  VAL A CB  1 
ATOM   324 C  CG1 . VAL A 1 59  ? -3.177  5.668   6.435   1.00 20.67 ? 59  VAL A CG1 1 
ATOM   325 C  CG2 . VAL A 1 59  ? -4.357  7.737   7.244   1.00 16.42 ? 59  VAL A CG2 1 
ATOM   326 N  N   . LYS A 1 60  ? -0.264  6.487   5.553   1.00 13.20 ? 60  LYS A N   1 
ATOM   327 C  CA  . LYS A 1 60  ? 0.633   5.686   4.722   1.00 11.84 ? 60  LYS A CA  1 
ATOM   328 C  C   . LYS A 1 60  ? 0.181   4.243   4.786   1.00 14.73 ? 60  LYS A C   1 
ATOM   329 O  O   . LYS A 1 60  ? -0.128  3.727   5.871   1.00 11.95 ? 60  LYS A O   1 
ATOM   330 C  CB  . LYS A 1 60  ? 2.086   5.760   5.233   1.00 14.41 ? 60  LYS A CB  1 
ATOM   331 C  CG  . LYS A 1 60  ? 3.014   4.750   4.513   1.00 12.90 ? 60  LYS A CG  1 
ATOM   332 C  CD  . LYS A 1 60  ? 4.426   4.679   5.134   1.00 15.28 ? 60  LYS A CD  1 
ATOM   333 C  CE  . LYS A 1 60  ? 5.170   5.997   4.980   1.00 14.20 ? 60  LYS A CE  1 
ATOM   334 N  NZ  . LYS A 1 60  ? 6.607   5.816   5.367   1.00 13.80 ? 60  LYS A NZ  1 
ATOM   335 N  N   . ILE A 1 61  ? 0.127   3.599   3.623   1.00 13.06 ? 61  ILE A N   1 
ATOM   336 C  CA  . ILE A 1 61  ? -0.214  2.190   3.543   1.00 13.87 ? 61  ILE A CA  1 
ATOM   337 C  C   . ILE A 1 61  ? 0.978   1.518   2.862   1.00 14.49 ? 61  ILE A C   1 
ATOM   338 O  O   . ILE A 1 61  ? 1.474   1.996   1.827   1.00 15.59 ? 61  ILE A O   1 
ATOM   339 C  CB  . ILE A 1 61  ? -1.453  1.924   2.671   1.00 17.35 ? 61  ILE A CB  1 
ATOM   340 C  CG1 . ILE A 1 61  ? -2.703  2.526   3.317   1.00 19.17 ? 61  ILE A CG1 1 
ATOM   341 C  CG2 . ILE A 1 61  ? -1.622  0.405   2.467   1.00 19.24 ? 61  ILE A CG2 1 
ATOM   342 C  CD1 . ILE A 1 61  ? -3.921  2.523   2.394   1.00 23.85 ? 61  ILE A CD1 1 
ATOM   343 N  N   . GLU A 1 62  ? 1.447   0.429   3.449   1.00 13.55 ? 62  GLU A N   1 
ATOM   344 C  CA  . GLU A 1 62  ? 2.547   -0.332  2.853   1.00 12.47 ? 62  GLU A CA  1 
ATOM   345 C  C   . GLU A 1 62  ? 2.110   -1.775  2.668   1.00 14.78 ? 62  GLU A C   1 
ATOM   346 O  O   . GLU A 1 62  ? 1.527   -2.384  3.574   1.00 14.63 ? 62  GLU A O   1 
ATOM   347 C  CB  . GLU A 1 62  ? 3.783   -0.369  3.762   1.00 12.50 ? 62  GLU A CB  1 
ATOM   348 C  CG  . GLU A 1 62  ? 4.516   0.927   3.947   1.00 13.02 ? 62  GLU A CG  1 
ATOM   349 C  CD  . GLU A 1 62  ? 5.519   0.765   5.049   1.00 13.99 ? 62  GLU A CD  1 
ATOM   350 O  OE1 . GLU A 1 62  ? 5.198   1.139   6.201   1.00 13.83 ? 62  GLU A OE1 1 
ATOM   351 O  OE2 . GLU A 1 62  ? 6.601   0.207   4.770   1.00 14.14 ? 62  GLU A OE2 1 
ATOM   352 N  N   . VAL A 1 63  ? 2.385   -2.314  1.484   1.00 15.46 ? 63  VAL A N   1 
ATOM   353 C  CA  . VAL A 1 63  ? 2.143   -3.720  1.221   1.00 16.44 ? 63  VAL A CA  1 
ATOM   354 C  C   . VAL A 1 63  ? 3.360   -4.197  0.442   1.00 14.37 ? 63  VAL A C   1 
ATOM   355 O  O   . VAL A 1 63  ? 4.055   -3.393  -0.187  1.00 14.32 ? 63  VAL A O   1 
ATOM   356 C  CB  . VAL A 1 63  ? 0.844   -3.977  0.395   1.00 18.19 ? 63  VAL A CB  1 
ATOM   357 C  CG1 . VAL A 1 63  ? -0.374  -3.560  1.219   1.00 19.10 ? 63  VAL A CG1 1 
ATOM   358 C  CG2 . VAL A 1 63  ? 0.879   -3.222  -0.935  1.00 20.36 ? 63  VAL A CG2 1 
ATOM   359 N  N   . VAL A 1 64  ? 3.660   -5.485  0.537   1.00 15.36 ? 64  VAL A N   1 
ATOM   360 C  CA  . VAL A 1 64  ? 4.761   -6.043  -0.232  1.00 15.93 ? 64  VAL A CA  1 
ATOM   361 C  C   . VAL A 1 64  ? 4.117   -7.179  -1.010  1.00 16.85 ? 64  VAL A C   1 
ATOM   362 O  O   . VAL A 1 64  ? 3.453   -8.058  -0.427  1.00 16.33 ? 64  VAL A O   1 
ATOM   363 C  CB  . VAL A 1 64  ? 5.896   -6.540  0.666   1.00 18.63 ? 64  VAL A CB  1 
ATOM   364 C  CG1 . VAL A 1 64  ? 6.964   -7.235  -0.184  1.00 21.39 ? 64  VAL A CG1 1 
ATOM   365 C  CG2 . VAL A 1 64  ? 6.531   -5.345  1.382   1.00 18.86 ? 64  VAL A CG2 1 
ATOM   366 N  N   . VAL A 1 65  ? 4.285   -7.149  -2.329  1.00 16.92 ? 65  VAL A N   1 
ATOM   367 C  CA  . VAL A 1 65  ? 3.638   -8.140  -3.183  1.00 16.67 ? 65  VAL A CA  1 
ATOM   368 C  C   . VAL A 1 65  ? 4.556   -8.691  -4.261  1.00 17.10 ? 65  VAL A C   1 
ATOM   369 O  O   . VAL A 1 65  ? 5.649   -8.180  -4.485  1.00 18.25 ? 65  VAL A O   1 
ATOM   370 C  CB  . VAL A 1 65  ? 2.406   -7.513  -3.888  1.00 18.30 ? 65  VAL A CB  1 
ATOM   371 C  CG1 . VAL A 1 65  ? 1.475   -6.844  -2.867  1.00 15.97 ? 65  VAL A CG1 1 
ATOM   372 C  CG2 . VAL A 1 65  ? 2.867   -6.467  -4.891  1.00 17.87 ? 65  VAL A CG2 1 
ATOM   373 N  N   . ARG A 1 66  ? 4.104   -9.750  -4.923  1.00 16.66 ? 66  ARG A N   1 
ATOM   374 C  CA  . ARG A 1 66  ? 4.875   -10.346 -6.007  1.00 18.06 ? 66  ARG A CA  1 
ATOM   375 C  C   . ARG A 1 66  ? 4.956   -9.354  -7.166  1.00 18.76 ? 66  ARG A C   1 
ATOM   376 O  O   . ARG A 1 66  ? 4.051   -8.539  -7.376  1.00 17.20 ? 66  ARG A O   1 
ATOM   377 C  CB  . ARG A 1 66  ? 4.197   -11.632 -6.507  1.00 19.39 ? 66  ARG A CB  1 
ATOM   378 C  CG  . ARG A 1 66  ? 3.936   -12.688 -5.459  1.00 26.88 ? 66  ARG A CG  1 
ATOM   379 C  CD  . ARG A 1 66  ? 3.057   -13.818 -6.043  1.00 28.71 ? 66  ARG A CD  1 
ATOM   380 N  NE  . ARG A 1 66  ? 2.915   -14.921 -5.099  1.00 35.50 ? 66  ARG A NE  1 
ATOM   381 C  CZ  . ARG A 1 66  ? 2.305   -14.830 -3.920  1.00 39.01 ? 66  ARG A CZ  1 
ATOM   382 N  NH1 . ARG A 1 66  ? 1.762   -13.678 -3.535  1.00 42.09 ? 66  ARG A NH1 1 
ATOM   383 N  NH2 . ARG A 1 66  ? 2.265   -15.879 -3.109  1.00 38.46 ? 66  ARG A NH2 1 
ATOM   384 N  N   . ASP A 1 67  ? 6.037   -9.435  -7.939  1.00 19.37 ? 67  ASP A N   1 
ATOM   385 C  CA  . ASP A 1 67  ? 6.216   -8.511  -9.055  1.00 20.69 ? 67  ASP A CA  1 
ATOM   386 C  C   . ASP A 1 67  ? 5.012   -8.460  -9.983  1.00 20.99 ? 67  ASP A C   1 
ATOM   387 O  O   . ASP A 1 67  ? 4.599   -7.383  -10.396 1.00 21.26 ? 67  ASP A O   1 
ATOM   388 C  CB  . ASP A 1 67  ? 7.442   -8.886  -9.884  1.00 20.71 ? 67  ASP A CB  1 
ATOM   389 C  CG  . ASP A 1 67  ? 8.739   -8.699  -9.132  1.00 25.36 ? 67  ASP A CG  1 
ATOM   390 O  OD1 . ASP A 1 67  ? 9.800   -9.026  -9.701  1.00 23.92 ? 67  ASP A OD1 1 
ATOM   391 O  OD2 . ASP A 1 67  ? 8.702   -8.226  -7.980  1.00 24.89 ? 67  ASP A OD2 1 
ATOM   392 N  N   . GLU A 1 68  ? 4.447   -9.619  -10.306 1.00 20.56 ? 68  GLU A N   1 
ATOM   393 C  CA  . GLU A 1 68  ? 3.311   -9.677  -11.224 1.00 23.74 ? 68  GLU A CA  1 
ATOM   394 C  C   . GLU A 1 68  ? 2.018   -9.063  -10.692 1.00 23.95 ? 68  GLU A C   1 
ATOM   395 O  O   . GLU A 1 68  ? 1.045   -8.909  -11.438 1.00 23.74 ? 68  GLU A O   1 
ATOM   396 C  CB  . GLU A 1 68  ? 3.026   -11.130 -11.623 1.00 23.33 ? 68  GLU A CB  1 
ATOM   397 C  CG  . GLU A 1 68  ? 2.788   -12.026 -10.437 1.00 28.64 ? 68  GLU A CG  1 
ATOM   398 C  CD  . GLU A 1 68  ? 4.036   -12.810 -10.038 1.00 34.59 ? 68  GLU A CD  1 
ATOM   399 O  OE1 . GLU A 1 68  ? 5.154   -12.219 -9.944  1.00 32.84 ? 68  GLU A OE1 1 
ATOM   400 O  OE2 . GLU A 1 68  ? 3.883   -14.028 -9.820  1.00 38.76 ? 68  GLU A OE2 1 
ATOM   401 N  N   . ASP A 1 69  ? 1.992   -8.735  -9.406  1.00 20.71 ? 69  ASP A N   1 
ATOM   402 C  CA  . ASP A 1 69  ? 0.802   -8.157  -8.815  1.00 19.92 ? 69  ASP A CA  1 
ATOM   403 C  C   . ASP A 1 69  ? 0.901   -6.655  -8.545  1.00 19.33 ? 69  ASP A C   1 
ATOM   404 O  O   . ASP A 1 69  ? -0.076  -6.052  -8.115  1.00 17.76 ? 69  ASP A O   1 
ATOM   405 C  CB  . ASP A 1 69  ? 0.464   -8.860  -7.503  1.00 21.24 ? 69  ASP A CB  1 
ATOM   406 C  CG  . ASP A 1 69  ? 0.053   -10.306 -7.703  1.00 26.03 ? 69  ASP A CG  1 
ATOM   407 O  OD1 . ASP A 1 69  ? -0.578  -10.623 -8.739  1.00 26.72 ? 69  ASP A OD1 1 
ATOM   408 O  OD2 . ASP A 1 69  ? 0.345   -11.125 -6.814  1.00 25.66 ? 69  ASP A OD2 1 
ATOM   409 N  N   . VAL A 1 70  ? 2.061   -6.060  -8.804  1.00 17.52 ? 70  VAL A N   1 
ATOM   410 C  CA  . VAL A 1 70  ? 2.252   -4.631  -8.538  1.00 19.53 ? 70  VAL A CA  1 
ATOM   411 C  C   . VAL A 1 70  ? 1.273   -3.706  -9.258  1.00 18.78 ? 70  VAL A C   1 
ATOM   412 O  O   . VAL A 1 70  ? 0.613   -2.870  -8.637  1.00 16.65 ? 70  VAL A O   1 
ATOM   413 C  CB  . VAL A 1 70  ? 3.693   -4.200  -8.875  1.00 21.54 ? 70  VAL A CB  1 
ATOM   414 C  CG1 . VAL A 1 70  ? 3.823   -2.669  -8.771  1.00 22.30 ? 70  VAL A CG1 1 
ATOM   415 C  CG2 . VAL A 1 70  ? 4.667   -4.895  -7.906  1.00 19.62 ? 70  VAL A CG2 1 
ATOM   416 N  N   . GLU A 1 71  ? 1.170   -3.858  -10.573 1.00 19.25 ? 71  GLU A N   1 
ATOM   417 C  CA  . GLU A 1 71  ? 0.276   -3.016  -11.356 1.00 18.93 ? 71  GLU A CA  1 
ATOM   418 C  C   . GLU A 1 71  ? -1.185  -3.058  -10.902 1.00 19.39 ? 71  GLU A C   1 
ATOM   419 O  O   . GLU A 1 71  ? -1.837  -2.014  -10.809 1.00 20.13 ? 71  GLU A O   1 
ATOM   420 C  CB  . GLU A 1 71  ? 0.385   -3.389  -12.845 1.00 20.42 ? 71  GLU A CB  1 
ATOM   421 C  CG  . GLU A 1 71  ? 1.613   -2.787  -13.506 1.00 26.52 ? 71  GLU A CG  1 
ATOM   422 C  CD  . GLU A 1 71  ? 1.687   -1.277  -13.313 1.00 28.03 ? 71  GLU A CD  1 
ATOM   423 O  OE1 . GLU A 1 71  ? 0.623   -0.629  -13.336 1.00 26.40 ? 71  GLU A OE1 1 
ATOM   424 O  OE2 . GLU A 1 71  ? 2.812   -0.741  -13.152 1.00 33.13 ? 71  GLU A OE2 1 
ATOM   425 N  N   . LYS A 1 72  ? -1.708  -4.252  -10.622 1.00 19.65 ? 72  LYS A N   1 
ATOM   426 C  CA  . LYS A 1 72  ? -3.090  -4.365  -10.169 1.00 19.45 ? 72  LYS A CA  1 
ATOM   427 C  C   . LYS A 1 72  ? -3.252  -3.600  -8.845  1.00 18.92 ? 72  LYS A C   1 
ATOM   428 O  O   . LYS A 1 72  ? -4.266  -2.968  -8.607  1.00 18.96 ? 72  LYS A O   1 
ATOM   429 C  CB  . LYS A 1 72  ? -3.471  -5.836  -9.957  1.00 23.11 ? 72  LYS A CB  1 
ATOM   430 C  CG  . LYS A 1 72  ? -4.914  -6.039  -9.564  1.00 30.91 ? 72  LYS A CG  1 
ATOM   431 C  CD  . LYS A 1 72  ? -5.850  -5.720  -10.719 1.00 36.01 ? 72  LYS A CD  1 
ATOM   432 C  CE  . LYS A 1 72  ? -7.307  -5.911  -10.311 1.00 40.39 ? 72  LYS A CE  1 
ATOM   433 N  NZ  . LYS A 1 72  ? -7.515  -7.241  -9.667  1.00 42.46 ? 72  LYS A NZ  1 
ATOM   434 N  N   . VAL A 1 73  ? -2.248  -3.672  -7.978  1.00 18.64 ? 73  VAL A N   1 
ATOM   435 C  CA  . VAL A 1 73  ? -2.332  -2.962  -6.704  1.00 17.00 ? 73  VAL A CA  1 
ATOM   436 C  C   . VAL A 1 73  ? -2.289  -1.456  -6.907  1.00 18.28 ? 73  VAL A C   1 
ATOM   437 O  O   . VAL A 1 73  ? -3.069  -0.720  -6.298  1.00 18.96 ? 73  VAL A O   1 
ATOM   438 C  CB  . VAL A 1 73  ? -1.197  -3.381  -5.759  1.00 17.98 ? 73  VAL A CB  1 
ATOM   439 C  CG1 . VAL A 1 73  ? -1.144  -2.429  -4.525  1.00 18.29 ? 73  VAL A CG1 1 
ATOM   440 C  CG2 . VAL A 1 73  ? -1.406  -4.849  -5.337  1.00 17.37 ? 73  VAL A CG2 1 
ATOM   441 N  N   . VAL A 1 74  ? -1.367  -1.003  -7.748  1.00 16.01 ? 74  VAL A N   1 
ATOM   442 C  CA  . VAL A 1 74  ? -1.223  0.426   -8.035  1.00 19.09 ? 74  VAL A CA  1 
ATOM   443 C  C   . VAL A 1 74  ? -2.536  0.951   -8.622  1.00 20.03 ? 74  VAL A C   1 
ATOM   444 O  O   . VAL A 1 74  ? -3.054  1.973   -8.179  1.00 18.84 ? 74  VAL A O   1 
ATOM   445 C  CB  . VAL A 1 74  ? -0.058  0.679   -9.040  1.00 19.21 ? 74  VAL A CB  1 
ATOM   446 C  CG1 . VAL A 1 74  ? -0.142  2.095   -9.635  1.00 20.39 ? 74  VAL A CG1 1 
ATOM   447 C  CG2 . VAL A 1 74  ? 1.287   0.478   -8.341  1.00 20.21 ? 74  VAL A CG2 1 
ATOM   448 N  N   . GLU A 1 75  ? -3.081  0.241   -9.609  1.00 18.56 ? 75  GLU A N   1 
ATOM   449 C  CA  . GLU A 1 75  ? -4.335  0.663   -10.239 1.00 21.04 ? 75  GLU A CA  1 
ATOM   450 C  C   . GLU A 1 75  ? -5.469  0.746   -9.232  1.00 20.11 ? 75  GLU A C   1 
ATOM   451 O  O   . GLU A 1 75  ? -6.268  1.684   -9.260  1.00 21.85 ? 75  GLU A O   1 
ATOM   452 C  CB  . GLU A 1 75  ? -4.731  -0.320  -11.345 1.00 24.28 ? 75  GLU A CB  1 
ATOM   453 C  CG  . GLU A 1 75  ? -3.916  -0.186  -12.612 1.00 31.35 ? 75  GLU A CG  1 
ATOM   454 C  CD  . GLU A 1 75  ? -4.241  -1.288  -13.611 1.00 32.21 ? 75  GLU A CD  1 
ATOM   455 O  OE1 . GLU A 1 75  ? -5.423  -1.679  -13.694 1.00 39.45 ? 75  GLU A OE1 1 
ATOM   456 O  OE2 . GLU A 1 75  ? -3.324  -1.762  -14.307 1.00 36.37 ? 75  GLU A OE2 1 
ATOM   457 N  N   . THR A 1 76  ? -5.539  -0.246  -8.353  1.00 19.57 ? 76  THR A N   1 
ATOM   458 C  CA  . THR A 1 76  ? -6.590  -0.287  -7.337  1.00 21.09 ? 76  THR A CA  1 
ATOM   459 C  C   . THR A 1 76  ? -6.480  0.900   -6.373  1.00 20.62 ? 76  THR A C   1 
ATOM   460 O  O   . THR A 1 76  ? -7.478  1.540   -6.031  1.00 19.97 ? 76  THR A O   1 
ATOM   461 C  CB  . THR A 1 76  ? -6.539  -1.625  -6.565  1.00 23.43 ? 76  THR A CB  1 
ATOM   462 O  OG1 . THR A 1 76  ? -6.811  -2.709  -7.470  1.00 23.64 ? 76  THR A OG1 1 
ATOM   463 C  CG2 . THR A 1 76  ? -7.563  -1.649  -5.424  1.00 23.58 ? 76  THR A CG2 1 
ATOM   464 N  N   . ILE A 1 77  ? -5.267  1.211   -5.936  1.00 20.31 ? 77  ILE A N   1 
ATOM   465 C  CA  . ILE A 1 77  ? -5.081  2.344   -5.032  1.00 18.49 ? 77  ILE A CA  1 
ATOM   466 C  C   . ILE A 1 77  ? -5.417  3.670   -5.722  1.00 19.83 ? 77  ILE A C   1 
ATOM   467 O  O   . ILE A 1 77  ? -6.113  4.515   -5.158  1.00 20.82 ? 77  ILE A O   1 
ATOM   468 C  CB  . ILE A 1 77  ? -3.622  2.374   -4.496  1.00 18.04 ? 77  ILE A CB  1 
ATOM   469 C  CG1 . ILE A 1 77  ? -3.382  1.082   -3.704  1.00 18.96 ? 77  ILE A CG1 1 
ATOM   470 C  CG2 . ILE A 1 77  ? -3.369  3.652   -3.639  1.00 18.42 ? 77  ILE A CG2 1 
ATOM   471 C  CD1 . ILE A 1 77  ? -1.983  0.919   -3.162  1.00 19.16 ? 77  ILE A CD1 1 
ATOM   472 N  N   . VAL A 1 78  ? -4.928  3.857   -6.944  1.00 18.07 ? 78  VAL A N   1 
ATOM   473 C  CA  . VAL A 1 78  ? -5.211  5.090   -7.665  1.00 21.38 ? 78  VAL A CA  1 
ATOM   474 C  C   . VAL A 1 78  ? -6.724  5.281   -7.831  1.00 22.82 ? 78  VAL A C   1 
ATOM   475 O  O   . VAL A 1 78  ? -7.257  6.352   -7.551  1.00 21.29 ? 78  VAL A O   1 
ATOM   476 C  CB  . VAL A 1 78  ? -4.549  5.097   -9.073  1.00 20.99 ? 78  VAL A CB  1 
ATOM   477 C  CG1 . VAL A 1 78  ? -5.006  6.332   -9.848  1.00 22.71 ? 78  VAL A CG1 1 
ATOM   478 C  CG2 . VAL A 1 78  ? -3.008  5.083   -8.949  1.00 19.85 ? 78  VAL A CG2 1 
ATOM   479 N  N   . LYS A 1 79  ? -7.409  4.235   -8.282  1.00 23.47 ? 79  LYS A N   1 
ATOM   480 C  CA  . LYS A 1 79  ? -8.846  4.331   -8.506  1.00 26.69 ? 79  LYS A CA  1 
ATOM   481 C  C   . LYS A 1 79  ? -9.653  4.584   -7.253  1.00 25.87 ? 79  LYS A C   1 
ATOM   482 O  O   . LYS A 1 79  ? -10.620 5.334   -7.285  1.00 25.53 ? 79  LYS A O   1 
ATOM   483 C  CB  . LYS A 1 79  ? -9.373  3.063   -9.178  1.00 29.52 ? 79  LYS A CB  1 
ATOM   484 C  CG  . LYS A 1 79  ? -8.785  2.824   -10.556 1.00 37.30 ? 79  LYS A CG  1 
ATOM   485 C  CD  . LYS A 1 79  ? -9.339  1.552   -11.193 1.00 43.34 ? 79  LYS A CD  1 
ATOM   486 C  CE  . LYS A 1 79  ? -8.713  1.332   -12.568 1.00 46.72 ? 79  LYS A CE  1 
ATOM   487 N  NZ  . LYS A 1 79  ? -9.210  0.103   -13.233 1.00 51.01 ? 79  LYS A NZ  1 
ATOM   488 N  N   . THR A 1 80  ? -9.247  3.968   -6.148  1.00 23.66 ? 80  THR A N   1 
ATOM   489 C  CA  . THR A 1 80  ? -9.982  4.110   -4.895  1.00 26.02 ? 80  THR A CA  1 
ATOM   490 C  C   . THR A 1 80  ? -9.623  5.346   -4.069  1.00 25.02 ? 80  THR A C   1 
ATOM   491 O  O   . THR A 1 80  ? -10.485 5.897   -3.376  1.00 27.14 ? 80  THR A O   1 
ATOM   492 C  CB  . THR A 1 80  ? -9.793  2.844   -4.020  1.00 26.65 ? 80  THR A CB  1 
ATOM   493 O  OG1 . THR A 1 80  ? -10.149 1.681   -4.783  1.00 34.08 ? 80  THR A OG1 1 
ATOM   494 C  CG2 . THR A 1 80  ? -10.691 2.892   -2.809  1.00 25.97 ? 80  THR A CG2 1 
ATOM   495 N  N   . ALA A 1 81  ? -8.366  5.783   -4.146  1.00 21.00 ? 81  ALA A N   1 
ATOM   496 C  CA  . ALA A 1 81  ? -7.895  6.935   -3.364  1.00 22.60 ? 81  ALA A CA  1 
ATOM   497 C  C   . ALA A 1 81  ? -8.018  8.293   -4.031  1.00 23.88 ? 81  ALA A C   1 
ATOM   498 O  O   . ALA A 1 81  ? -7.946  9.322   -3.370  1.00 24.34 ? 81  ALA A O   1 
ATOM   499 C  CB  . ALA A 1 81  ? -6.421  6.713   -2.945  1.00 20.15 ? 81  ALA A CB  1 
ATOM   500 N  N   . GLN A 1 82  ? -8.185  8.291   -5.344  1.00 23.96 ? 82  GLN A N   1 
ATOM   501 C  CA  . GLN A 1 82  ? -8.280  9.516   -6.125  1.00 27.75 ? 82  GLN A CA  1 
ATOM   502 C  C   . GLN A 1 82  ? -9.544  10.324  -5.811  1.00 27.49 ? 82  GLN A C   1 
ATOM   503 O  O   . GLN A 1 82  ? -10.588 9.754   -5.508  1.00 30.99 ? 82  GLN A O   1 
ATOM   504 C  CB  . GLN A 1 82  ? -8.282  9.121   -7.602  1.00 28.94 ? 82  GLN A CB  1 
ATOM   505 C  CG  . GLN A 1 82  ? -8.105  10.221  -8.602  1.00 37.65 ? 82  GLN A CG  1 
ATOM   506 C  CD  . GLN A 1 82  ? -8.044  9.657   -10.009 1.00 40.11 ? 82  GLN A CD  1 
ATOM   507 O  OE1 . GLN A 1 82  ? -9.068  9.303   -10.591 1.00 44.50 ? 82  GLN A OE1 1 
ATOM   508 N  NE2 . GLN A 1 82  ? -6.837  9.542   -10.548 1.00 42.56 ? 82  GLN A NE2 1 
ATOM   509 N  N   . THR A 1 83  ? -9.432  11.644  -5.858  1.00 29.09 ? 83  THR A N   1 
ATOM   510 C  CA  . THR A 1 83  ? -10.596 12.519  -5.673  1.00 31.99 ? 83  THR A CA  1 
ATOM   511 C  C   . THR A 1 83  ? -10.522 13.536  -6.807  1.00 33.69 ? 83  THR A C   1 
ATOM   512 O  O   . THR A 1 83  ? -11.519 14.159  -7.167  1.00 36.09 ? 83  THR A O   1 
ATOM   513 C  CB  . THR A 1 83  ? -10.595 13.287  -4.324  1.00 28.12 ? 83  THR A CB  1 
ATOM   514 O  OG1 . THR A 1 83  ? -9.507  14.213  -4.292  1.00 28.91 ? 83  THR A OG1 1 
ATOM   515 C  CG2 . THR A 1 83  ? -10.500 12.332  -3.153  1.00 29.84 ? 83  THR A CG2 1 
ATOM   516 N  N   . GLY A 1 84  ? -9.325  13.687  -7.364  1.00 35.23 ? 84  GLY A N   1 
ATOM   517 C  CA  . GLY A 1 84  ? -9.105  14.619  -8.453  1.00 36.91 ? 84  GLY A CA  1 
ATOM   518 C  C   . GLY A 1 84  ? -8.623  15.957  -7.939  1.00 37.33 ? 84  GLY A C   1 
ATOM   519 O  O   . GLY A 1 84  ? -8.240  16.833  -8.719  1.00 38.76 ? 84  GLY A O   1 
ATOM   520 N  N   . ARG A 1 85  ? -8.637  16.103  -6.616  1.00 36.54 ? 85  ARG A N   1 
ATOM   521 C  CA  . ARG A 1 85  ? -8.224  17.331  -5.945  1.00 36.88 ? 85  ARG A CA  1 
ATOM   522 C  C   . ARG A 1 85  ? -6.765  17.248  -5.511  1.00 36.33 ? 85  ARG A C   1 
ATOM   523 O  O   . ARG A 1 85  ? -6.220  16.157  -5.350  1.00 33.84 ? 85  ARG A O   1 
ATOM   524 C  CB  . ARG A 1 85  ? -9.086  17.561  -4.699  1.00 40.20 ? 85  ARG A CB  1 
ATOM   525 C  CG  . ARG A 1 85  ? -10.587 17.633  -4.944  1.00 43.42 ? 85  ARG A CG  1 
ATOM   526 C  CD  . ARG A 1 85  ? -10.983 18.952  -5.586  1.00 49.40 ? 85  ARG A CD  1 
ATOM   527 N  NE  . ARG A 1 85  ? -12.435 19.128  -5.628  1.00 54.64 ? 85  ARG A NE  1 
ATOM   528 C  CZ  . ARG A 1 85  ? -13.274 18.335  -6.290  1.00 56.51 ? 85  ARG A CZ  1 
ATOM   529 N  NH1 . ARG A 1 85  ? -12.814 17.296  -6.978  1.00 58.71 ? 85  ARG A NH1 1 
ATOM   530 N  NH2 . ARG A 1 85  ? -14.579 18.581  -6.265  1.00 56.25 ? 85  ARG A NH2 1 
ATOM   531 N  N   . VAL A 1 86  ? -6.151  18.404  -5.291  1.00 33.87 ? 86  VAL A N   1 
ATOM   532 C  CA  . VAL A 1 86  ? -4.755  18.467  -4.871  1.00 34.39 ? 86  VAL A CA  1 
ATOM   533 C  C   . VAL A 1 86  ? -4.541  17.810  -3.509  1.00 32.83 ? 86  VAL A C   1 
ATOM   534 O  O   . VAL A 1 86  ? -5.386  17.907  -2.618  1.00 32.26 ? 86  VAL A O   1 
ATOM   535 C  CB  . VAL A 1 86  ? -4.264  19.922  -4.797  1.00 35.40 ? 86  VAL A CB  1 
ATOM   536 C  CG1 . VAL A 1 86  ? -2.828  19.966  -4.281  1.00 36.02 ? 86  VAL A CG1 1 
ATOM   537 C  CG2 . VAL A 1 86  ? -4.357  20.564  -6.174  1.00 38.08 ? 86  VAL A CG2 1 
ATOM   538 N  N   . GLY A 1 87  ? -3.404  17.138  -3.364  1.00 28.62 ? 87  GLY A N   1 
ATOM   539 C  CA  . GLY A 1 87  ? -3.085  16.473  -2.111  1.00 28.13 ? 87  GLY A CA  1 
ATOM   540 C  C   . GLY A 1 87  ? -3.515  15.017  -2.046  1.00 26.37 ? 87  GLY A C   1 
ATOM   541 O  O   . GLY A 1 87  ? -3.432  14.406  -0.972  1.00 25.68 ? 87  GLY A O   1 
ATOM   542 N  N   . ASP A 1 88  ? -3.981  14.458  -3.167  1.00 22.58 ? 88  ASP A N   1 
ATOM   543 C  CA  . ASP A 1 88  ? -4.430  13.064  -3.194  1.00 21.86 ? 88  ASP A CA  1 
ATOM   544 C  C   . ASP A 1 88  ? -3.301  12.111  -2.796  1.00 19.90 ? 88  ASP A C   1 
ATOM   545 O  O   . ASP A 1 88  ? -3.557  10.993  -2.377  1.00 20.52 ? 88  ASP A O   1 
ATOM   546 C  CB  . ASP A 1 88  ? -4.953  12.671  -4.581  1.00 21.30 ? 88  ASP A CB  1 
ATOM   547 C  CG  . ASP A 1 88  ? -6.431  13.010  -4.778  1.00 26.33 ? 88  ASP A CG  1 
ATOM   548 O  OD1 . ASP A 1 88  ? -7.085  13.504  -3.821  1.00 25.62 ? 88  ASP A OD1 1 
ATOM   549 O  OD2 . ASP A 1 88  ? -6.943  12.761  -5.890  1.00 23.22 ? 88  ASP A OD2 1 
ATOM   550 N  N   . GLY A 1 89  ? -2.057  12.548  -2.947  1.00 20.12 ? 89  GLY A N   1 
ATOM   551 C  CA  . GLY A 1 89  ? -0.949  11.687  -2.559  1.00 19.78 ? 89  GLY A CA  1 
ATOM   552 C  C   . GLY A 1 89  ? -0.183  10.987  -3.669  1.00 19.63 ? 89  GLY A C   1 
ATOM   553 O  O   . GLY A 1 89  ? -0.413  11.222  -4.859  1.00 17.84 ? 89  GLY A O   1 
ATOM   554 N  N   . LYS A 1 90  ? 0.718   10.091  -3.266  1.00 17.67 ? 90  LYS A N   1 
ATOM   555 C  CA  . LYS A 1 90  ? 1.561   9.395   -4.224  1.00 17.06 ? 90  LYS A CA  1 
ATOM   556 C  C   . LYS A 1 90  ? 1.791   7.943   -3.843  1.00 13.92 ? 90  LYS A C   1 
ATOM   557 O  O   . LYS A 1 90  ? 1.491   7.525   -2.726  1.00 13.96 ? 90  LYS A O   1 
ATOM   558 C  CB  . LYS A 1 90  ? 2.920   10.099  -4.317  1.00 20.89 ? 90  LYS A CB  1 
ATOM   559 C  CG  . LYS A 1 90  ? 2.865   11.625  -4.606  1.00 24.35 ? 90  LYS A CG  1 
ATOM   560 C  CD  . LYS A 1 90  ? 4.204   12.098  -5.140  1.00 30.38 ? 90  LYS A CD  1 
ATOM   561 C  CE  . LYS A 1 90  ? 4.330   13.612  -5.167  1.00 30.97 ? 90  LYS A CE  1 
ATOM   562 N  NZ  . LYS A 1 90  ? 3.190   14.255  -5.849  1.00 32.13 ? 90  LYS A NZ  1 
ATOM   563 N  N   . ILE A 1 91  ? 2.333   7.185   -4.786  1.00 13.48 ? 91  ILE A N   1 
ATOM   564 C  CA  . ILE A 1 91  ? 2.639   5.779   -4.579  1.00 12.81 ? 91  ILE A CA  1 
ATOM   565 C  C   . ILE A 1 91  ? 4.078   5.557   -5.029  1.00 14.39 ? 91  ILE A C   1 
ATOM   566 O  O   . ILE A 1 91  ? 4.458   5.991   -6.107  1.00 15.91 ? 91  ILE A O   1 
ATOM   567 C  CB  . ILE A 1 91  ? 1.731   4.865   -5.436  1.00 13.60 ? 91  ILE A CB  1 
ATOM   568 C  CG1 . ILE A 1 91  ? 0.249   5.101   -5.083  1.00 15.21 ? 91  ILE A CG1 1 
ATOM   569 C  CG2 . ILE A 1 91  ? 2.140   3.416   -5.237  1.00 14.17 ? 91  ILE A CG2 1 
ATOM   570 C  CD1 . ILE A 1 91  ? -0.723  4.340   -5.984  1.00 14.77 ? 91  ILE A CD1 1 
ATOM   571 N  N   . PHE A 1 92  ? 4.880   4.897   -4.193  1.00 14.04 ? 92  PHE A N   1 
ATOM   572 C  CA  . PHE A 1 92  ? 6.264   4.618   -4.552  1.00 14.59 ? 92  PHE A CA  1 
ATOM   573 C  C   . PHE A 1 92  ? 6.415   3.101   -4.677  1.00 15.83 ? 92  PHE A C   1 
ATOM   574 O  O   . PHE A 1 92  ? 5.878   2.356   -3.861  1.00 15.35 ? 92  PHE A O   1 
ATOM   575 C  CB  . PHE A 1 92  ? 7.253   5.105   -3.465  1.00 15.61 ? 92  PHE A CB  1 
ATOM   576 C  CG  . PHE A 1 92  ? 7.011   6.525   -2.981  1.00 17.99 ? 92  PHE A CG  1 
ATOM   577 C  CD1 . PHE A 1 92  ? 6.738   7.554   -3.870  1.00 14.98 ? 92  PHE A CD1 1 
ATOM   578 C  CD2 . PHE A 1 92  ? 7.124   6.828   -1.623  1.00 19.09 ? 92  PHE A CD2 1 
ATOM   579 C  CE1 . PHE A 1 92  ? 6.578   8.882   -3.412  1.00 21.81 ? 92  PHE A CE1 1 
ATOM   580 C  CE2 . PHE A 1 92  ? 6.970   8.145   -1.161  1.00 20.39 ? 92  PHE A CE2 1 
ATOM   581 C  CZ  . PHE A 1 92  ? 6.697   9.166   -2.050  1.00 19.06 ? 92  PHE A CZ  1 
ATOM   582 N  N   . ILE A 1 93  ? 7.137   2.644   -5.703  1.00 15.25 ? 93  ILE A N   1 
ATOM   583 C  CA  . ILE A 1 93  ? 7.385   1.223   -5.890  1.00 14.62 ? 93  ILE A CA  1 
ATOM   584 C  C   . ILE A 1 93  ? 8.865   1.103   -5.572  1.00 12.67 ? 93  ILE A C   1 
ATOM   585 O  O   . ILE A 1 93  ? 9.702   1.722   -6.225  1.00 14.95 ? 93  ILE A O   1 
ATOM   586 C  CB  . ILE A 1 93  ? 7.130   0.774   -7.352  1.00 16.29 ? 93  ILE A CB  1 
ATOM   587 C  CG1 . ILE A 1 93  ? 5.697   1.128   -7.757  1.00 18.26 ? 93  ILE A CG1 1 
ATOM   588 C  CG2 . ILE A 1 93  ? 7.389   -0.716  -7.477  1.00 19.14 ? 93  ILE A CG2 1 
ATOM   589 C  CD1 . ILE A 1 93  ? 4.593   0.514   -6.862  1.00 21.48 ? 93  ILE A CD1 1 
ATOM   590 N  N   . ILE A 1 94  ? 9.168   0.314   -4.550  1.00 14.48 ? 94  ILE A N   1 
ATOM   591 C  CA  . ILE A 1 94  ? 10.530  0.148   -4.023  1.00 14.89 ? 94  ILE A CA  1 
ATOM   592 C  C   . ILE A 1 94  ? 10.921  -1.328  -4.067  1.00 14.36 ? 94  ILE A C   1 
ATOM   593 O  O   . ILE A 1 94  ? 10.156  -2.180  -3.651  1.00 15.91 ? 94  ILE A O   1 
ATOM   594 C  CB  . ILE A 1 94  ? 10.540  0.670   -2.538  1.00 16.19 ? 94  ILE A CB  1 
ATOM   595 C  CG1 . ILE A 1 94  ? 10.304  2.186   -2.527  1.00 16.86 ? 94  ILE A CG1 1 
ATOM   596 C  CG2 . ILE A 1 94  ? 11.844  0.342   -1.819  1.00 13.74 ? 94  ILE A CG2 1 
ATOM   597 C  CD1 . ILE A 1 94  ? 9.814   2.724   -1.168  1.00 17.81 ? 94  ILE A CD1 1 
ATOM   598 N  N   . PRO A 1 95  ? 12.116  -1.651  -4.584  1.00 14.20 ? 95  PRO A N   1 
ATOM   599 C  CA  . PRO A 1 95  ? 12.492  -3.068  -4.618  1.00 16.41 ? 95  PRO A CA  1 
ATOM   600 C  C   . PRO A 1 95  ? 12.693  -3.665  -3.224  1.00 15.40 ? 95  PRO A C   1 
ATOM   601 O  O   . PRO A 1 95  ? 13.156  -2.998  -2.301  1.00 14.60 ? 95  PRO A O   1 
ATOM   602 C  CB  . PRO A 1 95  ? 13.803  -3.065  -5.419  1.00 17.17 ? 95  PRO A CB  1 
ATOM   603 C  CG  . PRO A 1 95  ? 14.391  -1.741  -5.093  1.00 19.28 ? 95  PRO A CG  1 
ATOM   604 C  CD  . PRO A 1 95  ? 13.183  -0.808  -5.153  1.00 16.51 ? 95  PRO A CD  1 
ATOM   605 N  N   . VAL A 1 96  ? 12.317  -4.927  -3.095  1.00 13.02 ? 96  VAL A N   1 
ATOM   606 C  CA  . VAL A 1 96  ? 12.482  -5.694  -1.867  1.00 14.25 ? 96  VAL A CA  1 
ATOM   607 C  C   . VAL A 1 96  ? 13.271  -6.941  -2.270  1.00 17.03 ? 96  VAL A C   1 
ATOM   608 O  O   . VAL A 1 96  ? 12.872  -7.659  -3.183  1.00 21.23 ? 96  VAL A O   1 
ATOM   609 C  CB  . VAL A 1 96  ? 11.102  -6.071  -1.281  1.00 15.58 ? 96  VAL A CB  1 
ATOM   610 C  CG1 . VAL A 1 96  ? 11.231  -7.148  -0.222  1.00 17.15 ? 96  VAL A CG1 1 
ATOM   611 C  CG2 . VAL A 1 96  ? 10.477  -4.803  -0.658  1.00 13.13 ? 96  VAL A CG2 1 
ATOM   612 N  N   . GLU A 1 97  ? 14.407  -7.166  -1.626  1.00 18.81 ? 97  GLU A N   1 
ATOM   613 C  CA  . GLU A 1 97  ? 15.224  -8.335  -1.939  1.00 19.83 ? 97  GLU A CA  1 
ATOM   614 C  C   . GLU A 1 97  ? 14.749  -9.602  -1.242  1.00 20.85 ? 97  GLU A C   1 
ATOM   615 O  O   . GLU A 1 97  ? 15.034  -10.717 -1.689  1.00 20.25 ? 97  GLU A O   1 
ATOM   616 C  CB  . GLU A 1 97  ? 16.687  -7.996  -1.653  1.00 21.54 ? 97  GLU A CB  1 
ATOM   617 C  CG  . GLU A 1 97  ? 17.128  -6.944  -2.682  1.00 25.57 ? 97  GLU A CG  1 
ATOM   618 C  CD  . GLU A 1 97  ? 18.518  -6.408  -2.474  1.00 30.01 ? 97  GLU A CD  1 
ATOM   619 O  OE1 . GLU A 1 97  ? 19.199  -6.836  -1.520  1.00 33.47 ? 97  GLU A OE1 1 
ATOM   620 O  OE2 . GLU A 1 97  ? 18.917  -5.549  -3.281  1.00 32.49 ? 97  GLU A OE2 1 
ATOM   621 N  N   . ASP A 1 98  ? 14.012  -9.440  -0.153  1.00 18.02 ? 98  ASP A N   1 
ATOM   622 C  CA  . ASP A 1 98  ? 13.430  -10.589 0.529   1.00 18.07 ? 98  ASP A CA  1 
ATOM   623 C  C   . ASP A 1 98  ? 12.449  -10.152 1.590   1.00 17.89 ? 98  ASP A C   1 
ATOM   624 O  O   . ASP A 1 98  ? 12.507  -9.019  2.065   1.00 14.60 ? 98  ASP A O   1 
ATOM   625 C  CB  . ASP A 1 98  ? 14.477  -11.489 1.176   1.00 21.95 ? 98  ASP A CB  1 
ATOM   626 C  CG  . ASP A 1 98  ? 13.961  -12.927 1.357   1.00 27.54 ? 98  ASP A CG  1 
ATOM   627 O  OD1 . ASP A 1 98  ? 12.964  -13.297 0.689   1.00 29.46 ? 98  ASP A OD1 1 
ATOM   628 O  OD2 . ASP A 1 98  ? 14.555  -13.678 2.146   1.00 33.59 ? 98  ASP A OD2 1 
ATOM   629 N  N   . VAL A 1 99  ? 11.544  -11.070 1.919   1.00 18.30 ? 99  VAL A N   1 
ATOM   630 C  CA  . VAL A 1 99  ? 10.519  -10.877 2.939   1.00 18.56 ? 99  VAL A CA  1 
ATOM   631 C  C   . VAL A 1 99  ? 10.580  -12.133 3.808   1.00 18.17 ? 99  VAL A C   1 
ATOM   632 O  O   . VAL A 1 99  ? 10.754  -13.255 3.299   1.00 18.73 ? 99  VAL A O   1 
ATOM   633 C  CB  . VAL A 1 99  ? 9.120   -10.759 2.290   1.00 19.24 ? 99  VAL A CB  1 
ATOM   634 C  CG1 . VAL A 1 99  ? 8.045   -10.557 3.347   1.00 18.10 ? 99  VAL A CG1 1 
ATOM   635 C  CG2 . VAL A 1 99  ? 9.116   -9.597  1.312   1.00 25.22 ? 99  VAL A CG2 1 
ATOM   636 N  N   . ILE A 1 100 ? 10.457  -11.949 5.113   1.00 17.13 ? 100 ILE A N   1 
ATOM   637 C  CA  . ILE A 1 100 ? 10.494  -13.077 6.038   1.00 16.41 ? 100 ILE A CA  1 
ATOM   638 C  C   . ILE A 1 100 ? 9.273   -13.006 6.942   1.00 17.87 ? 100 ILE A C   1 
ATOM   639 O  O   . ILE A 1 100 ? 8.934   -11.939 7.466   1.00 18.37 ? 100 ILE A O   1 
ATOM   640 C  CB  . ILE A 1 100 ? 11.785  -13.056 6.918   1.00 16.48 ? 100 ILE A CB  1 
ATOM   641 C  CG1 . ILE A 1 100 ? 13.028  -13.110 6.029   1.00 18.34 ? 100 ILE A CG1 1 
ATOM   642 C  CG2 . ILE A 1 100 ? 11.781  -14.230 7.908   1.00 17.11 ? 100 ILE A CG2 1 
ATOM   643 C  CD1 . ILE A 1 100 ? 13.579  -11.723 5.687   1.00 20.78 ? 100 ILE A CD1 1 
ATOM   644 N  N   . ARG A 1 101 ? 8.575   -14.132 7.084   1.00 17.82 ? 101 ARG A N   1 
ATOM   645 C  CA  . ARG A 1 101 ? 7.409   -14.189 7.953   1.00 18.62 ? 101 ARG A CA  1 
ATOM   646 C  C   . ARG A 1 101 ? 7.938   -14.557 9.336   1.00 19.05 ? 101 ARG A C   1 
ATOM   647 O  O   . ARG A 1 101 ? 8.508   -15.635 9.530   1.00 19.01 ? 101 ARG A O   1 
ATOM   648 C  CB  . ARG A 1 101 ? 6.409   -15.238 7.459   1.00 19.22 ? 101 ARG A CB  1 
ATOM   649 C  CG  . ARG A 1 101 ? 5.068   -15.178 8.193   1.00 23.39 ? 101 ARG A CG  1 
ATOM   650 C  CD  . ARG A 1 101 ? 4.174   -16.358 7.851   1.00 23.97 ? 101 ARG A CD  1 
ATOM   651 N  NE  . ARG A 1 101 ? 3.846   -16.443 6.430   1.00 25.96 ? 101 ARG A NE  1 
ATOM   652 C  CZ  . ARG A 1 101 ? 2.982   -15.655 5.797   1.00 29.64 ? 101 ARG A CZ  1 
ATOM   653 N  NH1 . ARG A 1 101 ? 2.339   -14.688 6.450   1.00 31.52 ? 101 ARG A NH1 1 
ATOM   654 N  NH2 . ARG A 1 101 ? 2.734   -15.862 4.507   1.00 32.28 ? 101 ARG A NH2 1 
ATOM   655 N  N   . ILE A 1 102 ? 7.776   -13.649 10.297  1.00 15.47 ? 102 ILE A N   1 
ATOM   656 C  CA  . ILE A 1 102 ? 8.292   -13.879 11.634  1.00 16.32 ? 102 ILE A CA  1 
ATOM   657 C  C   . ILE A 1 102 ? 7.746   -15.129 12.326  1.00 17.93 ? 102 ILE A C   1 
ATOM   658 O  O   . ILE A 1 102 ? 8.488   -15.855 12.994  1.00 21.30 ? 102 ILE A O   1 
ATOM   659 C  CB  . ILE A 1 102 ? 8.030   -12.632 12.537  1.00 18.33 ? 102 ILE A CB  1 
ATOM   660 C  CG1 . ILE A 1 102 ? 8.780   -11.425 11.952  1.00 16.21 ? 102 ILE A CG1 1 
ATOM   661 C  CG2 . ILE A 1 102 ? 8.462   -12.921 13.989  1.00 21.06 ? 102 ILE A CG2 1 
ATOM   662 C  CD1 . ILE A 1 102 ? 8.563   -10.124 12.731  1.00 14.59 ? 102 ILE A CD1 1 
ATOM   663 N  N   . ARG A 1 103 ? 6.462   -15.394 12.154  1.00 19.24 ? 103 ARG A N   1 
ATOM   664 C  CA  . ARG A 1 103 ? 5.843   -16.547 12.803  1.00 23.07 ? 103 ARG A CA  1 
ATOM   665 C  C   . ARG A 1 103 ? 6.456   -17.900 12.444  1.00 25.11 ? 103 ARG A C   1 
ATOM   666 O  O   . ARG A 1 103 ? 6.604   -18.785 13.296  1.00 23.03 ? 103 ARG A O   1 
ATOM   667 C  CB  . ARG A 1 103 ? 4.346   -16.587 12.459  1.00 25.69 ? 103 ARG A CB  1 
ATOM   668 C  CG  . ARG A 1 103 ? 3.566   -17.713 13.144  1.00 32.55 ? 103 ARG A CG  1 
ATOM   669 C  CD  . ARG A 1 103 ? 2.118   -17.747 12.669  1.00 33.09 ? 103 ARG A CD  1 
ATOM   670 N  NE  . ARG A 1 103 ? 2.041   -18.000 11.233  1.00 39.80 ? 103 ARG A NE  1 
ATOM   671 C  CZ  . ARG A 1 103 ? 0.913   -18.114 10.544  1.00 43.04 ? 103 ARG A CZ  1 
ATOM   672 N  NH1 . ARG A 1 103 ? -0.260  -18.003 11.157  1.00 49.42 ? 103 ARG A NH1 1 
ATOM   673 N  NH2 . ARG A 1 103 ? 0.952   -18.331 9.239   1.00 45.65 ? 103 ARG A NH2 1 
ATOM   674 N  N   . THR A 1 104 ? 6.846   -18.042 11.185  1.00 24.57 ? 104 THR A N   1 
ATOM   675 C  CA  . THR A 1 104 ? 7.346   -19.312 10.679  1.00 24.15 ? 104 THR A CA  1 
ATOM   676 C  C   . THR A 1 104 ? 8.764   -19.347 10.135  1.00 23.05 ? 104 THR A C   1 
ATOM   677 O  O   . THR A 1 104 ? 9.343   -20.430 9.982   1.00 23.94 ? 104 THR A O   1 
ATOM   678 C  CB  . THR A 1 104 ? 6.445   -19.779 9.529   1.00 23.50 ? 104 THR A CB  1 
ATOM   679 O  OG1 . THR A 1 104 ? 6.513   -18.809 8.479   1.00 23.66 ? 104 THR A OG1 1 
ATOM   680 C  CG2 . THR A 1 104 ? 4.993   -19.895 9.972   1.00 26.81 ? 104 THR A CG2 1 
ATOM   681 N  N   . GLY A 1 105 ? 9.319   -18.185 9.803   1.00 19.97 ? 105 GLY A N   1 
ATOM   682 C  CA  . GLY A 1 105 ? 10.646  -18.183 9.210   1.00 20.01 ? 105 GLY A CA  1 
ATOM   683 C  C   . GLY A 1 105 ? 10.568  -18.395 7.693   1.00 18.31 ? 105 GLY A C   1 
ATOM   684 O  O   . GLY A 1 105 ? 11.609  -18.472 7.024   1.00 21.37 ? 105 GLY A O   1 
ATOM   685 N  N   . GLU A 1 106 ? 9.353   -18.489 7.145   1.00 18.90 ? 106 GLU A N   1 
ATOM   686 C  CA  . GLU A 1 106 ? 9.167   -18.645 5.696   1.00 19.56 ? 106 GLU A CA  1 
ATOM   687 C  C   . GLU A 1 106 ? 9.677   -17.367 5.040   1.00 20.19 ? 106 GLU A C   1 
ATOM   688 O  O   . GLU A 1 106 ? 9.630   -16.295 5.657   1.00 18.59 ? 106 GLU A O   1 
ATOM   689 C  CB  . GLU A 1 106 ? 7.683   -18.797 5.327   1.00 22.36 ? 106 GLU A CB  1 
ATOM   690 C  CG  . GLU A 1 106 ? 7.011   -20.070 5.809   1.00 25.55 ? 106 GLU A CG  1 
ATOM   691 C  CD  . GLU A 1 106 ? 5.507   -19.999 5.653   1.00 30.74 ? 106 GLU A CD  1 
ATOM   692 O  OE1 . GLU A 1 106 ? 4.955   -20.716 4.793   1.00 27.31 ? 106 GLU A OE1 1 
ATOM   693 O  OE2 . GLU A 1 106 ? 4.871   -19.206 6.386   1.00 26.80 ? 106 GLU A OE2 1 
ATOM   694 N  N   . ARG A 1 107 ? 10.177  -17.484 3.809   1.00 17.59 ? 107 ARG A N   1 
ATOM   695 C  CA  . ARG A 1 107 ? 10.678  -16.333 3.069   1.00 18.54 ? 107 ARG A CA  1 
ATOM   696 C  C   . ARG A 1 107 ? 10.078  -16.260 1.664   1.00 19.18 ? 107 ARG A C   1 
ATOM   697 O  O   . ARG A 1 107 ? 9.358   -17.163 1.229   1.00 21.16 ? 107 ARG A O   1 
ATOM   698 C  CB  . ARG A 1 107 ? 12.205  -16.391 2.958   1.00 19.10 ? 107 ARG A CB  1 
ATOM   699 C  CG  . ARG A 1 107 ? 12.896  -16.518 4.289   1.00 18.67 ? 107 ARG A CG  1 
ATOM   700 C  CD  . ARG A 1 107 ? 14.320  -16.015 4.170   1.00 20.38 ? 107 ARG A CD  1 
ATOM   701 N  NE  . ARG A 1 107 ? 15.050  -16.231 5.403   1.00 22.29 ? 107 ARG A NE  1 
ATOM   702 C  CZ  . ARG A 1 107 ? 16.224  -15.676 5.662   1.00 22.94 ? 107 ARG A CZ  1 
ATOM   703 N  NH1 . ARG A 1 107 ? 16.771  -14.869 4.769   1.00 23.82 ? 107 ARG A NH1 1 
ATOM   704 N  NH2 . ARG A 1 107 ? 16.852  -15.949 6.795   1.00 24.48 ? 107 ARG A NH2 1 
ATOM   705 N  N   . GLY A 1 108 ? 10.383  -15.187 0.950   1.00 21.50 ? 108 GLY A N   1 
ATOM   706 C  CA  . GLY A 1 108 ? 9.877   -15.039 -0.407  1.00 22.69 ? 108 GLY A CA  1 
ATOM   707 C  C   . GLY A 1 108 ? 8.380   -15.201 -0.598  1.00 25.58 ? 108 GLY A C   1 
ATOM   708 O  O   . GLY A 1 108 ? 7.572   -14.713 0.202   1.00 22.79 ? 108 GLY A O   1 
ATOM   709 N  N   . GLU A 1 109 ? 7.998   -15.885 -1.677  1.00 25.69 ? 109 GLU A N   1 
ATOM   710 C  CA  . GLU A 1 109 ? 6.583   -16.104 -1.990  1.00 29.73 ? 109 GLU A CA  1 
ATOM   711 C  C   . GLU A 1 109 ? 5.833   -16.730 -0.827  1.00 29.40 ? 109 GLU A C   1 
ATOM   712 O  O   . GLU A 1 109 ? 4.634   -16.523 -0.669  1.00 31.69 ? 109 GLU A O   1 
ATOM   713 C  CB  . GLU A 1 109 ? 6.414   -17.035 -3.201  1.00 36.23 ? 109 GLU A CB  1 
ATOM   714 C  CG  . GLU A 1 109 ? 6.932   -16.510 -4.525  1.00 41.26 ? 109 GLU A CG  1 
ATOM   715 C  CD  . GLU A 1 109 ? 8.431   -16.306 -4.530  1.00 44.43 ? 109 GLU A CD  1 
ATOM   716 O  OE1 . GLU A 1 109 ? 9.120   -16.922 -3.684  1.00 43.69 ? 109 GLU A OE1 1 
ATOM   717 O  OE2 . GLU A 1 109 ? 8.917   -15.537 -5.391  1.00 45.65 ? 109 GLU A OE2 1 
ATOM   718 N  N   . GLN A 1 110 ? 6.538   -17.512 -0.021  1.00 27.73 ? 110 GLN A N   1 
ATOM   719 C  CA  . GLN A 1 110 ? 5.902   -18.170 1.105   1.00 27.12 ? 110 GLN A CA  1 
ATOM   720 C  C   . GLN A 1 110 ? 5.625   -17.230 2.274   1.00 26.19 ? 110 GLN A C   1 
ATOM   721 O  O   . GLN A 1 110 ? 4.821   -17.551 3.151   1.00 26.88 ? 110 GLN A O   1 
ATOM   722 C  CB  . GLN A 1 110 ? 6.774   -19.335 1.576   1.00 28.40 ? 110 GLN A CB  1 
ATOM   723 C  CG  . GLN A 1 110 ? 7.119   -20.308 0.449   1.00 33.81 ? 110 GLN A CG  1 
ATOM   724 C  CD  . GLN A 1 110 ? 5.886   -20.785 -0.286  1.00 37.17 ? 110 GLN A CD  1 
ATOM   725 O  OE1 . GLN A 1 110 ? 5.772   -20.622 -1.504  1.00 36.89 ? 110 GLN A OE1 1 
ATOM   726 N  NE2 . GLN A 1 110 ? 4.952   -21.380 0.449   1.00 37.48 ? 110 GLN A NE2 1 
ATOM   727 N  N   . ALA A 1 111 ? 6.276   -16.069 2.276   1.00 25.92 ? 111 ALA A N   1 
ATOM   728 C  CA  . ALA A 1 111 ? 6.124   -15.105 3.370   1.00 25.19 ? 111 ALA A CA  1 
ATOM   729 C  C   . ALA A 1 111 ? 5.095   -14.010 3.110   1.00 29.78 ? 111 ALA A C   1 
ATOM   730 O  O   . ALA A 1 111 ? 4.723   -13.269 4.023   1.00 29.93 ? 111 ALA A O   1 
ATOM   731 C  CB  . ALA A 1 111 ? 7.477   -14.474 3.697   1.00 22.12 ? 111 ALA A CB  1 
ATOM   732 N  N   . ILE A 1 112 ? 4.655   -13.902 1.865   1.00 33.16 ? 112 ILE A N   1 
ATOM   733 C  CA  . ILE A 1 112 ? 3.664   -12.903 1.484   1.00 40.48 ? 112 ILE A CA  1 
ATOM   734 C  C   . ILE A 1 112 ? 2.270   -13.438 1.790   1.00 41.66 ? 112 ILE A C   1 
ATOM   735 O  O   . ILE A 1 112 ? 1.447   -12.656 2.295   1.00 45.04 ? 112 ILE A O   1 
ATOM   736 C  CB  . ILE A 1 112 ? 3.761   -12.575 -0.014  1.00 41.11 ? 112 ILE A CB  1 
ATOM   737 C  CG1 . ILE A 1 112 ? 5.118   -11.938 -0.309  1.00 43.60 ? 112 ILE A CG1 1 
ATOM   738 C  CG2 . ILE A 1 112 ? 2.627   -11.640 -0.419  1.00 46.54 ? 112 ILE A CG2 1 
ATOM   739 C  CD1 . ILE A 1 112 ? 5.316   -11.578 -1.758  1.00 46.50 ? 112 ILE A CD1 1 
ATOM   740 O  OXT . ILE A 1 112 ? 2.022   -14.630 1.510   1.00 46.16 ? 112 ILE A OXT 1 
HETATM 741 S  S   . SO4 B 2 .   ? 9.130   3.648   5.663   0.33 20.83 ? 501 SO4 A S   1 
HETATM 742 O  O1  . SO4 B 2 .   ? 8.309   4.183   6.798   0.33 22.38 ? 501 SO4 A O1  1 
HETATM 743 O  O2  . SO4 B 2 .   ? 8.283   3.555   4.428   0.33 35.00 ? 501 SO4 A O2  1 
HETATM 744 O  O3  . SO4 B 2 .   ? 10.287  4.568   5.413   0.33 34.97 ? 501 SO4 A O3  1 
HETATM 745 O  O4  . SO4 B 2 .   ? 9.637   2.280   6.014   0.33 34.96 ? 501 SO4 A O4  1 
HETATM 746 S  S   . SO4 C 2 .   ? 1.080   -14.309 10.085  1.00 50.03 ? 502 SO4 A S   1 
HETATM 747 O  O1  . SO4 C 2 .   ? -0.073  -13.374 10.304  1.00 49.66 ? 502 SO4 A O1  1 
HETATM 748 O  O2  . SO4 C 2 .   ? 0.574   -15.614 9.548   1.00 49.87 ? 502 SO4 A O2  1 
HETATM 749 O  O3  . SO4 C 2 .   ? 2.032   -13.694 9.103   1.00 49.49 ? 502 SO4 A O3  1 
HETATM 750 O  O4  . SO4 C 2 .   ? 1.782   -14.551 11.388  1.00 50.35 ? 502 SO4 A O4  1 
HETATM 751 CL CL  . CL  D 3 .   ? 11.713  1.942   2.061   0.33 13.89 ? 601 CL  A CL  1 
HETATM 752 O  O   . HOH E 4 .   ? 2.707   2.267   6.967   1.00 12.05 ? 602 HOH A O   1 
HETATM 753 O  O   . HOH E 4 .   ? -1.909  13.106  -6.181  1.00 20.36 ? 603 HOH A O   1 
HETATM 754 O  O   . HOH E 4 .   ? 6.417   6.551   8.144   1.00 18.38 ? 604 HOH A O   1 
HETATM 755 O  O   . HOH E 4 .   ? 3.255   10.638  12.494  1.00 17.58 ? 605 HOH A O   1 
HETATM 756 O  O   . HOH E 4 .   ? -6.007  9.946   -1.221  1.00 19.47 ? 606 HOH A O   1 
HETATM 757 O  O   . HOH E 4 .   ? -0.554  -6.762  -11.774 1.00 21.88 ? 607 HOH A O   1 
HETATM 758 O  O   . HOH E 4 .   ? 12.740  -6.361  -6.384  1.00 21.97 ? 608 HOH A O   1 
HETATM 759 O  O   . HOH E 4 .   ? -11.812 -11.146 -3.442  1.00 23.34 ? 609 HOH A O   1 
HETATM 760 O  O   . HOH E 4 .   ? -3.219  10.511  9.714   1.00 31.00 ? 610 HOH A O   1 
HETATM 761 O  O   . HOH E 4 .   ? 7.979   -11.661 -7.213  1.00 28.23 ? 611 HOH A O   1 
HETATM 762 O  O   . HOH E 4 .   ? 10.917  -18.594 -4.449  1.00 23.69 ? 612 HOH A O   1 
HETATM 763 O  O   . HOH E 4 .   ? -1.189  12.722  11.388  1.00 26.84 ? 613 HOH A O   1 
HETATM 764 O  O   . HOH E 4 .   ? 11.989  -8.876  -8.335  1.00 29.84 ? 614 HOH A O   1 
HETATM 765 O  O   . HOH E 4 .   ? 14.145  -18.123 7.601   1.00 26.43 ? 615 HOH A O   1 
HETATM 766 O  O   . HOH E 4 .   ? 0.625   -8.856  0.310   1.00 39.74 ? 616 HOH A O   1 
HETATM 767 O  O   . HOH E 4 .   ? -12.930 5.438   3.021   1.00 25.95 ? 617 HOH A O   1 
HETATM 768 O  O   . HOH E 4 .   ? -11.423 5.861   6.355   1.00 29.31 ? 618 HOH A O   1 
HETATM 769 O  O   . HOH E 4 .   ? 1.436   -4.761  9.530   1.00 31.84 ? 619 HOH A O   1 
HETATM 770 O  O   . HOH E 4 .   ? -8.116  7.306   8.515   1.00 31.05 ? 620 HOH A O   1 
HETATM 771 O  O   . HOH E 4 .   ? 12.245  -9.911  -4.308  1.00 33.81 ? 621 HOH A O   1 
HETATM 772 O  O   . HOH E 4 .   ? 11.802  -5.865  -11.369 1.00 44.18 ? 622 HOH A O   1 
HETATM 773 O  O   . HOH E 4 .   ? 1.765   -6.904  2.339   1.00 31.04 ? 623 HOH A O   1 
HETATM 774 O  O   . HOH E 4 .   ? 3.053   -4.331  5.139   1.00 28.15 ? 624 HOH A O   1 
HETATM 775 O  O   . HOH E 4 .   ? 1.494   -10.784 -4.356  1.00 24.36 ? 625 HOH A O   1 
HETATM 776 O  O   . HOH E 4 .   ? -9.274  13.089  5.405   1.00 36.66 ? 626 HOH A O   1 
HETATM 777 O  O   . HOH E 4 .   ? 1.753   -11.478 10.543  1.00 36.84 ? 627 HOH A O   1 
HETATM 778 O  O   . HOH E 4 .   ? -11.307 -10.703 -0.701  1.00 32.35 ? 628 HOH A O   1 
HETATM 779 O  O   . HOH E 4 .   ? -13.464 -0.051  -1.469  1.00 36.36 ? 629 HOH A O   1 
HETATM 780 O  O   . HOH E 4 .   ? 19.478  -8.988  -0.125  1.00 43.28 ? 630 HOH A O   1 
HETATM 781 O  O   . HOH E 4 .   ? 10.034  -10.429 -11.745 1.00 35.39 ? 631 HOH A O   1 
HETATM 782 O  O   . HOH E 4 .   ? 6.642   -5.300  -10.983 1.00 36.83 ? 632 HOH A O   1 
HETATM 783 O  O   . HOH E 4 .   ? -4.891  16.091  2.222   1.00 35.76 ? 633 HOH A O   1 
HETATM 784 O  O   . HOH E 4 .   ? 5.697   -15.373 -8.741  1.00 49.03 ? 634 HOH A O   1 
HETATM 785 O  O   . HOH E 4 .   ? 14.360  -15.574 -0.120  1.00 41.54 ? 635 HOH A O   1 
HETATM 786 O  O   . HOH E 4 .   ? 17.269  -4.675  -5.858  1.00 32.74 ? 636 HOH A O   1 
HETATM 787 O  O   . HOH E 4 .   ? 5.470   -22.439 2.971   1.00 35.05 ? 637 HOH A O   1 
HETATM 788 O  O   . HOH E 4 .   ? 2.172   -6.990  10.524  1.00 37.55 ? 638 HOH A O   1 
HETATM 789 O  O   . HOH E 4 .   ? 1.579   12.405  13.058  1.00 43.47 ? 639 HOH A O   1 
HETATM 790 O  O   . HOH E 4 .   ? 16.483  -10.939 -4.094  1.00 32.55 ? 640 HOH A O   1 
HETATM 791 O  O   . HOH E 4 .   ? -11.980 7.387   -5.530  1.00 39.92 ? 641 HOH A O   1 
HETATM 792 O  O   . HOH E 4 .   ? -1.967  11.884  0.284   1.00 35.72 ? 642 HOH A O   1 
HETATM 793 O  O   . HOH E 4 .   ? 15.277  -6.549  -6.242  1.00 39.29 ? 643 HOH A O   1 
HETATM 794 O  O   . HOH E 4 .   ? -6.743  1.783   -14.701 1.00 53.11 ? 644 HOH A O   1 
HETATM 795 O  O   . HOH E 4 .   ? -0.738  10.324  14.882  1.00 47.85 ? 645 HOH A O   1 
HETATM 796 O  O   . HOH E 4 .   ? -0.490  -10.910 -12.741 1.00 38.11 ? 646 HOH A O   1 
HETATM 797 O  O   . HOH E 4 .   ? 15.027  -17.223 10.022  1.00 40.59 ? 647 HOH A O   1 
HETATM 798 O  O   . HOH E 4 .   ? -11.654 13.621  6.640   1.00 40.81 ? 648 HOH A O   1 
HETATM 799 O  O   . HOH E 4 .   ? 9.907   -15.100 -7.840  1.00 45.29 ? 649 HOH A O   1 
HETATM 800 O  O   . HOH E 4 .   ? -11.512 6.683   -9.816  1.00 45.95 ? 650 HOH A O   1 
HETATM 801 O  O   . HOH E 4 .   ? 19.338  -9.722  -4.175  1.00 50.09 ? 651 HOH A O   1 
HETATM 802 O  O   . HOH E 4 .   ? -10.934 10.687  8.205   1.00 47.57 ? 652 HOH A O   1 
HETATM 803 O  O   . HOH E 4 .   ? 17.730  -2.030  -6.329  0.33 43.16 ? 653 HOH A O   1 
HETATM 804 O  O   . HOH E 4 .   ? 0.495   -9.153  10.979  1.00 45.42 ? 654 HOH A O   1 
HETATM 805 O  O   . HOH E 4 .   ? -3.581  11.616  11.882  1.00 39.39 ? 655 HOH A O   1 
HETATM 806 O  O   . HOH E 4 .   ? -0.648  -16.736 4.775   1.00 50.88 ? 656 HOH A O   1 
HETATM 807 O  O   . HOH E 4 .   ? 10.959  -8.104  -12.091 1.00 50.28 ? 657 HOH A O   1 
HETATM 808 O  O   . HOH E 4 .   ? 4.061   13.584  11.574  1.00 36.35 ? 658 HOH A O   1 
HETATM 809 O  O   . HOH E 4 .   ? 21.443  -5.094  -4.104  1.00 49.07 ? 659 HOH A O   1 
HETATM 810 O  O   . HOH E 4 .   ? -6.916  7.450   -13.213 1.00 56.44 ? 660 HOH A O   1 
HETATM 811 O  O   . HOH E 4 .   ? 2.541   7.997   14.849  0.33 51.67 ? 661 HOH A O   1 
HETATM 812 O  O   . HOH E 4 .   ? -13.968 7.485   5.850   1.00 48.05 ? 662 HOH A O   1 
HETATM 813 O  O   . HOH E 4 .   ? 16.411  -9.114  -5.930  1.00 44.11 ? 663 HOH A O   1 
HETATM 814 O  O   . HOH E 4 .   ? -1.586  -0.396  -14.276 1.00 26.57 ? 664 HOH A O   1 
HETATM 815 O  O   . HOH E 4 .   ? 10.066  -12.353 -6.205  1.00 46.56 ? 665 HOH A O   1 
HETATM 816 O  O   . HOH E 4 .   ? -10.474 15.851  -1.493  1.00 50.13 ? 666 HOH A O   1 
HETATM 817 O  O   . HOH E 4 .   ? -13.972 -2.469  -2.311  1.00 49.99 ? 667 HOH A O   1 
HETATM 818 O  O   . HOH E 4 .   ? 8.830   -15.020 -10.233 1.00 45.37 ? 668 HOH A O   1 
HETATM 819 O  O   . HOH E 4 .   ? 3.477   -9.016  2.322   1.00 43.43 ? 669 HOH A O   1 
HETATM 820 O  O   . HOH E 4 .   ? 14.510  -13.727 -1.943  1.00 34.56 ? 670 HOH A O   1 
HETATM 821 O  O   . HOH E 4 .   ? 6.890   -14.321 -6.382  1.00 44.46 ? 671 HOH A O   1 
HETATM 822 O  O   . HOH E 4 .   ? -7.458  21.124  -6.349  1.00 49.49 ? 672 HOH A O   1 
HETATM 823 O  O   . HOH E 4 .   ? -5.761  9.080   10.388  1.00 47.36 ? 673 HOH A O   1 
HETATM 824 O  O   . HOH E 4 .   ? 3.768   -16.626 -7.646  1.00 53.64 ? 674 HOH A O   1 
HETATM 825 O  O   . HOH E 4 .   ? 2.621   -7.063  4.673   1.00 45.25 ? 675 HOH A O   1 
HETATM 826 O  O   . HOH E 4 .   ? -14.111 -7.890  -0.903  1.00 49.02 ? 676 HOH A O   1 
HETATM 827 O  O   . HOH E 4 .   ? 1.670   -7.994  7.574   1.00 46.46 ? 677 HOH A O   1 
HETATM 828 O  O   . HOH E 4 .   ? -10.775 -3.969  -5.378  1.00 43.84 ? 678 HOH A O   1 
HETATM 829 O  O   . HOH E 4 .   ? 0.208   -13.698 -7.943  1.00 47.51 ? 679 HOH A O   1 
HETATM 830 O  O   . HOH E 4 .   ? -5.942  6.381   10.614  1.00 50.05 ? 680 HOH A O   1 
HETATM 831 O  O   . HOH E 4 .   ? -3.154  -9.399  -9.132  1.00 50.14 ? 681 HOH A O   1 
HETATM 832 O  O   . HOH E 4 .   ? 2.391   -19.370 6.942   1.00 45.43 ? 682 HOH A O   1 
HETATM 833 O  O   . HOH E 4 .   ? -14.555 2.390   -3.559  1.00 47.26 ? 683 HOH A O   1 
# 
loop_
_pdbx_poly_seq_scheme.asym_id 
_pdbx_poly_seq_scheme.entity_id 
_pdbx_poly_seq_scheme.seq_id 
_pdbx_poly_seq_scheme.mon_id 
_pdbx_poly_seq_scheme.ndb_seq_num 
_pdbx_poly_seq_scheme.pdb_seq_num 
_pdbx_poly_seq_scheme.auth_seq_num 
_pdbx_poly_seq_scheme.pdb_mon_id 
_pdbx_poly_seq_scheme.auth_mon_id 
_pdbx_poly_seq_scheme.pdb_strand_id 
_pdbx_poly_seq_scheme.pdb_ins_code 
_pdbx_poly_seq_scheme.hetero 
A 1 1   MET 1   1   1   MET MET A . n 
A 1 2   LYS 2   2   2   LYS LYS A . n 
A 1 3   LYS 3   3   3   LYS LYS A . n 
A 1 4   ILE 4   4   4   ILE ILE A . n 
A 1 5   GLU 5   5   5   GLU GLU A . n 
A 1 6   ALA 6   6   6   ALA ALA A . n 
A 1 7   ILE 7   7   7   ILE ILE A . n 
A 1 8   ILE 8   8   8   ILE ILE A . n 
A 1 9   LYS 9   9   9   LYS LYS A . n 
A 1 10  PRO 10  10  10  PRO PRO A . n 
A 1 11  PHE 11  11  11  PHE PHE A . n 
A 1 12  LYS 12  12  12  LYS LYS A . n 
A 1 13  LEU 13  13  13  LEU LEU A . n 
A 1 14  ASP 14  14  14  ASP ASP A . n 
A 1 15  GLU 15  15  15  GLU GLU A . n 
A 1 16  VAL 16  16  16  VAL VAL A . n 
A 1 17  LYS 17  17  17  LYS LYS A . n 
A 1 18  ASP 18  18  18  ASP ASP A . n 
A 1 19  ALA 19  19  19  ALA ALA A . n 
A 1 20  LEU 20  20  20  LEU LEU A . n 
A 1 21  VAL 21  21  21  VAL VAL A . n 
A 1 22  GLU 22  22  22  GLU GLU A . n 
A 1 23  ILE 23  23  23  ILE ILE A . n 
A 1 24  GLY 24  24  24  GLY GLY A . n 
A 1 25  ILE 25  25  25  ILE ILE A . n 
A 1 26  GLY 26  26  26  GLY GLY A . n 
A 1 27  GLY 27  27  27  GLY GLY A . n 
A 1 28  MET 28  28  28  MET MET A . n 
A 1 29  THR 29  29  29  THR THR A . n 
A 1 30  VAL 30  30  30  VAL VAL A . n 
A 1 31  THR 31  31  31  THR THR A . n 
A 1 32  GLU 32  32  32  GLU GLU A . n 
A 1 33  VAL 33  33  33  VAL VAL A . n 
A 1 34  LYS 34  34  34  LYS LYS A . n 
A 1 35  GLY 35  35  35  GLY GLY A . n 
A 1 36  PHE 36  36  36  PHE PHE A . n 
A 1 37  GLY 37  37  ?   ?   ?   A . n 
A 1 38  GLN 38  38  ?   ?   ?   A . n 
A 1 39  GLN 39  39  ?   ?   ?   A . n 
A 1 40  LYS 40  40  ?   ?   ?   A . n 
A 1 41  GLY 41  41  ?   ?   ?   A . n 
A 1 42  HIS 42  42  ?   ?   ?   A . n 
A 1 43  THR 43  43  ?   ?   ?   A . n 
A 1 44  GLU 44  44  ?   ?   ?   A . n 
A 1 45  ILE 45  45  ?   ?   ?   A . n 
A 1 46  TYR 46  46  ?   ?   ?   A . n 
A 1 47  ARG 47  47  ?   ?   ?   A . n 
A 1 48  GLY 48  48  ?   ?   ?   A . n 
A 1 49  THR 49  49  ?   ?   ?   A . n 
A 1 50  GLU 50  50  ?   ?   ?   A . n 
A 1 51  TYR 51  51  ?   ?   ?   A . n 
A 1 52  VAL 52  52  ?   ?   ?   A . n 
A 1 53  ILE 53  53  ?   ?   ?   A . n 
A 1 54  ASP 54  54  54  ASP ASP A . n 
A 1 55  PHE 55  55  55  PHE PHE A . n 
A 1 56  LEU 56  56  56  LEU LEU A . n 
A 1 57  PRO 57  57  57  PRO PRO A . n 
A 1 58  LYS 58  58  58  LYS LYS A . n 
A 1 59  VAL 59  59  59  VAL VAL A . n 
A 1 60  LYS 60  60  60  LYS LYS A . n 
A 1 61  ILE 61  61  61  ILE ILE A . n 
A 1 62  GLU 62  62  62  GLU GLU A . n 
A 1 63  VAL 63  63  63  VAL VAL A . n 
A 1 64  VAL 64  64  64  VAL VAL A . n 
A 1 65  VAL 65  65  65  VAL VAL A . n 
A 1 66  ARG 66  66  66  ARG ARG A . n 
A 1 67  ASP 67  67  67  ASP ASP A . n 
A 1 68  GLU 68  68  68  GLU GLU A . n 
A 1 69  ASP 69  69  69  ASP ASP A . n 
A 1 70  VAL 70  70  70  VAL VAL A . n 
A 1 71  GLU 71  71  71  GLU GLU A . n 
A 1 72  LYS 72  72  72  LYS LYS A . n 
A 1 73  VAL 73  73  73  VAL VAL A . n 
A 1 74  VAL 74  74  74  VAL VAL A . n 
A 1 75  GLU 75  75  75  GLU GLU A . n 
A 1 76  THR 76  76  76  THR THR A . n 
A 1 77  ILE 77  77  77  ILE ILE A . n 
A 1 78  VAL 78  78  78  VAL VAL A . n 
A 1 79  LYS 79  79  79  LYS LYS A . n 
A 1 80  THR 80  80  80  THR THR A . n 
A 1 81  ALA 81  81  81  ALA ALA A . n 
A 1 82  GLN 82  82  82  GLN GLN A . n 
A 1 83  THR 83  83  83  THR THR A . n 
A 1 84  GLY 84  84  84  GLY GLY A . n 
A 1 85  ARG 85  85  85  ARG ARG A . n 
A 1 86  VAL 86  86  86  VAL VAL A . n 
A 1 87  GLY 87  87  87  GLY GLY A . n 
A 1 88  ASP 88  88  88  ASP ASP A . n 
A 1 89  GLY 89  89  89  GLY GLY A . n 
A 1 90  LYS 90  90  90  LYS LYS A . n 
A 1 91  ILE 91  91  91  ILE ILE A . n 
A 1 92  PHE 92  92  92  PHE PHE A . n 
A 1 93  ILE 93  93  93  ILE ILE A . n 
A 1 94  ILE 94  94  94  ILE ILE A . n 
A 1 95  PRO 95  95  95  PRO PRO A . n 
A 1 96  VAL 96  96  96  VAL VAL A . n 
A 1 97  GLU 97  97  97  GLU GLU A . n 
A 1 98  ASP 98  98  98  ASP ASP A . n 
A 1 99  VAL 99  99  99  VAL VAL A . n 
A 1 100 ILE 100 100 100 ILE ILE A . n 
A 1 101 ARG 101 101 101 ARG ARG A . n 
A 1 102 ILE 102 102 102 ILE ILE A . n 
A 1 103 ARG 103 103 103 ARG ARG A . n 
A 1 104 THR 104 104 104 THR THR A . n 
A 1 105 GLY 105 105 105 GLY GLY A . n 
A 1 106 GLU 106 106 106 GLU GLU A . n 
A 1 107 ARG 107 107 107 ARG ARG A . n 
A 1 108 GLY 108 108 108 GLY GLY A . n 
A 1 109 GLU 109 109 109 GLU GLU A . n 
A 1 110 GLN 110 110 110 GLN GLN A . n 
A 1 111 ALA 111 111 111 ALA ALA A . n 
A 1 112 ILE 112 112 112 ILE ILE A . n 
# 
_pdbx_SG_project.id                    1 
_pdbx_SG_project.project_name          'NPPSFA, National Project on Protein Structural and Functional Analyses' 
_pdbx_SG_project.full_name_of_center   'RIKEN Structural Genomics/Proteomics Initiative' 
_pdbx_SG_project.initial_of_center     RSGI 
# 
loop_
_pdbx_nonpoly_scheme.asym_id 
_pdbx_nonpoly_scheme.entity_id 
_pdbx_nonpoly_scheme.mon_id 
_pdbx_nonpoly_scheme.ndb_seq_num 
_pdbx_nonpoly_scheme.pdb_seq_num 
_pdbx_nonpoly_scheme.auth_seq_num 
_pdbx_nonpoly_scheme.pdb_mon_id 
_pdbx_nonpoly_scheme.auth_mon_id 
_pdbx_nonpoly_scheme.pdb_strand_id 
_pdbx_nonpoly_scheme.pdb_ins_code 
B 2 SO4 1  501 1  SO4 SO4 A . 
C 2 SO4 1  502 2  SO4 SO4 A . 
D 3 CL  1  601 1  CL  CL1 A . 
E 4 HOH 1  602 1  HOH HOH A . 
E 4 HOH 2  603 2  HOH HOH A . 
E 4 HOH 3  604 3  HOH HOH A . 
E 4 HOH 4  605 4  HOH HOH A . 
E 4 HOH 5  606 5  HOH HOH A . 
E 4 HOH 6  607 6  HOH HOH A . 
E 4 HOH 7  608 7  HOH HOH A . 
E 4 HOH 8  609 8  HOH HOH A . 
E 4 HOH 9  610 9  HOH HOH A . 
E 4 HOH 10 611 10 HOH HOH A . 
E 4 HOH 11 612 11 HOH HOH A . 
E 4 HOH 12 613 12 HOH HOH A . 
E 4 HOH 13 614 13 HOH HOH A . 
E 4 HOH 14 615 14 HOH HOH A . 
E 4 HOH 15 616 15 HOH HOH A . 
E 4 HOH 16 617 16 HOH HOH A . 
E 4 HOH 17 618 17 HOH HOH A . 
E 4 HOH 18 619 18 HOH HOH A . 
E 4 HOH 19 620 19 HOH HOH A . 
E 4 HOH 20 621 20 HOH HOH A . 
E 4 HOH 21 622 21 HOH HOH A . 
E 4 HOH 22 623 22 HOH HOH A . 
E 4 HOH 23 624 23 HOH HOH A . 
E 4 HOH 24 625 24 HOH HOH A . 
E 4 HOH 25 626 25 HOH HOH A . 
E 4 HOH 26 627 26 HOH HOH A . 
E 4 HOH 27 628 27 HOH HOH A . 
E 4 HOH 28 629 28 HOH HOH A . 
E 4 HOH 29 630 29 HOH HOH A . 
E 4 HOH 30 631 30 HOH HOH A . 
E 4 HOH 31 632 31 HOH HOH A . 
E 4 HOH 32 633 32 HOH HOH A . 
E 4 HOH 33 634 33 HOH HOH A . 
E 4 HOH 34 635 34 HOH HOH A . 
E 4 HOH 35 636 35 HOH HOH A . 
E 4 HOH 36 637 36 HOH HOH A . 
E 4 HOH 37 638 37 HOH HOH A . 
E 4 HOH 38 639 38 HOH HOH A . 
E 4 HOH 39 640 39 HOH HOH A . 
E 4 HOH 40 641 40 HOH HOH A . 
E 4 HOH 41 642 41 HOH HOH A . 
E 4 HOH 42 643 42 HOH HOH A . 
E 4 HOH 43 644 43 HOH HOH A . 
E 4 HOH 44 645 44 HOH HOH A . 
E 4 HOH 45 646 45 HOH HOH A . 
E 4 HOH 46 647 46 HOH HOH A . 
E 4 HOH 47 648 47 HOH HOH A . 
E 4 HOH 48 649 48 HOH HOH A . 
E 4 HOH 49 650 49 HOH HOH A . 
E 4 HOH 50 651 50 HOH HOH A . 
E 4 HOH 51 652 51 HOH HOH A . 
E 4 HOH 52 653 52 HOH HOH A . 
E 4 HOH 53 654 53 HOH HOH A . 
E 4 HOH 54 655 54 HOH HOH A . 
E 4 HOH 55 656 55 HOH HOH A . 
E 4 HOH 56 657 56 HOH HOH A . 
E 4 HOH 57 658 57 HOH HOH A . 
E 4 HOH 58 659 58 HOH HOH A . 
E 4 HOH 59 660 59 HOH HOH A . 
E 4 HOH 60 661 60 HOH HOH A . 
E 4 HOH 61 662 61 HOH HOH A . 
E 4 HOH 62 663 62 HOH HOH A . 
E 4 HOH 63 664 63 HOH HOH A . 
E 4 HOH 64 665 64 HOH HOH A . 
E 4 HOH 65 666 65 HOH HOH A . 
E 4 HOH 66 667 66 HOH HOH A . 
E 4 HOH 67 668 67 HOH HOH A . 
E 4 HOH 68 669 68 HOH HOH A . 
E 4 HOH 69 670 69 HOH HOH A . 
E 4 HOH 70 671 70 HOH HOH A . 
E 4 HOH 71 672 71 HOH HOH A . 
E 4 HOH 72 673 72 HOH HOH A . 
E 4 HOH 73 674 73 HOH HOH A . 
E 4 HOH 74 675 74 HOH HOH A . 
E 4 HOH 75 676 75 HOH HOH A . 
E 4 HOH 76 677 76 HOH HOH A . 
E 4 HOH 77 678 77 HOH HOH A . 
E 4 HOH 78 679 78 HOH HOH A . 
E 4 HOH 79 680 79 HOH HOH A . 
E 4 HOH 80 681 80 HOH HOH A . 
E 4 HOH 81 682 81 HOH HOH A . 
E 4 HOH 82 683 82 HOH HOH A . 
# 
loop_
_pdbx_struct_assembly.id 
_pdbx_struct_assembly.details 
_pdbx_struct_assembly.method_details 
_pdbx_struct_assembly.oligomeric_details 
_pdbx_struct_assembly.oligomeric_count 
1 author_and_software_defined_assembly PISA trimeric    3  
2 software_defined_assembly            PQS  dodecameric 12 
# 
loop_
_pdbx_struct_assembly_gen.assembly_id 
_pdbx_struct_assembly_gen.oper_expression 
_pdbx_struct_assembly_gen.asym_id_list 
1 1,2,3                      A,B,C,D,E 
2 1,4,5,6,2,7,8,9,3,10,11,12 A,B,C,D,E 
# 
loop_
_pdbx_struct_assembly_prop.biol_id 
_pdbx_struct_assembly_prop.type 
_pdbx_struct_assembly_prop.value 
_pdbx_struct_assembly_prop.details 
1 'ABSA (A^2)' 8390  ? 
1 MORE         -146  ? 
1 'SSA (A^2)'  11870 ? 
# 
loop_
_pdbx_struct_oper_list.id 
_pdbx_struct_oper_list.type 
_pdbx_struct_oper_list.name 
_pdbx_struct_oper_list.symmetry_operation 
_pdbx_struct_oper_list.matrix[1][1] 
_pdbx_struct_oper_list.matrix[1][2] 
_pdbx_struct_oper_list.matrix[1][3] 
_pdbx_struct_oper_list.vector[1] 
_pdbx_struct_oper_list.matrix[2][1] 
_pdbx_struct_oper_list.matrix[2][2] 
_pdbx_struct_oper_list.matrix[2][3] 
_pdbx_struct_oper_list.vector[2] 
_pdbx_struct_oper_list.matrix[3][1] 
_pdbx_struct_oper_list.matrix[3][2] 
_pdbx_struct_oper_list.matrix[3][3] 
_pdbx_struct_oper_list.vector[3] 
1  'identity operation'         1_555  x,y,z   1.0000000000  0.0000000000  0.0000000000  0.0000000000  0.0000000000  1.0000000000  0.0000000000  0.0000000000   0.0000000000  0.0000000000  1.0000000000  0.0000000000   
2  'crystal symmetry operation' 5_555  z,x,y   -0.0561876650 -0.9497856581 -0.3078151229 14.8501225711 0.3638124418  -0.3065823192 0.8795725034  -3.5360667675  -0.9297760233 -0.0625658464 0.3627699841  12.3250522695  
3  'crystal symmetry operation' 9_555  y,z,x   -0.0561876650 0.3638124418  -0.9297760233 13.5803968825 -0.9497856581 -0.3065823192 -0.0625658464 13.7914652162  -0.3078151229 0.8795725034  0.3627699841  3.2101603867   
4  'crystal symmetry operation' 2_555  -x,-y,z -0.8112710142 0.3248192697  -0.4861396750 36.6839820599 0.3248192697  -0.4409573204 -0.8366893591 -26.6419570112 -0.4861396750 -0.8366893591 0.2522283345  -3.5596565713  
5  'crystal symmetry operation' 3_555  -x,y,-z 0.6590915042  -0.7365508825 0.1519578448  5.8558000975  -0.7365508825 -0.6730094747 -0.0674614296 6.8412131444   0.1519578448  -0.0674614296 -0.9860820295 -30.7743678539 
6  'crystal symmetry operation' 4_555  x,-y,-z -0.8478204901 0.4117316128  0.3341818302  49.1161402209 0.4117316128  0.1139667951  0.9041507887  -2.0079772001  0.3341818302  0.9041507887  -0.2661463050 -19.8925311193 
7  'crystal symmetry operation' 6_555  z,-x,-y -0.1132841161 0.6581097404  0.7443509110  39.1888000773 -0.8223294246 -0.4825659445 0.3015036096  14.8469992491  0.5576208626  -0.5779460864 0.5958500606  -21.4072946567 
8  'crystal symmetry operation' 7_555  -z,-x,y 0.6157577294  0.7013654693  0.3590667029  17.4962285314 0.5992571092  -0.1209707880 -0.7913640031 -30.5713366004 -0.5115988035 0.7024617761  -0.4947869414 -4.7115734875  
9  'crystal symmetry operation' 8_555  -z,x,-y -0.4462859483 -0.4096895515 -0.7956024910 20.1207711985 -0.1407401265 0.9101190517  -0.3897121098 -2.5483169482  0.8837539641  -0.0619498433 -0.4638331034 -40.4327396698 
10 'crystal symmetry operation' 10_555 -y,z,-x 0.6157577294  0.5992571092  -0.5115988035 5.1362174848  0.7013654693  -0.1209707880 0.7024617761  -12.6597889333 0.3590667029  -0.7913640031 -0.4947869414 -32.8065934410 
11 'crystal symmetry operation' 11_555 y,-z,-x -0.4462859483 -0.1407401265 0.8837539641  44.3535609700 -0.4096895515 0.9101190517  -0.0619498433 8.0577396462   -0.7956024910 -0.3897121098 -0.4638331034 -3.7390174070  
12 'crystal symmetry operation' 12_555 -y,-z,x -0.1132841161 -0.8223294246 0.5576208626  28.5857470409 0.6581097404  -0.4825659445 -0.5779460864 -30.9981369961 0.7443509110  0.3015036096  0.5958500606  -20.8911050832 
# 
loop_
_pdbx_struct_special_symmetry.id 
_pdbx_struct_special_symmetry.PDB_model_num 
_pdbx_struct_special_symmetry.auth_asym_id 
_pdbx_struct_special_symmetry.auth_comp_id 
_pdbx_struct_special_symmetry.auth_seq_id 
_pdbx_struct_special_symmetry.PDB_ins_code 
_pdbx_struct_special_symmetry.label_asym_id 
_pdbx_struct_special_symmetry.label_comp_id 
_pdbx_struct_special_symmetry.label_seq_id 
1 1 A SO4 501 ? B SO4 . 
2 1 A SO4 501 ? B SO4 . 
3 1 A CL  601 ? D CL  . 
4 1 A HOH 653 ? E HOH . 
5 1 A HOH 661 ? E HOH . 
# 
loop_
_pdbx_audit_revision_history.ordinal 
_pdbx_audit_revision_history.data_content_type 
_pdbx_audit_revision_history.major_revision 
_pdbx_audit_revision_history.minor_revision 
_pdbx_audit_revision_history.revision_date 
1 'Structure model' 1 0 2008-03-04 
2 'Structure model' 1 1 2011-07-13 
3 'Structure model' 1 2 2023-10-25 
# 
_pdbx_audit_revision_details.ordinal             1 
_pdbx_audit_revision_details.revision_ordinal    1 
_pdbx_audit_revision_details.data_content_type   'Structure model' 
_pdbx_audit_revision_details.provider            repository 
_pdbx_audit_revision_details.type                'Initial release' 
_pdbx_audit_revision_details.description         ? 
_pdbx_audit_revision_details.details             ? 
# 
loop_
_pdbx_audit_revision_group.ordinal 
_pdbx_audit_revision_group.revision_ordinal 
_pdbx_audit_revision_group.data_content_type 
_pdbx_audit_revision_group.group 
1 2 'Structure model' 'Derived calculations'      
2 2 'Structure model' 'Version format compliance' 
3 3 'Structure model' 'Data collection'           
4 3 'Structure model' 'Database references'       
5 3 'Structure model' 'Derived calculations'      
6 3 'Structure model' 'Refinement description'    
# 
loop_
_pdbx_audit_revision_category.ordinal 
_pdbx_audit_revision_category.revision_ordinal 
_pdbx_audit_revision_category.data_content_type 
_pdbx_audit_revision_category.category 
1 3 'Structure model' chem_comp_atom                
2 3 'Structure model' chem_comp_bond                
3 3 'Structure model' database_2                    
4 3 'Structure model' pdbx_initial_refinement_model 
5 3 'Structure model' struct_site                   
# 
loop_
_pdbx_audit_revision_item.ordinal 
_pdbx_audit_revision_item.revision_ordinal 
_pdbx_audit_revision_item.data_content_type 
_pdbx_audit_revision_item.item 
1 3 'Structure model' '_database_2.pdbx_DOI'                
2 3 'Structure model' '_database_2.pdbx_database_accession' 
3 3 'Structure model' '_struct_site.pdbx_auth_asym_id'      
4 3 'Structure model' '_struct_site.pdbx_auth_comp_id'      
5 3 'Structure model' '_struct_site.pdbx_auth_seq_id'       
# 
loop_
_software.name 
_software.classification 
_software.version 
_software.citation_id 
_software.pdbx_ordinal 
CNS      refinement       1.1 ? 1 
HKL-2000 'data reduction' .   ? 2 
HKL-2000 'data scaling'   .   ? 3 
MOLREP   phasing          .   ? 4 
# 
loop_
_pdbx_unobs_or_zero_occ_residues.id 
_pdbx_unobs_or_zero_occ_residues.PDB_model_num 
_pdbx_unobs_or_zero_occ_residues.polymer_flag 
_pdbx_unobs_or_zero_occ_residues.occupancy_flag 
_pdbx_unobs_or_zero_occ_residues.auth_asym_id 
_pdbx_unobs_or_zero_occ_residues.auth_comp_id 
_pdbx_unobs_or_zero_occ_residues.auth_seq_id 
_pdbx_unobs_or_zero_occ_residues.PDB_ins_code 
_pdbx_unobs_or_zero_occ_residues.label_asym_id 
_pdbx_unobs_or_zero_occ_residues.label_comp_id 
_pdbx_unobs_or_zero_occ_residues.label_seq_id 
1  1 Y 1 A GLY 37 ? A GLY 37 
2  1 Y 1 A GLN 38 ? A GLN 38 
3  1 Y 1 A GLN 39 ? A GLN 39 
4  1 Y 1 A LYS 40 ? A LYS 40 
5  1 Y 1 A GLY 41 ? A GLY 41 
6  1 Y 1 A HIS 42 ? A HIS 42 
7  1 Y 1 A THR 43 ? A THR 43 
8  1 Y 1 A GLU 44 ? A GLU 44 
9  1 Y 1 A ILE 45 ? A ILE 45 
10 1 Y 1 A TYR 46 ? A TYR 46 
11 1 Y 1 A ARG 47 ? A ARG 47 
12 1 Y 1 A GLY 48 ? A GLY 48 
13 1 Y 1 A THR 49 ? A THR 49 
14 1 Y 1 A GLU 50 ? A GLU 50 
15 1 Y 1 A TYR 51 ? A TYR 51 
16 1 Y 1 A VAL 52 ? A VAL 52 
17 1 Y 1 A ILE 53 ? A ILE 53 
# 
loop_
_chem_comp_atom.comp_id 
_chem_comp_atom.atom_id 
_chem_comp_atom.type_symbol 
_chem_comp_atom.pdbx_aromatic_flag 
_chem_comp_atom.pdbx_stereo_config 
_chem_comp_atom.pdbx_ordinal 
ALA N    N  N N 1   
ALA CA   C  N S 2   
ALA C    C  N N 3   
ALA O    O  N N 4   
ALA CB   C  N N 5   
ALA OXT  O  N N 6   
ALA H    H  N N 7   
ALA H2   H  N N 8   
ALA HA   H  N N 9   
ALA HB1  H  N N 10  
ALA HB2  H  N N 11  
ALA HB3  H  N N 12  
ALA HXT  H  N N 13  
ARG N    N  N N 14  
ARG CA   C  N S 15  
ARG C    C  N N 16  
ARG O    O  N N 17  
ARG CB   C  N N 18  
ARG CG   C  N N 19  
ARG CD   C  N N 20  
ARG NE   N  N N 21  
ARG CZ   C  N N 22  
ARG NH1  N  N N 23  
ARG NH2  N  N N 24  
ARG OXT  O  N N 25  
ARG H    H  N N 26  
ARG H2   H  N N 27  
ARG HA   H  N N 28  
ARG HB2  H  N N 29  
ARG HB3  H  N N 30  
ARG HG2  H  N N 31  
ARG HG3  H  N N 32  
ARG HD2  H  N N 33  
ARG HD3  H  N N 34  
ARG HE   H  N N 35  
ARG HH11 H  N N 36  
ARG HH12 H  N N 37  
ARG HH21 H  N N 38  
ARG HH22 H  N N 39  
ARG HXT  H  N N 40  
ASP N    N  N N 41  
ASP CA   C  N S 42  
ASP C    C  N N 43  
ASP O    O  N N 44  
ASP CB   C  N N 45  
ASP CG   C  N N 46  
ASP OD1  O  N N 47  
ASP OD2  O  N N 48  
ASP OXT  O  N N 49  
ASP H    H  N N 50  
ASP H2   H  N N 51  
ASP HA   H  N N 52  
ASP HB2  H  N N 53  
ASP HB3  H  N N 54  
ASP HD2  H  N N 55  
ASP HXT  H  N N 56  
CL  CL   CL N N 57  
GLN N    N  N N 58  
GLN CA   C  N S 59  
GLN C    C  N N 60  
GLN O    O  N N 61  
GLN CB   C  N N 62  
GLN CG   C  N N 63  
GLN CD   C  N N 64  
GLN OE1  O  N N 65  
GLN NE2  N  N N 66  
GLN OXT  O  N N 67  
GLN H    H  N N 68  
GLN H2   H  N N 69  
GLN HA   H  N N 70  
GLN HB2  H  N N 71  
GLN HB3  H  N N 72  
GLN HG2  H  N N 73  
GLN HG3  H  N N 74  
GLN HE21 H  N N 75  
GLN HE22 H  N N 76  
GLN HXT  H  N N 77  
GLU N    N  N N 78  
GLU CA   C  N S 79  
GLU C    C  N N 80  
GLU O    O  N N 81  
GLU CB   C  N N 82  
GLU CG   C  N N 83  
GLU CD   C  N N 84  
GLU OE1  O  N N 85  
GLU OE2  O  N N 86  
GLU OXT  O  N N 87  
GLU H    H  N N 88  
GLU H2   H  N N 89  
GLU HA   H  N N 90  
GLU HB2  H  N N 91  
GLU HB3  H  N N 92  
GLU HG2  H  N N 93  
GLU HG3  H  N N 94  
GLU HE2  H  N N 95  
GLU HXT  H  N N 96  
GLY N    N  N N 97  
GLY CA   C  N N 98  
GLY C    C  N N 99  
GLY O    O  N N 100 
GLY OXT  O  N N 101 
GLY H    H  N N 102 
GLY H2   H  N N 103 
GLY HA2  H  N N 104 
GLY HA3  H  N N 105 
GLY HXT  H  N N 106 
HIS N    N  N N 107 
HIS CA   C  N S 108 
HIS C    C  N N 109 
HIS O    O  N N 110 
HIS CB   C  N N 111 
HIS CG   C  Y N 112 
HIS ND1  N  Y N 113 
HIS CD2  C  Y N 114 
HIS CE1  C  Y N 115 
HIS NE2  N  Y N 116 
HIS OXT  O  N N 117 
HIS H    H  N N 118 
HIS H2   H  N N 119 
HIS HA   H  N N 120 
HIS HB2  H  N N 121 
HIS HB3  H  N N 122 
HIS HD1  H  N N 123 
HIS HD2  H  N N 124 
HIS HE1  H  N N 125 
HIS HE2  H  N N 126 
HIS HXT  H  N N 127 
HOH O    O  N N 128 
HOH H1   H  N N 129 
HOH H2   H  N N 130 
ILE N    N  N N 131 
ILE CA   C  N S 132 
ILE C    C  N N 133 
ILE O    O  N N 134 
ILE CB   C  N S 135 
ILE CG1  C  N N 136 
ILE CG2  C  N N 137 
ILE CD1  C  N N 138 
ILE OXT  O  N N 139 
ILE H    H  N N 140 
ILE H2   H  N N 141 
ILE HA   H  N N 142 
ILE HB   H  N N 143 
ILE HG12 H  N N 144 
ILE HG13 H  N N 145 
ILE HG21 H  N N 146 
ILE HG22 H  N N 147 
ILE HG23 H  N N 148 
ILE HD11 H  N N 149 
ILE HD12 H  N N 150 
ILE HD13 H  N N 151 
ILE HXT  H  N N 152 
LEU N    N  N N 153 
LEU CA   C  N S 154 
LEU C    C  N N 155 
LEU O    O  N N 156 
LEU CB   C  N N 157 
LEU CG   C  N N 158 
LEU CD1  C  N N 159 
LEU CD2  C  N N 160 
LEU OXT  O  N N 161 
LEU H    H  N N 162 
LEU H2   H  N N 163 
LEU HA   H  N N 164 
LEU HB2  H  N N 165 
LEU HB3  H  N N 166 
LEU HG   H  N N 167 
LEU HD11 H  N N 168 
LEU HD12 H  N N 169 
LEU HD13 H  N N 170 
LEU HD21 H  N N 171 
LEU HD22 H  N N 172 
LEU HD23 H  N N 173 
LEU HXT  H  N N 174 
LYS N    N  N N 175 
LYS CA   C  N S 176 
LYS C    C  N N 177 
LYS O    O  N N 178 
LYS CB   C  N N 179 
LYS CG   C  N N 180 
LYS CD   C  N N 181 
LYS CE   C  N N 182 
LYS NZ   N  N N 183 
LYS OXT  O  N N 184 
LYS H    H  N N 185 
LYS H2   H  N N 186 
LYS HA   H  N N 187 
LYS HB2  H  N N 188 
LYS HB3  H  N N 189 
LYS HG2  H  N N 190 
LYS HG3  H  N N 191 
LYS HD2  H  N N 192 
LYS HD3  H  N N 193 
LYS HE2  H  N N 194 
LYS HE3  H  N N 195 
LYS HZ1  H  N N 196 
LYS HZ2  H  N N 197 
LYS HZ3  H  N N 198 
LYS HXT  H  N N 199 
MET N    N  N N 200 
MET CA   C  N S 201 
MET C    C  N N 202 
MET O    O  N N 203 
MET CB   C  N N 204 
MET CG   C  N N 205 
MET SD   S  N N 206 
MET CE   C  N N 207 
MET OXT  O  N N 208 
MET H    H  N N 209 
MET H2   H  N N 210 
MET HA   H  N N 211 
MET HB2  H  N N 212 
MET HB3  H  N N 213 
MET HG2  H  N N 214 
MET HG3  H  N N 215 
MET HE1  H  N N 216 
MET HE2  H  N N 217 
MET HE3  H  N N 218 
MET HXT  H  N N 219 
PHE N    N  N N 220 
PHE CA   C  N S 221 
PHE C    C  N N 222 
PHE O    O  N N 223 
PHE CB   C  N N 224 
PHE CG   C  Y N 225 
PHE CD1  C  Y N 226 
PHE CD2  C  Y N 227 
PHE CE1  C  Y N 228 
PHE CE2  C  Y N 229 
PHE CZ   C  Y N 230 
PHE OXT  O  N N 231 
PHE H    H  N N 232 
PHE H2   H  N N 233 
PHE HA   H  N N 234 
PHE HB2  H  N N 235 
PHE HB3  H  N N 236 
PHE HD1  H  N N 237 
PHE HD2  H  N N 238 
PHE HE1  H  N N 239 
PHE HE2  H  N N 240 
PHE HZ   H  N N 241 
PHE HXT  H  N N 242 
PRO N    N  N N 243 
PRO CA   C  N S 244 
PRO C    C  N N 245 
PRO O    O  N N 246 
PRO CB   C  N N 247 
PRO CG   C  N N 248 
PRO CD   C  N N 249 
PRO OXT  O  N N 250 
PRO H    H  N N 251 
PRO HA   H  N N 252 
PRO HB2  H  N N 253 
PRO HB3  H  N N 254 
PRO HG2  H  N N 255 
PRO HG3  H  N N 256 
PRO HD2  H  N N 257 
PRO HD3  H  N N 258 
PRO HXT  H  N N 259 
SO4 S    S  N N 260 
SO4 O1   O  N N 261 
SO4 O2   O  N N 262 
SO4 O3   O  N N 263 
SO4 O4   O  N N 264 
THR N    N  N N 265 
THR CA   C  N S 266 
THR C    C  N N 267 
THR O    O  N N 268 
THR CB   C  N R 269 
THR OG1  O  N N 270 
THR CG2  C  N N 271 
THR OXT  O  N N 272 
THR H    H  N N 273 
THR H2   H  N N 274 
THR HA   H  N N 275 
THR HB   H  N N 276 
THR HG1  H  N N 277 
THR HG21 H  N N 278 
THR HG22 H  N N 279 
THR HG23 H  N N 280 
THR HXT  H  N N 281 
TYR N    N  N N 282 
TYR CA   C  N S 283 
TYR C    C  N N 284 
TYR O    O  N N 285 
TYR CB   C  N N 286 
TYR CG   C  Y N 287 
TYR CD1  C  Y N 288 
TYR CD2  C  Y N 289 
TYR CE1  C  Y N 290 
TYR CE2  C  Y N 291 
TYR CZ   C  Y N 292 
TYR OH   O  N N 293 
TYR OXT  O  N N 294 
TYR H    H  N N 295 
TYR H2   H  N N 296 
TYR HA   H  N N 297 
TYR HB2  H  N N 298 
TYR HB3  H  N N 299 
TYR HD1  H  N N 300 
TYR HD2  H  N N 301 
TYR HE1  H  N N 302 
TYR HE2  H  N N 303 
TYR HH   H  N N 304 
TYR HXT  H  N N 305 
VAL N    N  N N 306 
VAL CA   C  N S 307 
VAL C    C  N N 308 
VAL O    O  N N 309 
VAL CB   C  N N 310 
VAL CG1  C  N N 311 
VAL CG2  C  N N 312 
VAL OXT  O  N N 313 
VAL H    H  N N 314 
VAL H2   H  N N 315 
VAL HA   H  N N 316 
VAL HB   H  N N 317 
VAL HG11 H  N N 318 
VAL HG12 H  N N 319 
VAL HG13 H  N N 320 
VAL HG21 H  N N 321 
VAL HG22 H  N N 322 
VAL HG23 H  N N 323 
VAL HXT  H  N N 324 
# 
loop_
_chem_comp_bond.comp_id 
_chem_comp_bond.atom_id_1 
_chem_comp_bond.atom_id_2 
_chem_comp_bond.value_order 
_chem_comp_bond.pdbx_aromatic_flag 
_chem_comp_bond.pdbx_stereo_config 
_chem_comp_bond.pdbx_ordinal 
ALA N   CA   sing N N 1   
ALA N   H    sing N N 2   
ALA N   H2   sing N N 3   
ALA CA  C    sing N N 4   
ALA CA  CB   sing N N 5   
ALA CA  HA   sing N N 6   
ALA C   O    doub N N 7   
ALA C   OXT  sing N N 8   
ALA CB  HB1  sing N N 9   
ALA CB  HB2  sing N N 10  
ALA CB  HB3  sing N N 11  
ALA OXT HXT  sing N N 12  
ARG N   CA   sing N N 13  
ARG N   H    sing N N 14  
ARG N   H2   sing N N 15  
ARG CA  C    sing N N 16  
ARG CA  CB   sing N N 17  
ARG CA  HA   sing N N 18  
ARG C   O    doub N N 19  
ARG C   OXT  sing N N 20  
ARG CB  CG   sing N N 21  
ARG CB  HB2  sing N N 22  
ARG CB  HB3  sing N N 23  
ARG CG  CD   sing N N 24  
ARG CG  HG2  sing N N 25  
ARG CG  HG3  sing N N 26  
ARG CD  NE   sing N N 27  
ARG CD  HD2  sing N N 28  
ARG CD  HD3  sing N N 29  
ARG NE  CZ   sing N N 30  
ARG NE  HE   sing N N 31  
ARG CZ  NH1  sing N N 32  
ARG CZ  NH2  doub N N 33  
ARG NH1 HH11 sing N N 34  
ARG NH1 HH12 sing N N 35  
ARG NH2 HH21 sing N N 36  
ARG NH2 HH22 sing N N 37  
ARG OXT HXT  sing N N 38  
ASP N   CA   sing N N 39  
ASP N   H    sing N N 40  
ASP N   H2   sing N N 41  
ASP CA  C    sing N N 42  
ASP CA  CB   sing N N 43  
ASP CA  HA   sing N N 44  
ASP C   O    doub N N 45  
ASP C   OXT  sing N N 46  
ASP CB  CG   sing N N 47  
ASP CB  HB2  sing N N 48  
ASP CB  HB3  sing N N 49  
ASP CG  OD1  doub N N 50  
ASP CG  OD2  sing N N 51  
ASP OD2 HD2  sing N N 52  
ASP OXT HXT  sing N N 53  
GLN N   CA   sing N N 54  
GLN N   H    sing N N 55  
GLN N   H2   sing N N 56  
GLN CA  C    sing N N 57  
GLN CA  CB   sing N N 58  
GLN CA  HA   sing N N 59  
GLN C   O    doub N N 60  
GLN C   OXT  sing N N 61  
GLN CB  CG   sing N N 62  
GLN CB  HB2  sing N N 63  
GLN CB  HB3  sing N N 64  
GLN CG  CD   sing N N 65  
GLN CG  HG2  sing N N 66  
GLN CG  HG3  sing N N 67  
GLN CD  OE1  doub N N 68  
GLN CD  NE2  sing N N 69  
GLN NE2 HE21 sing N N 70  
GLN NE2 HE22 sing N N 71  
GLN OXT HXT  sing N N 72  
GLU N   CA   sing N N 73  
GLU N   H    sing N N 74  
GLU N   H2   sing N N 75  
GLU CA  C    sing N N 76  
GLU CA  CB   sing N N 77  
GLU CA  HA   sing N N 78  
GLU C   O    doub N N 79  
GLU C   OXT  sing N N 80  
GLU CB  CG   sing N N 81  
GLU CB  HB2  sing N N 82  
GLU CB  HB3  sing N N 83  
GLU CG  CD   sing N N 84  
GLU CG  HG2  sing N N 85  
GLU CG  HG3  sing N N 86  
GLU CD  OE1  doub N N 87  
GLU CD  OE2  sing N N 88  
GLU OE2 HE2  sing N N 89  
GLU OXT HXT  sing N N 90  
GLY N   CA   sing N N 91  
GLY N   H    sing N N 92  
GLY N   H2   sing N N 93  
GLY CA  C    sing N N 94  
GLY CA  HA2  sing N N 95  
GLY CA  HA3  sing N N 96  
GLY C   O    doub N N 97  
GLY C   OXT  sing N N 98  
GLY OXT HXT  sing N N 99  
HIS N   CA   sing N N 100 
HIS N   H    sing N N 101 
HIS N   H2   sing N N 102 
HIS CA  C    sing N N 103 
HIS CA  CB   sing N N 104 
HIS CA  HA   sing N N 105 
HIS C   O    doub N N 106 
HIS C   OXT  sing N N 107 
HIS CB  CG   sing N N 108 
HIS CB  HB2  sing N N 109 
HIS CB  HB3  sing N N 110 
HIS CG  ND1  sing Y N 111 
HIS CG  CD2  doub Y N 112 
HIS ND1 CE1  doub Y N 113 
HIS ND1 HD1  sing N N 114 
HIS CD2 NE2  sing Y N 115 
HIS CD2 HD2  sing N N 116 
HIS CE1 NE2  sing Y N 117 
HIS CE1 HE1  sing N N 118 
HIS NE2 HE2  sing N N 119 
HIS OXT HXT  sing N N 120 
HOH O   H1   sing N N 121 
HOH O   H2   sing N N 122 
ILE N   CA   sing N N 123 
ILE N   H    sing N N 124 
ILE N   H2   sing N N 125 
ILE CA  C    sing N N 126 
ILE CA  CB   sing N N 127 
ILE CA  HA   sing N N 128 
ILE C   O    doub N N 129 
ILE C   OXT  sing N N 130 
ILE CB  CG1  sing N N 131 
ILE CB  CG2  sing N N 132 
ILE CB  HB   sing N N 133 
ILE CG1 CD1  sing N N 134 
ILE CG1 HG12 sing N N 135 
ILE CG1 HG13 sing N N 136 
ILE CG2 HG21 sing N N 137 
ILE CG2 HG22 sing N N 138 
ILE CG2 HG23 sing N N 139 
ILE CD1 HD11 sing N N 140 
ILE CD1 HD12 sing N N 141 
ILE CD1 HD13 sing N N 142 
ILE OXT HXT  sing N N 143 
LEU N   CA   sing N N 144 
LEU N   H    sing N N 145 
LEU N   H2   sing N N 146 
LEU CA  C    sing N N 147 
LEU CA  CB   sing N N 148 
LEU CA  HA   sing N N 149 
LEU C   O    doub N N 150 
LEU C   OXT  sing N N 151 
LEU CB  CG   sing N N 152 
LEU CB  HB2  sing N N 153 
LEU CB  HB3  sing N N 154 
LEU CG  CD1  sing N N 155 
LEU CG  CD2  sing N N 156 
LEU CG  HG   sing N N 157 
LEU CD1 HD11 sing N N 158 
LEU CD1 HD12 sing N N 159 
LEU CD1 HD13 sing N N 160 
LEU CD2 HD21 sing N N 161 
LEU CD2 HD22 sing N N 162 
LEU CD2 HD23 sing N N 163 
LEU OXT HXT  sing N N 164 
LYS N   CA   sing N N 165 
LYS N   H    sing N N 166 
LYS N   H2   sing N N 167 
LYS CA  C    sing N N 168 
LYS CA  CB   sing N N 169 
LYS CA  HA   sing N N 170 
LYS C   O    doub N N 171 
LYS C   OXT  sing N N 172 
LYS CB  CG   sing N N 173 
LYS CB  HB2  sing N N 174 
LYS CB  HB3  sing N N 175 
LYS CG  CD   sing N N 176 
LYS CG  HG2  sing N N 177 
LYS CG  HG3  sing N N 178 
LYS CD  CE   sing N N 179 
LYS CD  HD2  sing N N 180 
LYS CD  HD3  sing N N 181 
LYS CE  NZ   sing N N 182 
LYS CE  HE2  sing N N 183 
LYS CE  HE3  sing N N 184 
LYS NZ  HZ1  sing N N 185 
LYS NZ  HZ2  sing N N 186 
LYS NZ  HZ3  sing N N 187 
LYS OXT HXT  sing N N 188 
MET N   CA   sing N N 189 
MET N   H    sing N N 190 
MET N   H2   sing N N 191 
MET CA  C    sing N N 192 
MET CA  CB   sing N N 193 
MET CA  HA   sing N N 194 
MET C   O    doub N N 195 
MET C   OXT  sing N N 196 
MET CB  CG   sing N N 197 
MET CB  HB2  sing N N 198 
MET CB  HB3  sing N N 199 
MET CG  SD   sing N N 200 
MET CG  HG2  sing N N 201 
MET CG  HG3  sing N N 202 
MET SD  CE   sing N N 203 
MET CE  HE1  sing N N 204 
MET CE  HE2  sing N N 205 
MET CE  HE3  sing N N 206 
MET OXT HXT  sing N N 207 
PHE N   CA   sing N N 208 
PHE N   H    sing N N 209 
PHE N   H2   sing N N 210 
PHE CA  C    sing N N 211 
PHE CA  CB   sing N N 212 
PHE CA  HA   sing N N 213 
PHE C   O    doub N N 214 
PHE C   OXT  sing N N 215 
PHE CB  CG   sing N N 216 
PHE CB  HB2  sing N N 217 
PHE CB  HB3  sing N N 218 
PHE CG  CD1  doub Y N 219 
PHE CG  CD2  sing Y N 220 
PHE CD1 CE1  sing Y N 221 
PHE CD1 HD1  sing N N 222 
PHE CD2 CE2  doub Y N 223 
PHE CD2 HD2  sing N N 224 
PHE CE1 CZ   doub Y N 225 
PHE CE1 HE1  sing N N 226 
PHE CE2 CZ   sing Y N 227 
PHE CE2 HE2  sing N N 228 
PHE CZ  HZ   sing N N 229 
PHE OXT HXT  sing N N 230 
PRO N   CA   sing N N 231 
PRO N   CD   sing N N 232 
PRO N   H    sing N N 233 
PRO CA  C    sing N N 234 
PRO CA  CB   sing N N 235 
PRO CA  HA   sing N N 236 
PRO C   O    doub N N 237 
PRO C   OXT  sing N N 238 
PRO CB  CG   sing N N 239 
PRO CB  HB2  sing N N 240 
PRO CB  HB3  sing N N 241 
PRO CG  CD   sing N N 242 
PRO CG  HG2  sing N N 243 
PRO CG  HG3  sing N N 244 
PRO CD  HD2  sing N N 245 
PRO CD  HD3  sing N N 246 
PRO OXT HXT  sing N N 247 
SO4 S   O1   doub N N 248 
SO4 S   O2   doub N N 249 
SO4 S   O3   sing N N 250 
SO4 S   O4   sing N N 251 
THR N   CA   sing N N 252 
THR N   H    sing N N 253 
THR N   H2   sing N N 254 
THR CA  C    sing N N 255 
THR CA  CB   sing N N 256 
THR CA  HA   sing N N 257 
THR C   O    doub N N 258 
THR C   OXT  sing N N 259 
THR CB  OG1  sing N N 260 
THR CB  CG2  sing N N 261 
THR CB  HB   sing N N 262 
THR OG1 HG1  sing N N 263 
THR CG2 HG21 sing N N 264 
THR CG2 HG22 sing N N 265 
THR CG2 HG23 sing N N 266 
THR OXT HXT  sing N N 267 
TYR N   CA   sing N N 268 
TYR N   H    sing N N 269 
TYR N   H2   sing N N 270 
TYR CA  C    sing N N 271 
TYR CA  CB   sing N N 272 
TYR CA  HA   sing N N 273 
TYR C   O    doub N N 274 
TYR C   OXT  sing N N 275 
TYR CB  CG   sing N N 276 
TYR CB  HB2  sing N N 277 
TYR CB  HB3  sing N N 278 
TYR CG  CD1  doub Y N 279 
TYR CG  CD2  sing Y N 280 
TYR CD1 CE1  sing Y N 281 
TYR CD1 HD1  sing N N 282 
TYR CD2 CE2  doub Y N 283 
TYR CD2 HD2  sing N N 284 
TYR CE1 CZ   doub Y N 285 
TYR CE1 HE1  sing N N 286 
TYR CE2 CZ   sing Y N 287 
TYR CE2 HE2  sing N N 288 
TYR CZ  OH   sing N N 289 
TYR OH  HH   sing N N 290 
TYR OXT HXT  sing N N 291 
VAL N   CA   sing N N 292 
VAL N   H    sing N N 293 
VAL N   H2   sing N N 294 
VAL CA  C    sing N N 295 
VAL CA  CB   sing N N 296 
VAL CA  HA   sing N N 297 
VAL C   O    doub N N 298 
VAL C   OXT  sing N N 299 
VAL CB  CG1  sing N N 300 
VAL CB  CG2  sing N N 301 
VAL CB  HB   sing N N 302 
VAL CG1 HG11 sing N N 303 
VAL CG1 HG12 sing N N 304 
VAL CG1 HG13 sing N N 305 
VAL CG2 HG21 sing N N 306 
VAL CG2 HG22 sing N N 307 
VAL CG2 HG23 sing N N 308 
VAL OXT HXT  sing N N 309 
# 
loop_
_pdbx_entity_nonpoly.entity_id 
_pdbx_entity_nonpoly.name 
_pdbx_entity_nonpoly.comp_id 
2 'SULFATE ION'  SO4 
3 'CHLORIDE ION' CL  
4 water          HOH 
# 
_pdbx_initial_refinement_model.id               1 
_pdbx_initial_refinement_model.entity_id_list   ? 
_pdbx_initial_refinement_model.type             'experimental model' 
_pdbx_initial_refinement_model.source_name      PDB 
_pdbx_initial_refinement_model.accession_code   2GW8 
_pdbx_initial_refinement_model.details          'PDB ENTRY 2GW8' 
# 
